data_7LHI
#
_entry.id   7LHI
#
loop_
_entity.id
_entity.type
_entity.pdbx_description
1 polymer 'P fimbrial usher protein PapC'
2 polymer 'P fimbria tip G-adhesin PapG-II'
3 polymer 'Fimbrial protein'
4 polymer 'Chaperone protein PapD'
5 polymer 'Fimbrial adapter PapK'
#
loop_
_entity_poly.entity_id
_entity_poly.type
_entity_poly.pdbx_seq_one_letter_code
_entity_poly.pdbx_strand_id
1 'polypeptide(L)'
;VEFNTDVLDAADKKNIDFTRFSEAGYVLPGQYLLDVIVNGQSISPASLQISFVEPQSSGDKAEKKLPQACLTSDMVRLMG
LTAESLDKVVYWHDGQCADFHGLPGVDIRPDTGAGVLRINMPQARLEYSDATWLPPSRWDDGIPGLMLDYNLNGTVSRNY
QGGDSHQFSYNGTVGGNLGPWRLRADYQGSQEQSRYNGEKTTNRNFTWSRFYLFRAIPRWRANLTLGENNINSDIFRSWS
YTGASLESDDRMLPPRLRGYAPQITGIAETNARVVVSQQGRVLYDSMVPAGPFSIQDLDSSVRGRLDVEVIEQNGRKKTF
QVDTASVPYLTRPGQVRYKLVSGRSRGYGHETEGPVFATGEASWGLSNQWSLYGGAVLAGDYNALAAGAGWDLGVPGTLS
ADITQSVARIEGERTFQGKSWRLSYSKRFDNADADITFAGYRFSERNYMTMEQYLNARYRNDYSSREKEMYTVTLNKNVA
DWNTSFNLQYSRQTYWDIRKTDYYTVSVNRYFNVFGLQGVAVGLSASRSKYLGRDNDSAYLRISVPLGTGTASYSGSMSN
DRYVNMAGYTDTFNDGLDSYSLNAGLNSGGGLTSQRQINAYYSHRSPLANLSANIASLQKGYTSFGVSASGGATITGKDA
ALHAGGMSGGTRLLVDTDGVGGVPVDGGQVVTNRWGTGVVTDISSYYRNTTSVDLKRLPDDVEATRSVVESALTEGAIGY
RKFSVLKGKRLFAILRLADGSQPPFGASVTSEKGRELGMVADEGLAWLSGVTPGETLSVNWDGKIQCQVNVPETAISDQQ
LLLPCTPQK
;
C
2 'polypeptide(L)'
;MKKWFPALLFSLCVSGESSAWNNIVFYSLGDVNSYQGGNVVITQRPQFITSWRPGIATVTWNQCNGPGFADGFWAYYREY
IAWVVFPKKVMTQNGYPLFIEVHNKGSWSEENTGDNDSYFFLKGYKWDERAFDAGNLCQKPGETTRLTEKFDDIIFKVAL
PADLPLGDYSVKIPYTSGMQRHFASYLGARFKIPYNVAKTLPRENEMLFLFKNIGGCRPSAQSLEIKHGDLSINSANNHY
AAQTLSVSCDVPANIRFMLLRNTTPTYSHGKKFSVGLGHGWDSIVSVNGVDTGETTMRWYKAGTQNLTIGSRLYGESSKI
QPGVLSGSATLLMILP
;
G
3 'polypeptide(L)'
;MIRLSLFISLLLTSVTVLADVQINIRGHVYIPPCTINNGQNIVVDFGNINPEHVDNSRGEVTKTISISCPYKSGSLWIKV
TGNTMGGGQNNVLATNITHFGIALYQGKGMSTPLTLGNGSGNGYRVTAGLDTARSTFTFTSVPFRNGSGILNGGDFRTTA
SMSMIYN
;
F
4 'polypeptide(L)'
;AVSLDRTRAVFDGSEKSMTLDISNDNKQLPYLAQAWIENENQEKIITGPVIATPPVQRLEPGAKSMVRLSTTPDISKLPQ
DRESLFYFNLREIPPRSEKANVLQIALQTKIKLFYRPAAIKTRPNEVWQDQLILNKVSGGYRIENPTPYYVTVIGLGGSE
KQAEEGEFETVMLSPRSEQTVKSANYNTPYLSYINDYGGRPVLSFICNGSRCSVKKEK
;
D
5 'polypeptide(L)'
;MIKSTGALLLFAALSAGQAIASDVAFRGNLLDRPCHVSGDSLNKHVVFKTRASRDFWYPPGRSPTESFVIRLENCHATAV
GKIVTLTFKGTEEAALPGHLKVTGVNAGRLGIALLDTDGSSLLKPGTSHNKGQGEKVTGNSLELPFGAYVVATPEALRTK
SVVPGDYEATATFELTYR
;
K
#
# COMPACT_ATOMS: atom_id res chain seq x y z
N VAL A 1 44.07 13.29 -24.73
CA VAL A 1 44.19 14.22 -25.83
C VAL A 1 44.72 15.56 -25.26
N GLU A 2 45.41 16.36 -26.08
CA GLU A 2 45.95 17.65 -25.64
C GLU A 2 45.17 18.83 -26.23
N PHE A 3 45.15 19.94 -25.52
CA PHE A 3 44.44 21.11 -26.01
C PHE A 3 45.28 22.40 -26.08
N ASN A 4 44.65 23.44 -26.63
CA ASN A 4 45.21 24.78 -26.81
C ASN A 4 45.22 25.66 -25.55
N THR A 5 46.41 25.92 -25.00
CA THR A 5 46.50 26.73 -23.80
C THR A 5 46.51 28.24 -24.08
N ASP A 6 46.89 28.64 -25.30
CA ASP A 6 47.02 30.03 -25.70
C ASP A 6 45.76 30.77 -26.18
N VAL A 7 44.57 30.31 -25.78
CA VAL A 7 43.34 30.96 -26.23
C VAL A 7 43.09 32.27 -25.45
N LEU A 8 43.58 32.35 -24.20
CA LEU A 8 43.49 33.51 -23.30
C LEU A 8 42.11 34.15 -23.03
N ASP A 9 41.26 33.38 -22.33
CA ASP A 9 39.91 33.82 -21.94
C ASP A 9 39.91 35.04 -21.02
N ALA A 10 40.83 35.08 -20.07
CA ALA A 10 40.98 36.20 -19.15
C ALA A 10 42.37 36.76 -19.39
N ALA A 11 42.46 38.08 -19.60
CA ALA A 11 43.74 38.74 -19.82
C ALA A 11 44.57 38.74 -18.54
N ASP A 12 43.91 38.91 -17.39
CA ASP A 12 44.59 38.83 -16.12
C ASP A 12 44.67 37.34 -15.80
N LYS A 13 45.65 36.95 -15.01
CA LYS A 13 45.78 35.53 -14.66
C LYS A 13 44.73 35.09 -13.63
N LYS A 14 43.87 34.14 -14.02
CA LYS A 14 42.84 33.62 -13.11
C LYS A 14 43.45 32.66 -12.09
N ASN A 15 44.66 32.15 -12.39
CA ASN A 15 45.54 31.24 -11.62
C ASN A 15 44.91 30.03 -10.91
N ILE A 16 44.26 29.19 -11.71
CA ILE A 16 43.67 27.96 -11.20
C ILE A 16 44.35 26.80 -11.93
N ASP A 17 45.46 27.11 -12.64
CA ASP A 17 46.36 26.22 -13.44
C ASP A 17 45.63 25.22 -14.35
N PHE A 18 44.94 25.75 -15.35
CA PHE A 18 44.07 25.06 -16.28
C PHE A 18 44.65 24.11 -17.34
N THR A 19 45.91 23.69 -17.22
CA THR A 19 46.51 22.84 -18.25
C THR A 19 46.81 21.38 -17.87
N ARG A 20 46.82 21.02 -16.59
CA ARG A 20 47.19 19.65 -16.19
C ARG A 20 46.16 18.52 -16.35
N PHE A 21 44.87 18.84 -16.35
CA PHE A 21 43.78 17.86 -16.39
C PHE A 21 43.34 17.37 -17.77
N SER A 22 44.21 17.46 -18.79
CA SER A 22 43.92 17.10 -20.18
C SER A 22 43.52 15.64 -20.49
N GLU A 23 43.78 14.70 -19.59
CA GLU A 23 43.42 13.31 -19.87
C GLU A 23 42.30 12.78 -18.96
N ALA A 24 40.56 13.54 -14.34
CA ALA A 24 40.06 12.66 -13.28
C ALA A 24 38.63 12.96 -12.85
N GLY A 25 37.96 13.81 -13.61
CA GLY A 25 36.59 14.21 -13.29
C GLY A 25 36.53 15.28 -12.23
N TYR A 26 37.41 16.28 -12.30
CA TYR A 26 37.47 17.37 -11.33
C TYR A 26 36.43 18.46 -11.59
N VAL A 27 35.41 18.51 -10.73
CA VAL A 27 34.45 19.59 -10.81
C VAL A 27 34.97 20.58 -9.76
N LEU A 28 35.15 21.83 -10.14
CA LEU A 28 35.69 22.79 -9.19
C LEU A 28 34.55 23.22 -8.25
N PRO A 29 34.84 23.61 -6.98
CA PRO A 29 33.78 23.90 -5.99
C PRO A 29 32.76 25.02 -6.26
N GLY A 30 31.58 24.79 -5.66
CA GLY A 30 30.38 25.61 -5.69
C GLY A 30 29.31 24.81 -4.96
N GLN A 31 28.03 24.96 -5.31
CA GLN A 31 26.95 24.22 -4.67
C GLN A 31 25.94 23.59 -5.64
N TYR A 32 25.30 22.49 -5.23
CA TYR A 32 24.29 21.80 -6.05
C TYR A 32 23.00 21.38 -5.32
N LEU A 33 21.95 21.06 -6.11
CA LEU A 33 20.68 20.65 -5.50
C LEU A 33 20.16 19.25 -5.87
N LEU A 34 21.06 18.31 -6.14
CA LEU A 34 20.64 16.95 -6.47
C LEU A 34 20.24 16.13 -5.22
N ASP A 35 19.64 14.97 -5.46
CA ASP A 35 19.21 14.07 -4.39
C ASP A 35 20.25 12.98 -4.16
N VAL A 36 19.97 12.02 -3.28
CA VAL A 36 20.93 10.97 -2.95
C VAL A 36 20.45 9.53 -3.12
N ILE A 37 21.22 8.73 -3.87
CA ILE A 37 20.89 7.32 -4.13
C ILE A 37 22.00 6.37 -3.66
N VAL A 38 21.58 5.19 -3.20
CA VAL A 38 22.50 4.12 -2.81
C VAL A 38 22.03 2.86 -3.54
N ASN A 39 22.96 2.25 -4.32
CA ASN A 39 22.81 1.06 -5.19
C ASN A 39 21.59 1.03 -6.14
N GLY A 40 21.19 2.20 -6.64
CA GLY A 40 20.09 2.32 -7.58
C GLY A 40 18.79 2.92 -7.06
N GLN A 41 18.49 2.78 -5.76
CA GLN A 41 17.25 3.33 -5.21
C GLN A 41 17.48 4.64 -4.46
N SER A 42 16.44 5.48 -4.41
CA SER A 42 16.54 6.77 -3.75
C SER A 42 16.27 6.74 -2.25
N ILE A 43 16.62 7.83 -1.55
CA ILE A 43 16.46 7.96 -0.10
C ILE A 43 15.61 9.16 0.29
N SER A 44 16.03 10.35 -0.11
CA SER A 44 15.40 11.61 0.21
C SER A 44 15.18 12.45 -1.03
N PRO A 45 14.20 13.38 -1.02
CA PRO A 45 13.96 14.23 -2.21
C PRO A 45 15.07 15.25 -2.46
N ALA A 46 15.09 15.77 -3.68
CA ALA A 46 16.10 16.74 -4.12
C ALA A 46 15.93 18.12 -3.52
N SER A 47 16.21 18.26 -2.23
CA SER A 47 16.13 19.53 -1.54
C SER A 47 17.37 19.73 -0.69
N LEU A 48 18.12 18.65 -0.41
CA LEU A 48 19.33 18.74 0.40
C LEU A 48 20.53 19.17 -0.43
N GLN A 49 21.40 19.97 0.17
CA GLN A 49 22.62 20.45 -0.49
C GLN A 49 23.92 20.13 0.26
N ILE A 50 24.63 19.10 -0.22
CA ILE A 50 25.91 18.69 0.34
C ILE A 50 27.01 19.35 -0.49
N SER A 51 27.94 20.04 0.16
CA SER A 51 28.97 20.73 -0.59
C SER A 51 30.21 19.87 -0.83
N PHE A 52 31.22 20.46 -1.46
CA PHE A 52 32.47 19.80 -1.76
C PHE A 52 33.61 20.82 -1.82
N VAL A 53 34.64 20.59 -1.00
CA VAL A 53 35.79 21.47 -0.90
C VAL A 53 36.93 20.56 -1.38
N GLU A 54 38.02 21.15 -1.87
CA GLU A 54 39.19 20.47 -2.40
C GLU A 54 40.20 20.06 -1.34
N PRO A 55 40.79 18.85 -1.41
CA PRO A 55 41.77 18.40 -0.39
C PRO A 55 43.15 19.03 -0.43
N GLN A 56 43.24 20.23 0.18
CA GLN A 56 44.52 20.94 0.26
C GLN A 56 45.46 20.33 1.30
N SER A 57 44.92 19.55 2.24
CA SER A 57 45.70 18.89 3.30
C SER A 57 46.61 17.78 2.78
N SER A 58 46.29 17.20 1.63
CA SER A 58 47.10 16.13 1.04
C SER A 58 48.37 16.70 0.42
N GLY A 59 49.47 16.60 1.16
CA GLY A 59 50.75 17.09 0.69
C GLY A 59 51.53 16.07 -0.10
N ASP A 60 51.58 16.21 -1.42
CA ASP A 60 52.30 15.31 -2.29
C ASP A 60 53.19 16.06 -3.27
N LYS A 61 53.84 15.33 -4.18
CA LYS A 61 54.72 15.91 -5.18
C LYS A 61 54.03 16.01 -6.54
N ALA A 62 52.97 15.23 -6.75
CA ALA A 62 52.25 15.25 -8.02
C ALA A 62 51.19 16.35 -8.08
N GLU A 63 50.88 16.96 -6.91
CA GLU A 63 49.89 18.05 -6.67
C GLU A 63 48.50 17.85 -7.30
N LYS A 64 47.95 16.65 -7.16
CA LYS A 64 46.64 16.34 -7.71
C LYS A 64 45.60 16.19 -6.61
N LYS A 65 44.44 16.84 -6.81
CA LYS A 65 43.35 16.81 -5.85
C LYS A 65 42.11 16.18 -6.47
N LEU A 66 41.27 15.57 -5.64
CA LEU A 66 40.03 14.95 -6.10
C LEU A 66 38.87 15.47 -5.27
N PRO A 67 37.88 16.14 -5.88
CA PRO A 67 36.79 16.71 -5.09
C PRO A 67 35.74 15.69 -4.68
N GLN A 68 35.74 15.34 -3.40
CA GLN A 68 34.74 14.43 -2.89
C GLN A 68 33.74 15.30 -2.14
N ALA A 69 32.50 14.82 -2.04
CA ALA A 69 31.47 15.59 -1.36
C ALA A 69 31.69 15.51 0.15
N CYS A 70 31.96 16.67 0.76
CA CYS A 70 32.19 16.73 2.21
C CYS A 70 30.86 16.58 2.94
N LEU A 71 30.51 15.33 3.19
CA LEU A 71 29.28 14.98 3.87
C LEU A 71 29.30 15.38 5.35
N THR A 72 28.21 16.00 5.80
CA THR A 72 28.03 16.46 7.17
C THR A 72 27.39 15.31 7.97
N SER A 73 27.55 15.34 9.30
CA SER A 73 27.07 14.29 10.20
C SER A 73 25.59 13.91 10.22
N ASP A 74 24.70 14.89 10.07
CA ASP A 74 23.27 14.60 10.10
C ASP A 74 22.73 13.86 8.88
N MET A 75 23.34 14.06 7.70
CA MET A 75 22.84 13.32 6.53
C MET A 75 23.37 11.89 6.52
N VAL A 76 24.51 11.63 7.20
CA VAL A 76 25.09 10.28 7.26
C VAL A 76 24.33 9.56 8.38
N ARG A 77 23.70 10.31 9.29
CA ARG A 77 22.88 9.73 10.35
C ARG A 77 21.55 9.20 9.77
N LEU A 78 21.12 9.74 8.62
CA LEU A 78 19.89 9.30 7.96
C LEU A 78 20.15 8.55 6.65
N MET A 79 21.41 8.44 6.20
CA MET A 79 21.72 7.74 4.94
C MET A 79 21.56 6.21 5.00
N GLY A 80 21.50 5.64 6.21
CA GLY A 80 21.41 4.21 6.34
C GLY A 80 22.72 3.54 6.68
N LEU A 81 23.72 4.32 7.10
CA LEU A 81 25.01 3.74 7.46
C LEU A 81 25.01 3.42 8.96
N THR A 82 25.56 2.26 9.31
CA THR A 82 25.64 1.84 10.71
C THR A 82 26.75 2.60 11.42
N ALA A 83 26.56 2.87 12.71
CA ALA A 83 27.52 3.62 13.51
C ALA A 83 28.34 2.79 14.50
N GLU A 84 27.84 1.62 14.92
CA GLU A 84 28.60 0.83 15.89
C GLU A 84 29.70 -0.06 15.30
N SER A 85 29.61 -0.42 14.02
CA SER A 85 30.62 -1.30 13.44
C SER A 85 31.81 -0.59 12.80
N LEU A 86 31.64 0.63 12.29
CA LEU A 86 32.71 1.38 11.66
C LEU A 86 33.00 2.73 12.34
N ASP A 87 34.02 2.75 13.19
CA ASP A 87 34.42 3.96 13.90
C ASP A 87 35.49 4.77 13.17
N LYS A 88 35.23 5.10 11.90
CA LYS A 88 36.12 5.89 11.06
C LYS A 88 35.38 7.12 10.56
N VAL A 89 34.05 7.07 10.55
CA VAL A 89 33.22 8.18 10.10
C VAL A 89 33.00 9.16 11.27
N VAL A 90 33.42 8.81 12.49
CA VAL A 90 33.17 9.69 13.64
C VAL A 90 34.31 10.68 13.99
N TYR A 91 35.52 10.55 13.43
CA TYR A 91 36.58 11.51 13.81
C TYR A 91 37.03 12.62 12.85
N TRP A 92 36.24 13.02 11.85
CA TRP A 92 36.64 14.10 10.95
C TRP A 92 36.03 15.43 11.33
N HIS A 93 36.74 16.53 11.06
CA HIS A 93 36.15 17.84 11.31
C HIS A 93 35.44 18.13 9.99
N ASP A 94 34.44 19.03 10.05
CA ASP A 94 33.62 19.35 8.87
C ASP A 94 34.32 20.05 7.71
N GLY A 95 35.44 20.74 7.97
CA GLY A 95 36.15 21.44 6.91
C GLY A 95 36.95 20.54 5.98
N GLN A 96 37.44 19.41 6.46
CA GLN A 96 38.22 18.50 5.63
C GLN A 96 37.38 17.45 4.94
N CYS A 97 38.00 16.74 4.01
CA CYS A 97 37.33 15.68 3.27
C CYS A 97 37.21 14.38 4.05
N ALA A 98 35.98 13.91 4.25
CA ALA A 98 35.76 12.65 4.93
C ALA A 98 36.02 11.55 3.91
N ASP A 99 37.21 10.95 3.99
CA ASP A 99 37.63 9.94 3.03
C ASP A 99 36.85 8.63 3.02
N PHE A 100 36.86 7.96 1.87
CA PHE A 100 36.16 6.71 1.62
C PHE A 100 37.08 5.57 1.20
N HIS A 101 38.39 5.78 1.21
CA HIS A 101 39.31 4.73 0.78
C HIS A 101 39.52 3.62 1.79
N GLY A 102 39.11 3.83 3.06
CA GLY A 102 39.29 2.81 4.07
C GLY A 102 38.37 1.61 3.97
N LEU A 103 37.16 1.77 3.41
CA LEU A 103 36.35 0.56 3.31
C LEU A 103 36.48 0.05 1.87
N PRO A 104 36.52 -1.26 1.63
CA PRO A 104 36.73 -1.78 0.27
C PRO A 104 35.49 -1.88 -0.62
N GLY A 105 35.76 -1.90 -1.93
CA GLY A 105 34.77 -2.04 -2.97
C GLY A 105 33.92 -0.84 -3.32
N VAL A 106 34.28 0.36 -2.85
CA VAL A 106 33.50 1.56 -3.14
C VAL A 106 34.17 2.53 -4.14
N ASP A 107 33.57 2.68 -5.31
CA ASP A 107 34.04 3.62 -6.31
C ASP A 107 32.98 4.70 -6.40
N ILE A 108 33.38 5.96 -6.52
CA ILE A 108 32.44 7.06 -6.60
C ILE A 108 32.41 7.67 -8.00
N ARG A 109 31.20 7.94 -8.50
CA ARG A 109 30.98 8.55 -9.81
C ARG A 109 30.25 9.86 -9.56
N PRO A 110 30.96 10.96 -9.28
CA PRO A 110 30.27 12.24 -9.01
C PRO A 110 29.92 13.02 -10.28
N ASP A 111 28.84 12.59 -10.93
CA ASP A 111 28.37 13.24 -12.16
C ASP A 111 27.44 14.41 -11.87
N THR A 112 27.94 15.63 -12.05
CA THR A 112 27.12 16.82 -11.80
C THR A 112 26.17 17.13 -12.95
N GLY A 113 26.38 16.50 -14.11
CA GLY A 113 25.50 16.76 -15.24
C GLY A 113 24.15 16.10 -15.13
N ALA A 114 24.14 14.79 -14.85
CA ALA A 114 22.88 14.08 -14.68
C ALA A 114 22.38 14.21 -13.25
N GLY A 115 23.29 14.49 -12.32
CA GLY A 115 23.02 14.69 -10.92
C GLY A 115 22.47 13.53 -10.10
N VAL A 116 23.12 12.36 -10.10
CA VAL A 116 22.57 11.30 -9.26
C VAL A 116 23.59 10.61 -8.34
N LEU A 117 24.91 10.68 -8.68
CA LEU A 117 26.07 10.08 -7.97
C LEU A 117 25.95 8.63 -7.44
N ARG A 118 25.82 7.67 -8.37
CA ARG A 118 25.66 6.26 -8.02
C ARG A 118 26.85 5.60 -7.30
N ILE A 119 26.59 5.07 -6.11
CA ILE A 119 27.62 4.45 -5.26
C ILE A 119 27.28 3.03 -4.81
N ASN A 120 28.11 2.07 -5.19
CA ASN A 120 27.90 0.69 -4.78
C ASN A 120 28.74 0.38 -3.55
N MET A 121 28.22 -0.48 -2.68
CA MET A 121 28.90 -0.89 -1.46
C MET A 121 28.53 -2.36 -1.22
N PRO A 122 29.37 -3.12 -0.49
CA PRO A 122 29.08 -4.55 -0.28
C PRO A 122 27.86 -4.85 0.59
N GLN A 123 27.27 -6.02 0.32
CA GLN A 123 26.05 -6.55 0.94
C GLN A 123 26.27 -7.32 2.25
N ALA A 124 27.00 -6.73 3.19
CA ALA A 124 27.21 -7.41 4.47
C ALA A 124 26.89 -6.55 5.69
N ARG A 125 26.98 -5.23 5.61
CA ARG A 125 26.67 -4.36 6.73
C ARG A 125 25.74 -3.22 6.30
N LEU A 126 24.89 -3.45 5.30
CA LEU A 126 24.00 -2.40 4.80
C LEU A 126 22.57 -2.46 5.28
N GLU A 127 21.93 -1.30 5.24
CA GLU A 127 20.52 -1.16 5.43
C GLU A 127 20.20 -0.87 3.97
N TYR A 128 19.25 -1.62 3.40
CA TYR A 128 18.91 -1.48 1.98
C TYR A 128 18.20 -0.16 1.70
N SER A 129 17.21 0.18 2.55
CA SER A 129 16.44 1.43 2.54
C SER A 129 15.76 1.87 1.24
N ASP A 130 14.81 1.07 0.78
CA ASP A 130 14.05 1.37 -0.44
C ASP A 130 12.83 2.23 -0.11
N ALA A 131 11.87 2.28 -1.06
CA ALA A 131 10.62 3.06 -1.06
C ALA A 131 9.79 2.99 0.23
N THR A 132 9.77 1.86 0.91
CA THR A 132 9.07 1.70 2.18
C THR A 132 10.14 1.26 3.16
N TRP A 133 9.74 1.07 4.43
CA TRP A 133 10.58 0.61 5.55
C TRP A 133 11.85 1.43 5.82
N LEU A 134 11.70 2.61 6.43
CA LEU A 134 12.86 3.44 6.80
C LEU A 134 13.76 2.72 7.84
N PRO A 135 15.08 3.00 7.84
CA PRO A 135 16.00 2.32 8.79
C PRO A 135 15.78 2.73 10.24
N PRO A 136 16.17 1.87 11.21
CA PRO A 136 15.98 2.22 12.63
C PRO A 136 16.94 3.27 13.19
N SER A 137 17.95 3.72 12.43
CA SER A 137 18.91 4.71 12.91
C SER A 137 18.38 6.14 13.03
N ARG A 138 17.30 6.49 12.31
CA ARG A 138 16.72 7.84 12.37
C ARG A 138 15.26 7.80 12.85
N TRP A 139 15.04 8.12 14.13
CA TRP A 139 13.71 8.08 14.71
C TRP A 139 13.14 9.31 15.44
N ASP A 140 11.99 9.79 14.95
CA ASP A 140 11.26 10.88 15.59
C ASP A 140 10.28 10.20 16.55
N ASP A 141 10.48 10.38 17.85
CA ASP A 141 9.62 9.76 18.82
C ASP A 141 8.30 10.51 18.97
N GLY A 142 7.35 9.90 19.68
CA GLY A 142 6.06 10.51 19.89
C GLY A 142 6.09 11.63 20.91
N ILE A 143 5.16 12.56 20.75
CA ILE A 143 5.01 13.74 21.59
C ILE A 143 4.19 13.35 22.83
N PRO A 144 4.35 14.02 23.98
CA PRO A 144 3.53 13.67 25.16
C PRO A 144 2.09 14.14 25.03
N GLY A 145 1.11 13.16 25.05
CA GLY A 145 -0.35 13.34 24.73
C GLY A 145 -1.23 12.14 25.05
N LEU A 146 -2.54 12.34 25.19
CA LEU A 146 -3.47 11.27 25.49
C LEU A 146 -4.32 10.99 24.23
N MET A 147 -4.81 9.76 24.08
CA MET A 147 -5.64 9.40 22.93
C MET A 147 -6.66 8.29 23.17
N LEU A 148 -7.85 8.45 22.58
CA LEU A 148 -8.97 7.52 22.68
C LEU A 148 -9.53 7.18 21.30
N ASP A 149 -10.24 6.04 21.20
CA ASP A 149 -10.90 5.61 19.96
C ASP A 149 -12.13 4.76 20.25
N TYR A 150 -13.31 5.36 20.06
CA TYR A 150 -14.61 4.76 20.32
C TYR A 150 -15.36 4.14 19.14
N ASN A 151 -16.38 3.33 19.46
CA ASN A 151 -17.36 2.81 18.51
C ASN A 151 -18.66 2.55 19.28
N LEU A 152 -19.60 3.47 19.12
CA LEU A 152 -20.88 3.48 19.81
C LEU A 152 -21.94 2.75 19.01
N ASN A 153 -23.02 2.39 19.71
CA ASN A 153 -24.20 1.75 19.13
C ASN A 153 -25.38 2.16 19.98
N GLY A 154 -26.52 1.52 19.76
CA GLY A 154 -27.74 1.83 20.47
C GLY A 154 -28.93 1.43 19.64
N THR A 155 -29.95 0.80 20.20
CA THR A 155 -31.13 0.36 19.45
C THR A 155 -32.40 0.47 20.30
N VAL A 156 -33.53 0.20 19.66
CA VAL A 156 -34.86 0.19 20.27
C VAL A 156 -35.30 -1.25 20.09
N SER A 157 -35.99 -1.80 21.09
CA SER A 157 -36.46 -3.19 21.01
C SER A 157 -37.97 -3.31 21.10
N ARG A 158 -38.64 -3.28 19.94
CA ARG A 158 -40.09 -3.38 19.88
C ARG A 158 -40.54 -4.82 19.65
N ASN A 159 -41.14 -5.42 20.68
CA ASN A 159 -41.65 -6.78 20.65
C ASN A 159 -43.17 -6.78 20.66
N TYR A 160 -43.77 -7.91 20.32
CA TYR A 160 -45.22 -8.04 20.27
C TYR A 160 -45.88 -8.07 21.65
N GLN A 161 -45.13 -8.34 22.72
CA GLN A 161 -45.68 -8.40 24.07
C GLN A 161 -44.67 -8.01 25.15
N GLY A 162 -45.19 -7.73 26.34
CA GLY A 162 -44.43 -7.37 27.53
C GLY A 162 -44.02 -5.93 27.80
N GLY A 163 -43.03 -5.40 27.08
CA GLY A 163 -42.62 -4.02 27.33
C GLY A 163 -41.43 -3.64 26.49
N ASP A 164 -40.97 -2.40 26.67
CA ASP A 164 -39.85 -1.88 25.88
C ASP A 164 -38.68 -1.43 26.75
N SER A 165 -37.48 -1.54 26.18
CA SER A 165 -36.23 -1.14 26.83
C SER A 165 -35.18 -0.84 25.77
N HIS A 166 -34.15 -0.10 26.16
CA HIS A 166 -33.05 0.29 25.27
C HIS A 166 -31.70 -0.22 25.77
N GLN A 167 -30.70 -0.15 24.89
CA GLN A 167 -29.34 -0.57 25.20
C GLN A 167 -28.32 0.44 24.70
N PHE A 168 -27.29 0.72 25.50
CA PHE A 168 -26.25 1.67 25.13
C PHE A 168 -24.88 1.02 25.28
N SER A 169 -24.41 0.34 24.23
CA SER A 169 -23.12 -0.35 24.25
C SER A 169 -21.95 0.58 23.93
N TYR A 170 -21.50 1.36 24.92
CA TYR A 170 -20.39 2.28 24.74
C TYR A 170 -19.11 1.79 25.43
N ASN A 171 -18.14 1.38 24.62
CA ASN A 171 -16.84 0.93 25.10
C ASN A 171 -15.81 2.07 25.05
N GLY A 172 -14.57 1.80 25.45
CA GLY A 172 -13.53 2.81 25.40
C GLY A 172 -12.13 2.27 25.65
N THR A 173 -11.18 2.67 24.80
CA THR A 173 -9.77 2.24 24.85
C THR A 173 -8.89 3.49 24.91
N VAL A 174 -8.56 3.93 26.11
CA VAL A 174 -7.77 5.14 26.28
C VAL A 174 -6.30 4.78 26.12
N GLY A 175 -5.45 5.77 25.85
CA GLY A 175 -4.03 5.56 25.67
C GLY A 175 -3.23 6.81 25.91
N GLY A 176 -2.17 6.73 26.71
CA GLY A 176 -1.34 7.89 26.95
C GLY A 176 0.15 7.66 26.78
N ASN A 177 0.77 8.29 25.79
CA ASN A 177 2.21 8.13 25.62
C ASN A 177 3.03 9.33 26.06
N LEU A 178 3.84 9.18 27.09
CA LEU A 178 4.72 10.23 27.57
C LEU A 178 6.14 9.73 27.30
N GLY A 179 6.68 10.14 26.17
CA GLY A 179 7.96 9.68 25.72
C GLY A 179 7.72 8.36 25.00
N PRO A 180 8.60 7.38 25.16
CA PRO A 180 8.40 6.11 24.44
C PRO A 180 7.38 5.15 25.07
N TRP A 181 7.29 5.03 26.40
CA TRP A 181 6.33 4.12 27.02
C TRP A 181 4.86 4.53 26.98
N ARG A 182 4.01 3.66 26.41
CA ARG A 182 2.56 3.91 26.31
C ARG A 182 1.69 2.84 26.95
N LEU A 183 0.69 3.28 27.71
CA LEU A 183 -0.26 2.41 28.38
C LEU A 183 -1.52 2.25 27.52
N ARG A 184 -1.87 1.01 27.19
CA ARG A 184 -3.07 0.74 26.41
C ARG A 184 -4.05 0.16 27.42
N ALA A 185 -4.97 1.01 27.89
CA ALA A 185 -5.94 0.63 28.91
C ALA A 185 -7.37 0.77 28.39
N ASP A 186 -8.19 -0.23 28.70
CA ASP A 186 -9.60 -0.21 28.32
C ASP A 186 -10.42 0.26 29.51
N TYR A 187 -10.76 1.55 29.52
CA TYR A 187 -11.50 2.14 30.63
C TYR A 187 -12.98 1.73 30.66
N GLN A 188 -13.60 1.46 29.52
CA GLN A 188 -14.98 0.99 29.48
C GLN A 188 -15.09 -0.43 28.92
N GLY A 189 -16.05 -1.15 29.47
CA GLY A 189 -16.36 -2.51 29.06
C GLY A 189 -17.59 -2.42 28.17
N SER A 190 -18.73 -2.74 28.73
CA SER A 190 -20.01 -2.68 28.03
C SER A 190 -20.98 -2.00 28.98
N GLN A 191 -21.97 -1.31 28.43
CA GLN A 191 -22.95 -0.61 29.27
C GLN A 191 -24.39 -0.86 28.82
N GLU A 192 -25.34 -0.26 29.54
CA GLU A 192 -26.77 -0.37 29.26
C GLU A 192 -27.56 0.77 29.88
N GLN A 193 -28.47 1.34 29.09
CA GLN A 193 -29.35 2.42 29.51
C GLN A 193 -30.76 2.11 29.03
N SER A 194 -31.67 1.84 29.97
CA SER A 194 -33.05 1.46 29.62
C SER A 194 -34.10 2.57 29.70
N ARG A 195 -35.26 2.28 29.09
CA ARG A 195 -36.42 3.15 29.02
C ARG A 195 -37.25 2.84 30.29
N TYR A 196 -38.34 3.58 30.54
CA TYR A 196 -39.19 3.34 31.71
C TYR A 196 -40.50 2.72 31.30
N ASN A 197 -40.88 1.63 31.99
CA ASN A 197 -42.12 0.91 31.73
C ASN A 197 -42.53 0.15 32.98
N GLY A 198 -43.48 -0.78 32.83
CA GLY A 198 -43.93 -1.56 33.97
C GLY A 198 -42.95 -2.61 34.43
N GLU A 199 -42.10 -3.11 33.53
CA GLU A 199 -41.08 -4.11 33.85
C GLU A 199 -39.66 -3.59 33.57
N LYS A 200 -38.87 -3.48 34.63
CA LYS A 200 -37.51 -2.95 34.52
C LYS A 200 -36.44 -4.02 34.52
N THR A 201 -35.33 -3.73 33.83
CA THR A 201 -34.18 -4.63 33.80
C THR A 201 -33.09 -3.87 34.54
N THR A 202 -32.81 -2.62 34.10
CA THR A 202 -31.90 -1.57 34.57
C THR A 202 -30.54 -2.06 35.08
N ASN A 203 -29.86 -2.89 34.30
CA ASN A 203 -28.59 -3.48 34.73
C ASN A 203 -27.35 -2.79 34.16
N ARG A 204 -26.58 -2.15 35.05
CA ARG A 204 -25.36 -1.44 34.67
C ARG A 204 -24.16 -2.39 34.71
N ASN A 205 -23.55 -2.62 33.56
CA ASN A 205 -22.38 -3.49 33.44
C ASN A 205 -21.04 -2.76 33.57
N PHE A 206 -20.04 -3.46 34.12
CA PHE A 206 -18.67 -2.97 34.27
C PHE A 206 -17.71 -4.13 34.45
N THR A 207 -16.61 -4.10 33.69
CA THR A 207 -15.48 -5.06 33.77
C THR A 207 -14.34 -4.27 33.12
N TRP A 208 -13.16 -4.90 33.01
CA TRP A 208 -11.99 -4.31 32.34
C TRP A 208 -11.19 -5.51 31.81
N SER A 209 -11.11 -5.60 30.48
CA SER A 209 -10.47 -6.76 29.86
C SER A 209 -8.95 -6.83 29.78
N ARG A 210 -8.28 -5.78 29.30
CA ARG A 210 -6.82 -5.84 29.14
C ARG A 210 -6.13 -4.51 29.37
N PHE A 211 -5.17 -4.50 30.31
CA PHE A 211 -4.35 -3.33 30.60
C PHE A 211 -2.91 -3.78 30.39
N TYR A 212 -2.17 -3.08 29.53
CA TYR A 212 -0.77 -3.43 29.29
C TYR A 212 0.09 -2.25 28.87
N LEU A 213 1.40 -2.36 29.15
CA LEU A 213 2.39 -1.36 28.82
C LEU A 213 3.34 -2.02 27.83
N PHE A 214 3.69 -1.30 26.76
CA PHE A 214 4.53 -1.88 25.71
C PHE A 214 5.36 -0.85 24.95
N ARG A 215 6.55 -1.30 24.51
CA ARG A 215 7.50 -0.49 23.76
C ARG A 215 8.47 -1.39 23.00
N ALA A 216 8.69 -1.08 21.72
CA ALA A 216 9.58 -1.89 20.88
C ALA A 216 11.05 -1.53 21.10
N ILE A 217 11.90 -2.55 21.19
CA ILE A 217 13.34 -2.41 21.39
C ILE A 217 14.04 -2.62 20.05
N PRO A 218 14.55 -1.56 19.41
CA PRO A 218 15.20 -1.74 18.09
C PRO A 218 16.59 -2.36 18.10
N ARG A 219 17.29 -2.43 19.23
CA ARG A 219 18.64 -3.01 19.20
C ARG A 219 18.67 -4.55 19.11
N TRP A 220 17.86 -5.23 19.92
CA TRP A 220 17.81 -6.69 19.95
C TRP A 220 16.60 -7.17 19.14
N ARG A 221 15.91 -6.24 18.45
CA ARG A 221 14.72 -6.45 17.60
C ARG A 221 13.54 -7.15 18.27
N ALA A 222 13.04 -6.60 19.37
CA ALA A 222 11.92 -7.21 20.07
C ALA A 222 10.98 -6.13 20.59
N ASN A 223 9.85 -6.59 21.15
CA ASN A 223 8.83 -5.72 21.70
C ASN A 223 8.35 -6.29 23.02
N LEU A 224 8.85 -5.74 24.13
CA LEU A 224 8.40 -6.20 25.43
C LEU A 224 7.02 -5.62 25.73
N THR A 225 6.12 -6.47 26.25
CA THR A 225 4.76 -6.06 26.61
C THR A 225 4.49 -6.49 28.04
N LEU A 226 4.38 -5.53 28.97
CA LEU A 226 4.08 -5.86 30.35
C LEU A 226 2.63 -5.51 30.70
N GLY A 227 1.87 -6.52 31.13
CA GLY A 227 0.46 -6.41 31.47
C GLY A 227 -0.31 -7.56 30.85
N GLU A 228 -1.58 -7.32 30.56
CA GLU A 228 -2.44 -8.34 29.96
C GLU A 228 -2.22 -8.48 28.45
N ASN A 229 -1.95 -9.71 28.02
CA ASN A 229 -1.72 -10.11 26.63
C ASN A 229 -2.07 -11.58 26.41
N ASN A 230 -1.93 -12.04 25.17
CA ASN A 230 -2.20 -13.42 24.80
C ASN A 230 -1.08 -14.04 23.98
N ILE A 231 -0.90 -15.35 24.14
CA ILE A 231 0.12 -16.09 23.43
C ILE A 231 -0.51 -16.73 22.19
N ASN A 232 0.30 -17.04 21.18
CA ASN A 232 -0.19 -17.66 19.96
C ASN A 232 -0.35 -19.17 20.15
N SER A 233 -1.02 -19.81 19.20
CA SER A 233 -1.25 -21.26 19.26
C SER A 233 -0.18 -22.07 18.51
N ASP A 234 1.05 -22.00 19.00
CA ASP A 234 2.13 -22.75 18.36
C ASP A 234 2.13 -24.21 18.81
N ILE A 235 2.29 -24.45 20.11
CA ILE A 235 2.27 -25.79 20.68
C ILE A 235 1.21 -25.92 21.78
N PHE A 236 1.16 -24.97 22.71
CA PHE A 236 0.21 -24.96 23.79
C PHE A 236 -1.00 -24.12 23.44
N ARG A 237 -2.08 -24.29 24.21
CA ARG A 237 -3.31 -23.55 23.99
C ARG A 237 -3.14 -22.13 24.58
N SER A 238 -3.96 -21.17 24.20
CA SER A 238 -3.81 -19.82 24.70
C SER A 238 -4.64 -19.44 25.93
N TRP A 239 -4.04 -18.62 26.78
CA TRP A 239 -4.66 -18.14 28.01
C TRP A 239 -4.04 -16.78 28.33
N SER A 240 -4.86 -15.87 28.87
CA SER A 240 -4.40 -14.53 29.22
C SER A 240 -3.45 -14.60 30.42
N TYR A 241 -2.43 -13.74 30.39
CA TYR A 241 -1.39 -13.71 31.41
C TYR A 241 -1.21 -12.28 31.87
N THR A 242 -0.34 -12.09 32.85
CA THR A 242 0.01 -10.76 33.34
C THR A 242 1.48 -10.76 33.74
N GLY A 243 2.25 -9.93 33.08
CA GLY A 243 3.68 -9.78 33.30
C GLY A 243 4.36 -9.42 31.99
N ALA A 244 5.69 -9.47 32.02
CA ALA A 244 6.48 -9.11 30.85
C ALA A 244 6.48 -10.22 29.80
N SER A 245 6.62 -9.81 28.53
CA SER A 245 6.66 -10.74 27.42
C SER A 245 7.47 -10.19 26.25
N LEU A 246 8.69 -10.71 26.08
CA LEU A 246 9.60 -10.28 25.01
C LEU A 246 9.21 -11.03 23.75
N GLU A 247 8.23 -10.51 23.03
CA GLU A 247 7.73 -11.15 21.81
C GLU A 247 8.20 -10.48 20.53
N SER A 248 8.74 -11.30 19.63
CA SER A 248 9.20 -10.83 18.33
C SER A 248 8.02 -10.72 17.36
N ASP A 249 7.54 -9.51 17.11
CA ASP A 249 6.42 -9.34 16.20
C ASP A 249 6.84 -9.40 14.73
N ASP A 250 5.84 -9.61 13.86
CA ASP A 250 6.01 -9.72 12.42
C ASP A 250 5.92 -8.35 11.75
N ARG A 251 5.33 -7.36 12.42
CA ARG A 251 5.18 -6.05 11.81
C ARG A 251 6.45 -5.21 11.81
N MET A 252 7.46 -5.60 12.61
CA MET A 252 8.69 -4.82 12.70
C MET A 252 9.68 -5.12 11.58
N LEU A 253 9.42 -6.12 10.75
CA LEU A 253 10.31 -6.44 9.66
C LEU A 253 9.75 -5.89 8.35
N PRO A 254 10.59 -5.73 7.30
CA PRO A 254 10.11 -5.19 6.00
C PRO A 254 9.11 -6.08 5.29
N PRO A 255 8.27 -5.50 4.40
CA PRO A 255 7.30 -6.32 3.67
C PRO A 255 7.90 -7.21 2.60
N ARG A 256 9.09 -6.92 2.09
CA ARG A 256 9.62 -7.81 1.07
C ARG A 256 10.46 -8.92 1.70
N LEU A 257 10.74 -8.86 3.00
CA LEU A 257 11.40 -10.01 3.63
C LEU A 257 10.38 -10.67 4.55
N ARG A 258 9.10 -10.28 4.40
CA ARG A 258 8.01 -10.82 5.20
C ARG A 258 7.67 -12.25 4.79
N GLY A 259 7.66 -13.14 5.78
CA GLY A 259 7.38 -14.54 5.55
C GLY A 259 8.64 -15.38 5.41
N TYR A 260 8.40 -16.69 5.35
CA TYR A 260 9.42 -17.72 5.27
C TYR A 260 9.59 -18.31 3.87
N ALA A 261 10.84 -18.41 3.42
CA ALA A 261 11.20 -19.03 2.15
C ALA A 261 12.64 -19.51 2.23
N PRO A 262 12.97 -20.63 1.58
CA PRO A 262 14.36 -21.13 1.61
C PRO A 262 15.30 -20.26 0.78
N GLN A 263 16.54 -20.11 1.27
CA GLN A 263 17.54 -19.31 0.59
C GLN A 263 18.16 -20.13 -0.54
N ILE A 264 18.73 -19.45 -1.52
CA ILE A 264 19.31 -20.09 -2.70
C ILE A 264 20.85 -20.18 -2.61
N THR A 265 21.40 -21.33 -3.00
CA THR A 265 22.83 -21.60 -3.00
C THR A 265 23.44 -21.46 -4.39
N GLY A 266 24.76 -21.60 -4.49
CA GLY A 266 25.44 -21.52 -5.78
C GLY A 266 26.82 -20.88 -5.77
N ILE A 267 27.63 -21.20 -6.77
CA ILE A 267 29.00 -20.69 -6.91
C ILE A 267 29.17 -19.79 -8.14
N ALA A 268 29.58 -18.55 -7.91
CA ALA A 268 29.82 -17.59 -8.98
C ALA A 268 31.31 -17.37 -9.17
N GLU A 269 31.67 -16.86 -10.36
CA GLU A 269 33.07 -16.58 -10.68
C GLU A 269 33.30 -15.11 -10.98
N THR A 270 32.29 -14.37 -11.45
CA THR A 270 32.35 -12.95 -11.74
C THR A 270 31.10 -12.24 -11.22
N ASN A 271 31.00 -10.93 -11.46
CA ASN A 271 29.84 -10.16 -11.02
C ASN A 271 28.62 -10.33 -11.92
N ALA A 272 27.77 -11.28 -11.61
CA ALA A 272 26.57 -11.55 -12.37
C ALA A 272 25.37 -10.88 -11.74
N ARG A 273 24.22 -10.97 -12.42
CA ARG A 273 22.97 -10.39 -11.93
C ARG A 273 21.79 -11.37 -12.09
N VAL A 274 21.24 -11.81 -10.98
CA VAL A 274 20.14 -12.75 -11.03
C VAL A 274 18.79 -12.03 -11.13
N VAL A 275 18.02 -12.37 -12.17
CA VAL A 275 16.69 -11.81 -12.45
C VAL A 275 15.78 -13.03 -12.51
N VAL A 276 14.68 -13.01 -11.76
CA VAL A 276 13.77 -14.15 -11.72
C VAL A 276 12.29 -13.76 -11.86
N SER A 277 11.57 -14.52 -12.69
CA SER A 277 10.14 -14.36 -12.93
C SER A 277 9.46 -15.71 -12.75
N GLN A 278 8.42 -15.77 -11.93
CA GLN A 278 7.74 -17.05 -11.73
C GLN A 278 6.80 -17.36 -12.90
N GLN A 279 5.85 -16.45 -13.21
CA GLN A 279 4.96 -16.69 -14.35
C GLN A 279 4.75 -15.37 -15.09
N GLY A 280 5.64 -14.40 -14.90
CA GLY A 280 5.50 -13.13 -15.59
C GLY A 280 5.81 -11.86 -14.83
N ARG A 281 6.19 -11.94 -13.55
CA ARG A 281 6.53 -10.75 -12.79
C ARG A 281 7.97 -10.73 -12.27
N VAL A 282 8.69 -9.67 -12.59
CA VAL A 282 10.07 -9.56 -12.12
C VAL A 282 10.06 -8.95 -10.70
N LEU A 283 10.59 -9.70 -9.73
CA LEU A 283 10.62 -9.22 -8.36
C LEU A 283 11.95 -8.59 -7.93
N TYR A 284 13.07 -9.31 -8.08
CA TYR A 284 14.37 -8.74 -7.72
C TYR A 284 15.38 -8.81 -8.85
N ASP A 285 16.13 -7.72 -9.03
CA ASP A 285 17.14 -7.58 -10.06
C ASP A 285 18.29 -6.67 -9.60
N SER A 286 19.40 -7.29 -9.19
CA SER A 286 20.57 -6.56 -8.72
C SER A 286 21.83 -7.36 -8.98
N MET A 287 22.97 -6.70 -8.88
CA MET A 287 24.24 -7.37 -9.12
C MET A 287 24.71 -8.14 -7.88
N VAL A 288 25.26 -9.31 -8.10
CA VAL A 288 25.76 -10.14 -7.00
C VAL A 288 27.23 -10.42 -7.28
N PRO A 289 28.09 -10.42 -6.26
CA PRO A 289 29.51 -10.68 -6.48
C PRO A 289 29.83 -12.16 -6.67
N ALA A 290 31.12 -12.42 -6.84
CA ALA A 290 31.68 -13.74 -7.08
C ALA A 290 31.79 -14.57 -5.80
N GLY A 291 32.19 -15.83 -5.99
CA GLY A 291 32.38 -16.77 -4.92
C GLY A 291 31.11 -17.49 -4.51
N PRO A 292 31.05 -17.98 -3.24
CA PRO A 292 29.84 -18.67 -2.77
C PRO A 292 28.76 -17.66 -2.43
N PHE A 293 28.03 -17.18 -3.44
CA PHE A 293 27.01 -16.17 -3.24
C PHE A 293 25.74 -16.67 -2.55
N SER A 294 25.28 -15.88 -1.60
CA SER A 294 24.08 -16.17 -0.81
C SER A 294 23.49 -14.85 -0.37
N ILE A 295 22.46 -14.39 -1.09
CA ILE A 295 21.82 -13.11 -0.79
C ILE A 295 20.59 -13.38 0.08
N GLN A 296 20.41 -12.56 1.11
CA GLN A 296 19.31 -12.70 2.07
C GLN A 296 18.33 -11.53 2.04
N ASP A 297 18.26 -10.81 0.92
CA ASP A 297 17.37 -9.66 0.81
C ASP A 297 15.88 -9.98 0.81
N LEU A 298 15.45 -11.07 0.18
CA LEU A 298 14.03 -11.36 0.14
C LEU A 298 13.66 -12.84 0.20
N ASP A 299 12.71 -13.14 1.08
CA ASP A 299 12.06 -14.40 1.35
C ASP A 299 10.57 -14.04 1.48
N SER A 300 10.07 -13.29 0.49
CA SER A 300 8.73 -12.71 0.46
C SER A 300 7.56 -13.66 0.23
N SER A 301 6.38 -13.05 0.02
CA SER A 301 5.11 -13.72 -0.18
C SER A 301 4.97 -14.41 -1.53
N VAL A 302 5.73 -15.47 -1.75
CA VAL A 302 5.68 -16.29 -2.94
C VAL A 302 5.66 -17.71 -2.36
N ARG A 303 4.79 -18.56 -2.89
CA ARG A 303 4.63 -19.91 -2.35
C ARG A 303 5.81 -20.84 -2.66
N GLY A 304 6.02 -21.15 -3.93
CA GLY A 304 7.07 -22.09 -4.26
C GLY A 304 8.26 -21.79 -5.16
N ARG A 305 8.23 -22.50 -6.28
CA ARG A 305 9.26 -22.48 -7.32
C ARG A 305 9.49 -21.15 -8.03
N LEU A 306 10.73 -20.99 -8.49
CA LEU A 306 11.24 -19.86 -9.27
C LEU A 306 12.55 -20.35 -9.90
N ASP A 307 12.79 -19.94 -11.14
CA ASP A 307 13.95 -20.37 -11.93
C ASP A 307 15.19 -19.47 -11.82
N VAL A 308 16.12 -19.85 -10.97
CA VAL A 308 17.34 -19.06 -10.75
C VAL A 308 18.35 -19.23 -11.86
N GLU A 309 18.49 -18.21 -12.71
CA GLU A 309 19.46 -18.19 -13.78
C GLU A 309 20.35 -16.95 -13.62
N VAL A 310 21.65 -17.16 -13.74
CA VAL A 310 22.59 -16.06 -13.60
C VAL A 310 23.22 -15.69 -14.93
N ILE A 311 23.42 -14.39 -15.17
CA ILE A 311 24.04 -13.90 -16.40
C ILE A 311 25.28 -13.08 -16.08
N GLU A 312 26.45 -13.64 -16.38
CA GLU A 312 27.75 -13.02 -16.17
C GLU A 312 28.13 -12.12 -17.36
N GLN A 313 29.40 -11.72 -17.45
CA GLN A 313 29.90 -10.76 -18.45
C GLN A 313 29.78 -11.15 -19.92
N ASN A 314 29.65 -12.44 -20.27
CA ASN A 314 29.47 -12.77 -21.68
C ASN A 314 28.02 -13.18 -21.96
N GLY A 315 27.40 -13.97 -21.07
CA GLY A 315 26.02 -14.36 -21.32
C GLY A 315 25.51 -15.76 -21.06
N ARG A 316 26.37 -16.76 -20.84
CA ARG A 316 25.89 -18.12 -20.59
C ARG A 316 25.22 -18.28 -19.22
N LYS A 317 24.07 -18.98 -19.21
CA LYS A 317 23.28 -19.19 -18.01
C LYS A 317 22.92 -20.64 -17.69
N LYS A 318 22.92 -20.96 -16.40
CA LYS A 318 22.58 -22.28 -15.87
C LYS A 318 21.31 -22.16 -15.04
N THR A 319 20.46 -23.20 -15.06
CA THR A 319 19.23 -23.16 -14.28
C THR A 319 19.12 -24.46 -13.47
N PHE A 320 18.51 -24.35 -12.28
CA PHE A 320 18.33 -25.45 -11.34
C PHE A 320 17.17 -25.07 -10.43
N GLN A 321 16.34 -26.04 -10.07
CA GLN A 321 15.16 -25.79 -9.25
C GLN A 321 15.34 -26.02 -7.75
N VAL A 322 14.68 -25.20 -6.95
CA VAL A 322 14.73 -25.25 -5.50
C VAL A 322 13.30 -25.59 -5.01
N ASP A 323 13.22 -26.25 -3.85
CA ASP A 323 11.95 -26.63 -3.25
C ASP A 323 11.67 -25.85 -1.97
N THR A 324 10.38 -25.59 -1.71
CA THR A 324 9.92 -24.87 -0.53
C THR A 324 9.06 -25.78 0.34
N ALA A 325 8.94 -25.42 1.62
CA ALA A 325 8.20 -26.22 2.60
C ALA A 325 6.74 -25.83 2.78
N SER A 326 6.49 -24.54 3.03
CA SER A 326 5.20 -23.91 3.35
C SER A 326 4.40 -24.58 4.47
N VAL A 327 5.07 -24.79 5.60
CA VAL A 327 4.49 -25.33 6.84
C VAL A 327 4.28 -24.10 7.72
N PRO A 328 3.13 -23.98 8.47
CA PRO A 328 2.85 -22.78 9.28
C PRO A 328 3.78 -22.30 10.41
N TYR A 329 4.88 -23.00 10.74
CA TYR A 329 5.74 -22.48 11.80
C TYR A 329 7.23 -22.52 11.49
N LEU A 330 7.62 -22.60 10.22
CA LEU A 330 9.03 -22.59 9.86
C LEU A 330 9.58 -21.16 9.88
N THR A 331 10.88 -21.00 10.10
CA THR A 331 11.50 -19.70 10.15
C THR A 331 12.73 -19.52 9.26
N ARG A 332 13.20 -18.28 9.19
CA ARG A 332 14.36 -17.92 8.38
C ARG A 332 15.65 -18.49 8.96
N PRO A 333 16.50 -19.13 8.14
CA PRO A 333 17.78 -19.66 8.65
C PRO A 333 18.77 -18.55 8.94
N GLY A 334 19.36 -18.60 10.14
CA GLY A 334 20.31 -17.59 10.55
C GLY A 334 19.73 -16.47 11.37
N GLN A 335 18.43 -16.53 11.68
CA GLN A 335 17.76 -15.51 12.48
C GLN A 335 17.08 -16.16 13.67
N VAL A 336 16.71 -15.35 14.66
CA VAL A 336 16.11 -15.85 15.88
C VAL A 336 14.68 -15.31 16.04
N ARG A 337 13.78 -16.17 16.52
CA ARG A 337 12.39 -15.87 16.82
C ARG A 337 12.16 -16.46 18.20
N TYR A 338 11.59 -15.68 19.11
CA TYR A 338 11.39 -16.19 20.47
C TYR A 338 10.19 -15.62 21.20
N LYS A 339 9.70 -16.39 22.18
CA LYS A 339 8.57 -16.03 23.04
C LYS A 339 8.98 -16.21 24.51
N LEU A 340 9.47 -15.14 25.14
CA LEU A 340 9.87 -15.17 26.54
C LEU A 340 8.87 -14.42 27.42
N VAL A 341 7.91 -15.17 27.98
CA VAL A 341 6.85 -14.59 28.80
C VAL A 341 7.14 -14.97 30.26
N SER A 342 6.77 -14.09 31.19
CA SER A 342 6.96 -14.30 32.62
C SER A 342 5.88 -13.51 33.34
N GLY A 343 5.82 -13.64 34.66
CA GLY A 343 4.82 -12.93 35.44
C GLY A 343 3.96 -13.88 36.26
N ARG A 344 2.64 -13.63 36.22
CA ARG A 344 1.67 -14.46 36.93
C ARG A 344 0.49 -14.83 36.04
N SER A 345 -0.14 -15.96 36.36
CA SER A 345 -1.28 -16.46 35.59
C SER A 345 -2.58 -15.81 36.02
N ARG A 346 -3.46 -15.55 35.05
CA ARG A 346 -4.75 -14.95 35.33
C ARG A 346 -5.87 -15.99 35.37
N GLY A 347 -7.00 -15.61 35.95
CA GLY A 347 -8.12 -16.53 36.07
C GLY A 347 -9.27 -16.31 35.13
N TYR A 348 -10.45 -16.08 35.72
CA TYR A 348 -11.71 -15.85 35.02
C TYR A 348 -12.01 -14.37 35.09
N GLY A 349 -11.88 -13.77 36.27
CA GLY A 349 -12.17 -12.36 36.45
C GLY A 349 -10.91 -11.52 36.43
N HIS A 350 -11.11 -10.23 36.66
CA HIS A 350 -10.00 -9.29 36.68
C HIS A 350 -9.27 -9.37 38.02
N GLU A 351 -9.99 -9.66 39.10
CA GLU A 351 -9.40 -9.77 40.44
C GLU A 351 -9.08 -11.19 40.85
N THR A 352 -8.76 -12.08 39.92
CA THR A 352 -8.43 -13.47 40.24
C THR A 352 -6.95 -13.74 39.96
N GLU A 353 -6.26 -14.28 40.96
CA GLU A 353 -4.84 -14.58 40.87
C GLU A 353 -4.56 -16.08 40.72
N GLY A 354 -3.28 -16.44 40.73
CA GLY A 354 -2.87 -17.82 40.60
C GLY A 354 -1.41 -18.03 40.95
N PRO A 355 -0.81 -19.11 40.42
CA PRO A 355 0.61 -19.37 40.70
C PRO A 355 1.53 -18.52 39.84
N VAL A 356 2.82 -18.53 40.23
CA VAL A 356 3.90 -17.83 39.53
C VAL A 356 4.07 -18.42 38.13
N PHE A 357 4.39 -17.56 37.16
CA PHE A 357 4.53 -18.01 35.79
C PHE A 357 5.87 -17.61 35.17
N ALA A 358 6.41 -18.52 34.37
CA ALA A 358 7.68 -18.33 33.65
C ALA A 358 7.70 -19.34 32.51
N THR A 359 7.52 -18.88 31.27
CA THR A 359 7.53 -19.76 30.11
C THR A 359 8.40 -19.24 28.99
N GLY A 360 9.43 -19.99 28.64
CA GLY A 360 10.35 -19.62 27.57
C GLY A 360 10.15 -20.47 26.33
N GLU A 361 10.24 -19.82 25.17
CA GLU A 361 10.10 -20.44 23.85
C GLU A 361 11.03 -19.69 22.89
N ALA A 362 11.70 -20.44 22.02
CA ALA A 362 12.62 -19.83 21.07
C ALA A 362 12.67 -20.67 19.80
N SER A 363 13.43 -20.17 18.82
CA SER A 363 13.62 -20.83 17.54
C SER A 363 15.03 -20.55 17.03
N TRP A 364 15.64 -21.55 16.39
CA TRP A 364 17.00 -21.42 15.89
C TRP A 364 17.13 -21.99 14.49
N GLY A 365 17.57 -21.14 13.55
CA GLY A 365 17.75 -21.56 12.17
C GLY A 365 19.21 -21.75 11.81
N LEU A 366 19.55 -22.96 11.41
CA LEU A 366 20.91 -23.31 11.03
C LEU A 366 20.94 -23.31 9.49
N SER A 367 22.11 -23.46 8.89
CA SER A 367 22.24 -23.48 7.43
C SER A 367 21.79 -24.80 6.82
N ASN A 368 21.75 -24.83 5.47
CA ASN A 368 21.33 -25.96 4.60
C ASN A 368 19.92 -26.47 4.91
N GLN A 369 19.01 -25.52 5.19
CA GLN A 369 17.61 -25.69 5.54
C GLN A 369 17.38 -26.60 6.75
N TRP A 370 17.94 -26.19 7.88
CA TRP A 370 17.83 -26.87 9.17
C TRP A 370 17.23 -25.84 10.13
N SER A 371 16.38 -26.32 11.03
CA SER A 371 15.72 -25.44 11.99
C SER A 371 15.40 -26.11 13.31
N LEU A 372 15.61 -25.38 14.40
CA LEU A 372 15.34 -25.88 15.74
C LEU A 372 14.33 -24.97 16.41
N TYR A 373 13.64 -25.50 17.41
CA TYR A 373 12.70 -24.75 18.21
C TYR A 373 12.65 -25.46 19.56
N GLY A 374 11.99 -24.84 20.52
CA GLY A 374 11.93 -25.47 21.83
C GLY A 374 11.24 -24.64 22.90
N GLY A 375 10.44 -25.29 23.73
CA GLY A 375 9.73 -24.64 24.81
C GLY A 375 10.30 -25.09 26.14
N ALA A 376 10.53 -24.12 27.03
CA ALA A 376 11.09 -24.39 28.34
C ALA A 376 10.24 -23.70 29.39
N VAL A 377 9.48 -24.48 30.15
CA VAL A 377 8.62 -23.98 31.21
C VAL A 377 9.25 -24.33 32.54
N LEU A 378 9.92 -23.37 33.17
CA LEU A 378 10.58 -23.59 34.46
C LEU A 378 9.72 -23.00 35.58
N ALA A 379 9.10 -23.88 36.36
CA ALA A 379 8.24 -23.45 37.46
C ALA A 379 8.52 -24.28 38.71
N GLY A 380 7.81 -23.93 39.77
CA GLY A 380 7.96 -24.63 41.03
C GLY A 380 7.21 -25.96 41.06
N ASP A 381 6.13 -26.08 40.28
CA ASP A 381 5.36 -27.32 40.30
C ASP A 381 4.88 -27.84 38.95
N TYR A 382 5.46 -27.34 37.84
CA TYR A 382 5.09 -27.80 36.50
C TYR A 382 6.25 -27.63 35.53
N ASN A 383 6.71 -28.75 34.96
CA ASN A 383 7.83 -28.79 34.02
C ASN A 383 7.49 -29.48 32.71
N ALA A 384 7.26 -28.69 31.66
CA ALA A 384 6.94 -29.19 30.32
C ALA A 384 8.02 -28.73 29.34
N LEU A 385 9.07 -29.54 29.18
CA LEU A 385 10.15 -29.21 28.27
C LEU A 385 9.87 -29.71 26.86
N ALA A 386 9.93 -28.79 25.89
CA ALA A 386 9.67 -29.10 24.48
C ALA A 386 10.95 -28.94 23.66
N ALA A 387 11.06 -29.75 22.61
CA ALA A 387 12.21 -29.76 21.71
C ALA A 387 11.75 -30.30 20.36
N GLY A 388 12.25 -29.76 19.27
CA GLY A 388 11.83 -30.23 17.97
C GLY A 388 12.72 -29.73 16.85
N ALA A 389 12.53 -30.35 15.69
CA ALA A 389 13.27 -30.04 14.47
C ALA A 389 12.31 -29.99 13.29
N GLY A 390 12.79 -29.40 12.20
CA GLY A 390 12.03 -29.26 10.98
C GLY A 390 12.89 -29.60 9.76
N TRP A 391 12.37 -30.39 8.83
CA TRP A 391 13.14 -30.79 7.68
C TRP A 391 12.46 -30.57 6.33
N ASP A 392 13.29 -30.24 5.33
CA ASP A 392 12.84 -30.04 3.95
C ASP A 392 13.51 -31.13 3.12
N LEU A 393 12.75 -32.17 2.77
CA LEU A 393 13.35 -33.26 2.00
C LEU A 393 13.32 -32.94 0.51
N GLY A 394 12.32 -32.20 0.06
CA GLY A 394 12.19 -31.85 -1.34
C GLY A 394 10.95 -32.39 -2.02
N VAL A 395 11.13 -33.27 -3.01
CA VAL A 395 9.97 -33.84 -3.73
C VAL A 395 8.92 -34.74 -3.07
N PRO A 396 9.22 -35.62 -2.06
CA PRO A 396 8.11 -36.40 -1.49
C PRO A 396 7.29 -35.63 -0.46
N GLY A 397 7.88 -34.63 0.18
CA GLY A 397 7.20 -33.86 1.20
C GLY A 397 8.19 -33.41 2.24
N THR A 398 7.67 -32.64 3.20
CA THR A 398 8.46 -32.11 4.29
C THR A 398 8.08 -32.76 5.61
N LEU A 399 9.05 -32.83 6.53
CA LEU A 399 8.86 -33.44 7.83
C LEU A 399 9.19 -32.49 8.98
N SER A 400 8.66 -32.81 10.15
CA SER A 400 8.84 -32.05 11.38
C SER A 400 8.50 -32.97 12.54
N ALA A 401 9.18 -32.79 13.68
CA ALA A 401 8.95 -33.64 14.84
C ALA A 401 8.90 -32.78 16.10
N ASP A 402 8.30 -33.33 17.15
CA ASP A 402 8.15 -32.62 18.41
C ASP A 402 8.24 -33.56 19.60
N ILE A 403 9.39 -33.59 20.28
CA ILE A 403 9.57 -34.43 21.45
C ILE A 403 9.26 -33.55 22.66
N THR A 404 8.32 -33.98 23.52
CA THR A 404 7.90 -33.21 24.69
C THR A 404 7.49 -34.01 25.93
N GLN A 405 8.34 -33.97 26.96
CA GLN A 405 8.08 -34.67 28.23
C GLN A 405 7.57 -33.71 29.30
N SER A 406 6.29 -33.81 29.63
CA SER A 406 5.68 -32.95 30.64
C SER A 406 5.46 -33.67 31.97
N VAL A 407 6.22 -33.26 32.99
CA VAL A 407 6.14 -33.82 34.34
C VAL A 407 5.69 -32.71 35.29
N ALA A 408 4.72 -33.03 36.15
CA ALA A 408 4.18 -32.09 37.12
C ALA A 408 3.59 -32.86 38.28
N ARG A 409 3.43 -32.19 39.42
CA ARG A 409 2.82 -32.80 40.60
C ARG A 409 1.71 -31.92 41.15
N ILE A 410 0.49 -32.44 41.16
CA ILE A 410 -0.65 -31.68 41.67
C ILE A 410 -0.59 -31.94 43.19
N GLU A 411 -1.18 -31.06 43.99
CA GLU A 411 -1.18 -31.17 45.45
C GLU A 411 -2.10 -32.25 46.02
N GLY A 412 -2.94 -32.88 45.20
CA GLY A 412 -3.83 -33.90 45.69
C GLY A 412 -3.34 -35.32 45.50
N GLU A 413 -2.01 -35.49 45.61
CA GLU A 413 -1.25 -36.76 45.49
C GLU A 413 -1.49 -37.50 44.17
N ARG A 414 -1.07 -36.87 43.07
CA ARG A 414 -1.23 -37.42 41.73
C ARG A 414 0.02 -37.24 40.86
N THR A 415 0.77 -38.33 40.69
CA THR A 415 1.98 -38.31 39.87
C THR A 415 1.58 -38.25 38.40
N PHE A 416 2.07 -37.22 37.71
CA PHE A 416 1.72 -36.95 36.31
C PHE A 416 2.86 -37.05 35.30
N GLN A 417 2.79 -38.06 34.43
CA GLN A 417 3.75 -38.27 33.34
C GLN A 417 2.98 -38.34 32.03
N GLY A 418 3.51 -37.71 30.98
CA GLY A 418 2.81 -37.72 29.70
C GLY A 418 3.63 -37.45 28.45
N LYS A 419 3.39 -38.23 27.40
CA LYS A 419 4.10 -38.12 26.13
C LYS A 419 3.21 -37.83 24.91
N SER A 420 3.47 -36.71 24.23
CA SER A 420 2.74 -36.29 23.04
C SER A 420 3.65 -36.14 21.82
N TRP A 421 3.13 -36.46 20.63
CA TRP A 421 3.86 -36.36 19.36
C TRP A 421 3.02 -35.60 18.33
N ARG A 422 3.69 -35.09 17.26
CA ARG A 422 3.06 -34.35 16.17
C ARG A 422 3.93 -34.33 14.91
N LEU A 423 3.38 -34.72 13.76
CA LEU A 423 4.07 -34.72 12.47
C LEU A 423 3.32 -33.80 11.51
N SER A 424 4.06 -33.06 10.68
CA SER A 424 3.49 -32.14 9.71
C SER A 424 3.93 -32.45 8.29
N TYR A 425 2.98 -32.51 7.35
CA TYR A 425 3.25 -32.81 5.94
C TYR A 425 2.77 -31.71 5.00
N SER A 426 3.43 -31.61 3.84
CA SER A 426 3.09 -30.63 2.82
C SER A 426 3.49 -31.12 1.42
N LYS A 427 2.93 -30.48 0.39
CA LYS A 427 3.22 -30.84 -1.00
C LYS A 427 3.29 -29.61 -1.89
N ARG A 428 4.20 -29.62 -2.85
CA ARG A 428 4.43 -28.52 -3.77
C ARG A 428 3.46 -28.62 -4.99
N PHE A 429 3.41 -27.56 -5.83
CA PHE A 429 2.61 -27.42 -7.05
C PHE A 429 2.81 -28.51 -8.11
N ASP A 430 1.80 -29.34 -8.30
CA ASP A 430 1.84 -30.38 -9.31
C ASP A 430 1.35 -29.83 -10.66
N ASN A 431 1.16 -30.74 -11.63
CA ASN A 431 0.66 -30.34 -12.95
C ASN A 431 -0.82 -29.95 -12.89
N ALA A 432 -1.57 -30.57 -11.97
CA ALA A 432 -2.98 -30.25 -11.79
C ALA A 432 -3.21 -29.35 -10.58
N ASP A 433 -2.14 -28.68 -10.12
CA ASP A 433 -2.11 -27.73 -8.99
C ASP A 433 -2.69 -28.19 -7.64
N ALA A 434 -2.46 -29.44 -7.24
CA ALA A 434 -2.98 -29.96 -5.99
C ALA A 434 -2.01 -29.63 -4.86
N ASP A 435 -2.50 -28.93 -3.83
CA ASP A 435 -1.68 -28.54 -2.68
C ASP A 435 -2.22 -28.84 -1.29
N ILE A 436 -1.50 -29.70 -0.55
CA ILE A 436 -1.85 -30.00 0.83
C ILE A 436 -1.05 -29.00 1.66
N THR A 437 -1.70 -27.90 2.06
CA THR A 437 -1.00 -26.86 2.81
C THR A 437 -0.70 -27.21 4.27
N PHE A 438 -1.52 -28.04 4.88
CA PHE A 438 -1.32 -28.45 6.27
C PHE A 438 -1.85 -29.86 6.45
N ALA A 439 -1.09 -30.68 7.18
CA ALA A 439 -1.46 -32.08 7.46
C ALA A 439 -0.91 -32.45 8.84
N GLY A 440 -1.77 -32.36 9.86
CA GLY A 440 -1.33 -32.68 11.20
C GLY A 440 -1.49 -34.14 11.57
N TYR A 441 -0.60 -34.58 12.45
CA TYR A 441 -0.56 -35.94 13.00
C TYR A 441 -0.32 -35.83 14.50
N ARG A 442 -1.09 -34.95 15.15
CA ARG A 442 -1.01 -34.72 16.58
C ARG A 442 -1.48 -35.95 17.35
N PHE A 443 -0.58 -36.56 18.11
CA PHE A 443 -0.89 -37.76 18.87
C PHE A 443 -0.83 -37.50 20.37
N SER A 444 -1.91 -37.86 21.07
CA SER A 444 -2.01 -37.68 22.50
C SER A 444 -2.26 -39.00 23.22
N GLU A 445 -1.70 -39.11 24.41
CA GLU A 445 -1.85 -40.31 25.23
C GLU A 445 -3.06 -40.23 26.17
N ARG A 446 -3.15 -41.17 27.10
CA ARG A 446 -4.24 -41.20 28.07
C ARG A 446 -3.90 -40.25 29.23
N ASN A 447 -2.63 -39.92 29.40
CA ASN A 447 -2.19 -39.09 30.52
C ASN A 447 -1.51 -37.77 30.17
N TYR A 448 -2.08 -37.02 29.24
CA TYR A 448 -1.60 -35.68 28.89
C TYR A 448 -2.59 -34.69 29.52
N MET A 449 -2.09 -33.51 29.94
CA MET A 449 -2.94 -32.46 30.52
C MET A 449 -2.45 -31.04 30.26
N THR A 450 -3.39 -30.10 30.28
CA THR A 450 -3.13 -28.67 30.12
C THR A 450 -3.30 -28.01 31.48
N MET A 451 -2.95 -26.73 31.56
CA MET A 451 -3.00 -25.98 32.83
C MET A 451 -4.41 -25.71 33.39
N GLU A 452 -5.42 -25.65 32.50
CA GLU A 452 -6.81 -25.32 32.86
C GLU A 452 -7.56 -26.16 33.91
N GLN A 453 -7.06 -27.34 34.26
CA GLN A 453 -7.76 -28.19 35.22
C GLN A 453 -7.66 -27.80 36.70
N TYR A 454 -6.58 -27.13 37.12
CA TYR A 454 -6.40 -26.82 38.53
C TYR A 454 -6.95 -25.48 38.99
N LEU A 455 -7.11 -24.51 38.08
CA LEU A 455 -7.63 -23.20 38.48
C LEU A 455 -9.13 -23.20 38.80
N ASN A 456 -9.87 -24.16 38.24
CA ASN A 456 -11.28 -24.33 38.51
C ASN A 456 -11.48 -25.25 39.71
N ALA A 457 -12.72 -25.72 39.92
CA ALA A 457 -13.06 -26.63 41.02
C ALA A 457 -12.41 -28.01 40.86
N ARG A 458 -12.43 -28.79 41.95
CA ARG A 458 -11.85 -30.14 41.98
C ARG A 458 -12.57 -31.12 41.06
N TYR A 459 -13.87 -30.93 40.85
CA TYR A 459 -14.65 -31.77 39.96
C TYR A 459 -14.63 -31.01 38.64
N ARG A 460 -14.38 -31.74 37.54
CA ARG A 460 -14.28 -31.10 36.23
C ARG A 460 -15.22 -31.67 35.18
N ASN A 461 -15.65 -32.94 35.34
CA ASN A 461 -16.56 -33.74 34.48
C ASN A 461 -16.26 -33.82 32.96
N ASP A 462 -15.02 -33.52 32.57
CA ASP A 462 -14.53 -33.54 31.19
C ASP A 462 -13.02 -33.59 31.25
N TYR A 463 -12.41 -34.53 30.52
CA TYR A 463 -10.96 -34.59 30.52
C TYR A 463 -10.46 -33.65 29.45
N SER A 464 -10.81 -33.97 28.19
CA SER A 464 -10.56 -33.30 26.92
C SER A 464 -11.26 -34.06 25.80
N SER A 465 -11.53 -33.36 24.70
CA SER A 465 -12.16 -34.01 23.55
C SER A 465 -11.10 -34.50 22.56
N ARG A 466 -10.00 -33.78 22.46
CA ARG A 466 -8.87 -34.04 21.56
C ARG A 466 -7.96 -35.11 22.21
N GLU A 467 -8.40 -36.37 22.19
CA GLU A 467 -7.70 -37.46 22.88
C GLU A 467 -6.79 -38.44 22.12
N LYS A 468 -7.09 -38.79 20.88
CA LYS A 468 -6.29 -39.78 20.13
C LYS A 468 -5.97 -39.28 18.73
N GLU A 469 -5.49 -40.19 17.86
CA GLU A 469 -5.05 -39.90 16.49
C GLU A 469 -5.97 -39.10 15.56
N MET A 470 -5.36 -38.13 14.88
CA MET A 470 -6.00 -37.21 13.97
C MET A 470 -5.19 -37.18 12.67
N TYR A 471 -5.87 -36.84 11.58
CA TYR A 471 -5.26 -36.72 10.27
C TYR A 471 -6.12 -35.67 9.60
N THR A 472 -5.47 -34.61 9.09
CA THR A 472 -6.20 -33.51 8.48
C THR A 472 -5.64 -33.06 7.13
N VAL A 473 -6.14 -33.65 6.06
CA VAL A 473 -5.69 -33.26 4.73
C VAL A 473 -6.50 -32.08 4.20
N THR A 474 -5.82 -31.06 3.71
CA THR A 474 -6.44 -29.87 3.16
C THR A 474 -5.91 -29.63 1.75
N LEU A 475 -6.51 -30.30 0.78
CA LEU A 475 -6.10 -30.16 -0.62
C LEU A 475 -6.83 -28.99 -1.24
N ASN A 476 -6.13 -28.26 -2.11
CA ASN A 476 -6.68 -27.11 -2.82
C ASN A 476 -6.18 -27.26 -4.24
N LYS A 477 -7.10 -27.43 -5.19
CA LYS A 477 -6.75 -27.64 -6.58
C LYS A 477 -7.36 -26.58 -7.50
N ASN A 478 -6.53 -26.01 -8.37
CA ASN A 478 -6.95 -25.00 -9.33
C ASN A 478 -6.79 -25.50 -10.76
N VAL A 479 -7.88 -25.43 -11.53
CA VAL A 479 -7.92 -25.87 -12.91
C VAL A 479 -8.09 -24.63 -13.82
N ALA A 480 -7.29 -24.56 -14.89
CA ALA A 480 -7.33 -23.46 -15.84
C ALA A 480 -8.64 -23.44 -16.62
N ASP A 481 -9.01 -22.23 -17.08
CA ASP A 481 -10.18 -21.74 -17.85
C ASP A 481 -11.49 -21.78 -17.05
N TRP A 482 -11.46 -22.13 -15.77
CA TRP A 482 -12.65 -22.16 -14.94
C TRP A 482 -12.51 -21.26 -13.73
N ASN A 483 -11.25 -20.96 -13.32
CA ASN A 483 -10.85 -20.15 -12.16
C ASN A 483 -11.46 -20.66 -10.84
N THR A 484 -11.46 -21.97 -10.68
CA THR A 484 -12.07 -22.64 -9.54
C THR A 484 -11.07 -23.25 -8.58
N SER A 485 -11.11 -22.79 -7.32
CA SER A 485 -10.26 -23.34 -6.27
C SER A 485 -11.14 -24.15 -5.31
N PHE A 486 -11.36 -25.41 -5.64
CA PHE A 486 -12.18 -26.26 -4.79
C PHE A 486 -11.34 -26.91 -3.70
N ASN A 487 -11.83 -26.87 -2.46
CA ASN A 487 -11.10 -27.42 -1.32
C ASN A 487 -11.89 -28.38 -0.45
N LEU A 488 -11.22 -29.44 -0.01
CA LEU A 488 -11.80 -30.48 0.83
C LEU A 488 -10.98 -30.62 2.11
N GLN A 489 -11.67 -30.86 3.21
CA GLN A 489 -11.06 -30.99 4.53
C GLN A 489 -11.70 -32.16 5.26
N TYR A 490 -10.91 -32.87 6.05
CA TYR A 490 -11.36 -34.04 6.81
C TYR A 490 -10.71 -33.98 8.18
N SER A 491 -11.51 -33.84 9.24
CA SER A 491 -11.00 -33.76 10.61
C SER A 491 -11.30 -35.05 11.36
N ARG A 492 -10.66 -35.24 12.52
CA ARG A 492 -10.88 -36.46 13.29
C ARG A 492 -10.78 -36.27 14.81
N GLN A 493 -11.92 -36.06 15.46
CA GLN A 493 -11.95 -35.94 16.91
C GLN A 493 -12.28 -37.32 17.48
N THR A 494 -11.63 -37.70 18.56
CA THR A 494 -11.79 -39.03 19.14
C THR A 494 -12.34 -39.16 20.55
N TYR A 495 -13.10 -40.23 20.78
CA TYR A 495 -13.66 -40.56 22.08
C TYR A 495 -13.16 -41.94 22.52
N TRP A 496 -13.44 -42.30 23.77
CA TRP A 496 -13.02 -43.58 24.32
C TRP A 496 -14.20 -44.45 24.71
N ASP A 497 -14.29 -45.64 24.08
CA ASP A 497 -15.25 -46.74 24.21
C ASP A 497 -16.72 -46.48 23.85
N ILE A 498 -17.05 -45.28 23.38
CA ILE A 498 -18.41 -44.94 22.93
C ILE A 498 -18.02 -44.50 21.49
N ARG A 499 -19.01 -44.18 20.62
CA ARG A 499 -18.79 -43.81 19.22
C ARG A 499 -17.96 -42.57 18.93
N LYS A 500 -17.21 -42.62 17.84
CA LYS A 500 -16.33 -41.56 17.37
C LYS A 500 -17.08 -40.63 16.42
N THR A 501 -16.72 -39.34 16.44
CA THR A 501 -17.32 -38.32 15.59
C THR A 501 -16.31 -37.87 14.55
N ASP A 502 -16.71 -37.85 13.28
CA ASP A 502 -15.82 -37.47 12.18
C ASP A 502 -16.31 -36.33 11.30
N TYR A 503 -15.65 -35.18 11.38
CA TYR A 503 -16.01 -34.04 10.55
C TYR A 503 -15.25 -34.11 9.23
N TYR A 504 -15.98 -34.01 8.11
CA TYR A 504 -15.38 -34.00 6.78
C TYR A 504 -16.24 -33.21 5.81
N THR A 505 -15.61 -32.26 5.10
CA THR A 505 -16.30 -31.35 4.20
C THR A 505 -15.66 -31.20 2.83
N VAL A 506 -16.45 -30.71 1.88
CA VAL A 506 -16.05 -30.50 0.48
C VAL A 506 -16.70 -29.18 0.04
N SER A 507 -15.90 -28.28 -0.54
CA SER A 507 -16.39 -26.99 -1.03
C SER A 507 -15.86 -26.69 -2.43
N VAL A 508 -16.58 -25.86 -3.18
CA VAL A 508 -16.23 -25.49 -4.55
C VAL A 508 -16.66 -24.07 -4.93
N ASN A 509 -15.71 -23.25 -5.42
CA ASN A 509 -15.97 -21.87 -5.85
C ASN A 509 -15.69 -21.63 -7.32
N ARG A 510 -16.69 -21.88 -8.17
CA ARG A 510 -16.59 -21.72 -9.62
C ARG A 510 -16.80 -20.27 -10.09
N TYR A 511 -16.33 -19.99 -11.31
CA TYR A 511 -16.39 -18.65 -11.90
C TYR A 511 -16.97 -18.69 -13.31
N PHE A 512 -18.12 -18.04 -13.50
CA PHE A 512 -18.80 -18.01 -14.79
C PHE A 512 -19.57 -16.70 -14.94
N ASN A 513 -20.04 -16.43 -16.16
CA ASN A 513 -20.80 -15.21 -16.45
C ASN A 513 -21.93 -15.46 -17.44
N VAL A 514 -23.17 -15.19 -17.01
CA VAL A 514 -24.38 -15.35 -17.83
C VAL A 514 -25.10 -14.00 -17.77
N PHE A 515 -25.28 -13.37 -18.96
CA PHE A 515 -25.92 -12.04 -19.21
C PHE A 515 -25.48 -10.88 -18.32
N GLY A 516 -24.22 -10.85 -17.92
CA GLY A 516 -23.73 -9.79 -17.06
C GLY A 516 -22.26 -9.51 -17.20
N LEU A 517 -21.81 -8.50 -16.45
CA LEU A 517 -20.42 -8.07 -16.44
C LEU A 517 -19.58 -9.09 -15.67
N GLN A 518 -18.26 -9.08 -15.93
CA GLN A 518 -17.36 -10.01 -15.26
C GLN A 518 -17.05 -9.57 -13.83
N GLY A 519 -16.93 -10.53 -12.94
CA GLY A 519 -16.68 -10.25 -11.54
C GLY A 519 -17.54 -11.11 -10.63
N VAL A 520 -18.36 -11.95 -11.24
CA VAL A 520 -19.26 -12.82 -10.50
C VAL A 520 -18.58 -14.00 -9.82
N ALA A 521 -18.67 -14.05 -8.49
CA ALA A 521 -18.10 -15.14 -7.70
C ALA A 521 -19.26 -15.90 -7.05
N VAL A 522 -19.35 -17.19 -7.35
CA VAL A 522 -20.41 -18.05 -6.83
C VAL A 522 -19.85 -19.32 -6.17
N GLY A 523 -20.29 -19.60 -4.94
CA GLY A 523 -19.82 -20.75 -4.16
C GLY A 523 -20.84 -21.82 -3.84
N LEU A 524 -20.34 -23.04 -3.59
CA LEU A 524 -21.10 -24.23 -3.19
C LEU A 524 -20.23 -25.08 -2.26
N SER A 525 -20.84 -25.65 -1.23
CA SER A 525 -20.13 -26.48 -0.28
C SER A 525 -20.98 -27.66 0.20
N ALA A 526 -20.32 -28.66 0.78
CA ALA A 526 -21.00 -29.84 1.31
C ALA A 526 -20.25 -30.31 2.54
N SER A 527 -20.81 -30.04 3.72
CA SER A 527 -20.21 -30.44 4.99
C SER A 527 -21.07 -31.51 5.63
N ARG A 528 -20.43 -32.47 6.33
CA ARG A 528 -21.15 -33.58 6.97
C ARG A 528 -20.47 -34.19 8.21
N SER A 529 -21.18 -34.14 9.34
CA SER A 529 -20.74 -34.67 10.63
C SER A 529 -21.11 -36.16 10.78
N LYS A 530 -20.10 -37.03 10.69
CA LYS A 530 -20.30 -38.48 10.74
C LYS A 530 -20.32 -39.17 12.11
N TYR A 531 -21.29 -40.09 12.26
CA TYR A 531 -21.48 -41.04 13.34
C TYR A 531 -22.42 -42.07 12.74
N LEU A 532 -22.71 -43.16 13.47
CA LEU A 532 -23.53 -44.24 12.92
C LEU A 532 -25.01 -43.96 12.66
N GLY A 533 -25.61 -43.05 13.39
CA GLY A 533 -27.00 -42.67 13.19
C GLY A 533 -27.00 -41.17 12.94
N ARG A 534 -28.04 -40.68 12.26
CA ARG A 534 -28.26 -39.25 11.92
C ARG A 534 -27.13 -38.55 11.16
N ASP A 535 -26.96 -38.95 9.89
CA ASP A 535 -25.94 -38.35 9.03
C ASP A 535 -26.43 -36.94 8.72
N ASN A 536 -25.87 -35.98 9.47
CA ASN A 536 -26.22 -34.57 9.41
C ASN A 536 -25.39 -33.87 8.35
N ASP A 537 -26.05 -33.31 7.35
CA ASP A 537 -25.39 -32.61 6.27
C ASP A 537 -25.43 -31.11 6.51
N SER A 538 -24.68 -30.36 5.70
CA SER A 538 -24.61 -28.91 5.74
C SER A 538 -24.13 -28.41 4.39
N ALA A 539 -24.97 -27.62 3.71
CA ALA A 539 -24.66 -27.09 2.40
C ALA A 539 -25.13 -25.65 2.25
N TYR A 540 -24.24 -24.76 1.83
CA TYR A 540 -24.62 -23.36 1.61
C TYR A 540 -24.47 -22.97 0.14
N LEU A 541 -25.36 -22.09 -0.31
CA LEU A 541 -25.34 -21.60 -1.68
C LEU A 541 -25.32 -20.07 -1.64
N ARG A 542 -24.30 -19.48 -2.24
CA ARG A 542 -24.14 -18.03 -2.29
C ARG A 542 -23.69 -17.56 -3.67
N ILE A 543 -24.46 -16.65 -4.25
CA ILE A 543 -24.18 -16.09 -5.57
C ILE A 543 -23.99 -14.58 -5.42
N SER A 544 -22.98 -14.02 -6.09
CA SER A 544 -22.72 -12.58 -6.03
C SER A 544 -22.47 -12.00 -7.41
N VAL A 545 -23.48 -11.35 -7.97
CA VAL A 545 -23.35 -10.72 -9.28
C VAL A 545 -23.37 -9.19 -9.19
N PRO A 546 -22.27 -8.51 -9.55
CA PRO A 546 -22.22 -7.06 -9.44
C PRO A 546 -22.72 -6.32 -10.68
N LEU A 547 -23.17 -5.09 -10.44
CA LEU A 547 -23.67 -4.21 -11.48
C LEU A 547 -23.08 -2.82 -11.26
N GLY A 548 -22.01 -2.75 -10.46
CA GLY A 548 -21.36 -1.50 -10.17
C GLY A 548 -21.98 -0.71 -9.03
N THR A 549 -23.26 -0.34 -9.16
CA THR A 549 -23.94 0.40 -8.12
C THR A 549 -24.86 -0.58 -7.40
N GLY A 550 -24.76 -1.87 -7.74
CA GLY A 550 -25.56 -2.87 -7.05
C GLY A 550 -24.96 -4.26 -7.17
N THR A 551 -25.29 -5.09 -6.19
CA THR A 551 -24.82 -6.47 -6.11
C THR A 551 -25.95 -7.40 -5.70
N ALA A 552 -26.56 -8.09 -6.67
CA ALA A 552 -27.64 -9.02 -6.38
C ALA A 552 -27.10 -10.28 -5.73
N SER A 553 -27.50 -10.52 -4.47
CA SER A 553 -27.01 -11.68 -3.73
C SER A 553 -27.99 -12.45 -2.86
N TYR A 554 -27.86 -13.78 -2.88
CA TYR A 554 -28.66 -14.66 -2.02
C TYR A 554 -27.75 -15.75 -1.41
N SER A 555 -27.42 -15.58 -0.14
CA SER A 555 -26.57 -16.51 0.59
C SER A 555 -27.43 -17.43 1.47
N GLY A 556 -27.90 -18.52 0.87
CA GLY A 556 -28.75 -19.48 1.56
C GLY A 556 -28.03 -20.75 1.97
N SER A 557 -28.35 -21.23 3.18
CA SER A 557 -27.76 -22.44 3.73
C SER A 557 -28.84 -23.37 4.27
N MET A 558 -28.52 -24.66 4.33
CA MET A 558 -29.47 -25.66 4.83
C MET A 558 -28.76 -26.84 5.49
N SER A 559 -28.75 -26.85 6.83
CA SER A 559 -28.12 -27.95 7.57
C SER A 559 -29.15 -29.03 7.90
N ASN A 560 -30.17 -28.66 8.67
CA ASN A 560 -31.26 -29.55 9.06
C ASN A 560 -32.47 -28.70 9.41
N ASP A 561 -33.50 -28.76 8.53
CA ASP A 561 -34.79 -28.01 8.56
C ASP A 561 -34.69 -26.50 8.83
N ARG A 562 -33.63 -25.88 8.32
CA ARG A 562 -33.35 -24.45 8.49
C ARG A 562 -32.81 -23.88 7.17
N TYR A 563 -33.71 -23.31 6.37
CA TYR A 563 -33.36 -22.74 5.07
C TYR A 563 -33.62 -21.24 5.01
N VAL A 564 -32.64 -20.50 4.50
CA VAL A 564 -32.70 -19.05 4.34
C VAL A 564 -32.35 -18.64 2.91
N ASN A 565 -32.43 -17.34 2.63
CA ASN A 565 -32.13 -16.64 1.38
C ASN A 565 -32.11 -15.13 1.64
N MET A 566 -31.48 -14.38 0.74
CA MET A 566 -31.40 -12.92 0.86
C MET A 566 -31.74 -12.20 -0.44
N ALA A 567 -32.02 -10.90 -0.36
CA ALA A 567 -32.38 -10.12 -1.54
C ALA A 567 -31.66 -8.77 -1.55
N GLY A 568 -30.35 -8.80 -1.32
CA GLY A 568 -29.57 -7.56 -1.30
C GLY A 568 -29.36 -6.96 -2.68
N TYR A 569 -29.53 -5.64 -2.78
CA TYR A 569 -29.37 -4.90 -4.03
C TYR A 569 -28.64 -3.56 -3.84
N THR A 570 -27.53 -3.53 -3.08
CA THR A 570 -26.84 -2.27 -2.85
C THR A 570 -25.33 -2.47 -2.99
N ASP A 571 -24.62 -1.37 -3.28
CA ASP A 571 -23.16 -1.32 -3.41
C ASP A 571 -22.78 0.14 -3.14
N THR A 572 -21.56 0.57 -3.50
CA THR A 572 -21.15 1.93 -3.20
C THR A 572 -21.44 2.80 -4.44
N PHE A 573 -21.35 4.12 -4.29
CA PHE A 573 -21.62 5.11 -5.32
C PHE A 573 -20.37 5.85 -5.84
N ASN A 574 -20.57 6.83 -6.74
CA ASN A 574 -19.49 7.59 -7.39
C ASN A 574 -18.41 8.35 -6.62
N ASP A 575 -18.76 9.30 -5.73
CA ASP A 575 -17.68 10.06 -5.07
C ASP A 575 -17.15 9.51 -3.75
N GLY A 576 -17.96 8.78 -2.97
CA GLY A 576 -17.42 8.20 -1.75
C GLY A 576 -17.67 8.88 -0.41
N LEU A 577 -18.75 9.67 -0.24
CA LEU A 577 -18.92 10.27 1.08
C LEU A 577 -19.79 9.40 2.00
N ASP A 578 -20.66 8.55 1.44
CA ASP A 578 -21.51 7.65 2.24
C ASP A 578 -21.62 6.23 1.69
N SER A 579 -22.21 5.33 2.49
CA SER A 579 -22.41 3.94 2.11
C SER A 579 -23.65 3.34 2.75
N TYR A 580 -24.44 2.58 1.95
CA TYR A 580 -25.69 1.96 2.39
C TYR A 580 -25.80 0.48 2.06
N SER A 581 -26.75 -0.20 2.71
CA SER A 581 -27.07 -1.61 2.49
C SER A 581 -28.50 -1.94 2.91
N LEU A 582 -29.05 -3.00 2.33
CA LEU A 582 -30.42 -3.45 2.57
C LEU A 582 -30.52 -4.93 2.18
N ASN A 583 -31.19 -5.73 3.02
CA ASN A 583 -31.36 -7.17 2.80
C ASN A 583 -32.73 -7.68 3.27
N ALA A 584 -33.25 -8.67 2.56
CA ALA A 584 -34.50 -9.32 2.92
C ALA A 584 -34.18 -10.75 3.37
N GLY A 585 -35.18 -11.47 3.86
CA GLY A 585 -34.92 -12.83 4.29
C GLY A 585 -36.15 -13.54 4.81
N LEU A 586 -36.00 -14.85 4.96
CA LEU A 586 -37.04 -15.73 5.50
C LEU A 586 -36.39 -16.91 6.20
N ASN A 587 -36.83 -17.18 7.43
CA ASN A 587 -36.30 -18.26 8.25
C ASN A 587 -37.28 -19.43 8.28
N SER A 588 -36.81 -20.58 8.75
CA SER A 588 -37.61 -21.80 8.87
C SER A 588 -37.28 -22.53 10.17
N GLY A 589 -38.22 -22.52 11.11
CA GLY A 589 -38.01 -23.15 12.40
C GLY A 589 -38.45 -24.60 12.54
N GLY A 590 -38.42 -25.36 11.46
CA GLY A 590 -38.79 -26.76 11.49
C GLY A 590 -40.29 -27.06 11.51
N GLY A 591 -40.97 -26.70 12.59
CA GLY A 591 -42.39 -26.96 12.71
C GLY A 591 -43.30 -25.95 12.05
N LEU A 592 -43.29 -25.95 10.70
CA LEU A 592 -44.07 -25.08 9.78
C LEU A 592 -44.11 -23.59 10.07
N THR A 593 -43.03 -23.04 10.61
CA THR A 593 -42.93 -21.61 10.93
C THR A 593 -42.00 -20.92 9.95
N SER A 594 -42.57 -20.18 9.01
CA SER A 594 -41.79 -19.46 8.00
C SER A 594 -42.41 -18.11 7.68
N GLN A 595 -41.73 -17.04 8.11
CA GLN A 595 -42.17 -15.67 7.90
C GLN A 595 -41.00 -14.76 7.60
N ARG A 596 -41.28 -13.69 6.86
CA ARG A 596 -40.29 -12.69 6.43
C ARG A 596 -39.56 -11.91 7.53
N GLN A 597 -38.45 -11.29 7.14
CA GLN A 597 -37.61 -10.47 8.00
C GLN A 597 -36.84 -9.46 7.15
N ILE A 598 -36.40 -8.37 7.76
CA ILE A 598 -35.69 -7.30 7.05
C ILE A 598 -34.50 -6.71 7.81
N ASN A 599 -33.36 -6.60 7.13
CA ASN A 599 -32.13 -6.03 7.66
C ASN A 599 -31.58 -4.97 6.72
N ALA A 600 -31.21 -3.81 7.26
CA ALA A 600 -30.67 -2.75 6.40
C ALA A 600 -29.56 -2.01 7.13
N TYR A 601 -28.93 -1.06 6.42
CA TYR A 601 -27.82 -0.29 6.96
C TYR A 601 -27.80 1.10 6.32
N TYR A 602 -27.42 2.10 7.12
CA TYR A 602 -27.40 3.50 6.67
C TYR A 602 -26.23 4.25 7.28
N SER A 603 -25.11 4.28 6.57
CA SER A 603 -23.91 4.98 7.03
C SER A 603 -23.49 6.18 6.19
N HIS A 604 -22.67 7.04 6.79
CA HIS A 604 -22.04 8.17 6.11
C HIS A 604 -20.74 8.47 6.85
N ARG A 605 -19.61 8.26 6.18
CA ARG A 605 -18.33 8.50 6.85
C ARG A 605 -17.94 9.99 6.83
N SER A 606 -18.40 10.70 7.84
CA SER A 606 -18.09 12.11 7.96
C SER A 606 -16.64 12.22 8.43
N PRO A 607 -15.89 13.24 7.97
CA PRO A 607 -14.47 13.36 8.36
C PRO A 607 -14.23 13.75 9.82
N LEU A 608 -15.25 14.24 10.53
CA LEU A 608 -15.09 14.59 11.94
C LEU A 608 -15.14 13.29 12.73
N ALA A 609 -16.12 12.44 12.42
CA ALA A 609 -16.36 11.13 13.02
C ALA A 609 -17.30 10.37 12.09
N ASN A 610 -16.95 9.12 11.78
CA ASN A 610 -17.80 8.32 10.90
C ASN A 610 -18.96 7.71 11.70
N LEU A 611 -20.15 7.69 11.11
CA LEU A 611 -21.32 7.16 11.81
C LEU A 611 -22.30 6.41 10.93
N SER A 612 -23.12 5.56 11.55
CA SER A 612 -24.06 4.67 10.90
C SER A 612 -25.44 4.55 11.55
N ALA A 613 -26.41 4.04 10.79
CA ALA A 613 -27.75 3.79 11.30
C ALA A 613 -28.18 2.40 10.84
N ASN A 614 -28.76 1.62 11.76
CA ASN A 614 -29.15 0.24 11.47
C ASN A 614 -30.56 -0.18 11.87
N ILE A 615 -31.34 -0.66 10.90
CA ILE A 615 -32.67 -1.23 11.16
C ILE A 615 -32.55 -2.74 10.95
N ALA A 616 -32.83 -3.51 11.99
CA ALA A 616 -32.71 -4.96 11.95
C ALA A 616 -33.94 -5.65 12.51
N SER A 617 -34.04 -6.94 12.24
CA SER A 617 -35.15 -7.76 12.70
C SER A 617 -34.79 -9.22 12.92
N LEU A 618 -35.79 -10.03 13.19
CA LEU A 618 -35.66 -11.47 13.42
C LEU A 618 -36.96 -12.19 13.05
N GLN A 619 -37.11 -13.43 13.54
CA GLN A 619 -38.21 -14.37 13.27
C GLN A 619 -39.66 -13.87 13.34
N LYS A 620 -40.10 -13.37 14.49
CA LYS A 620 -41.49 -12.90 14.58
C LYS A 620 -41.67 -11.39 14.28
N GLY A 621 -41.16 -10.96 13.11
CA GLY A 621 -41.21 -9.63 12.52
C GLY A 621 -41.03 -8.39 13.37
N TYR A 622 -39.89 -8.25 14.04
CA TYR A 622 -39.70 -7.10 14.90
C TYR A 622 -39.13 -5.88 14.15
N THR A 623 -38.85 -4.82 14.88
CA THR A 623 -38.30 -3.59 14.31
C THR A 623 -37.31 -3.00 15.29
N SER A 624 -36.06 -2.84 14.87
CA SER A 624 -35.02 -2.31 15.74
C SER A 624 -34.26 -1.14 15.10
N PHE A 625 -34.76 0.07 15.32
CA PHE A 625 -34.14 1.27 14.76
C PHE A 625 -32.91 1.68 15.58
N GLY A 626 -31.77 1.77 14.92
CA GLY A 626 -30.54 2.11 15.60
C GLY A 626 -29.73 3.22 14.96
N VAL A 627 -28.75 3.71 15.74
CA VAL A 627 -27.79 4.75 15.37
C VAL A 627 -26.45 4.34 15.99
N SER A 628 -25.40 4.30 15.17
CA SER A 628 -24.07 3.91 15.61
C SER A 628 -23.02 4.93 15.18
N ALA A 629 -22.07 5.24 16.05
CA ALA A 629 -21.02 6.20 15.71
C ALA A 629 -19.65 5.67 16.12
N SER A 630 -18.63 6.01 15.35
CA SER A 630 -17.27 5.57 15.65
C SER A 630 -16.20 6.61 15.32
N GLY A 631 -14.99 6.38 15.84
CA GLY A 631 -13.88 7.29 15.65
C GLY A 631 -13.22 7.57 16.98
N GLY A 632 -12.43 8.63 17.03
CA GLY A 632 -11.79 8.92 18.31
C GLY A 632 -11.24 10.33 18.38
N ALA A 633 -10.58 10.62 19.50
CA ALA A 633 -10.01 11.93 19.75
C ALA A 633 -8.64 11.80 20.42
N THR A 634 -7.85 12.87 20.30
CA THR A 634 -6.51 12.99 20.89
C THR A 634 -6.52 14.24 21.77
N ILE A 635 -6.92 14.06 23.02
CA ILE A 635 -7.02 15.17 23.97
C ILE A 635 -5.68 15.38 24.70
N THR A 636 -5.36 16.65 24.99
CA THR A 636 -4.16 17.14 25.71
C THR A 636 -2.78 16.70 25.22
N GLY A 637 -2.47 17.04 23.96
CA GLY A 637 -1.17 16.79 23.39
C GLY A 637 -0.63 18.20 23.27
N LYS A 638 -0.18 18.63 22.10
CA LYS A 638 0.20 20.03 21.96
C LYS A 638 -1.08 20.79 21.64
N ASP A 639 -2.00 20.14 20.93
CA ASP A 639 -3.31 20.64 20.55
C ASP A 639 -4.25 19.46 20.46
N ALA A 640 -5.56 19.72 20.56
CA ALA A 640 -6.53 18.63 20.49
C ALA A 640 -6.95 18.37 19.04
N ALA A 641 -7.49 17.19 18.80
CA ALA A 641 -7.97 16.76 17.49
C ALA A 641 -8.97 15.64 17.70
N LEU A 642 -9.89 15.51 16.73
CA LEU A 642 -10.91 14.46 16.72
C LEU A 642 -10.96 13.80 15.35
N HIS A 643 -10.87 12.47 15.31
CA HIS A 643 -10.87 11.76 14.04
C HIS A 643 -12.00 10.77 13.82
N ALA A 644 -11.94 10.11 12.67
CA ALA A 644 -12.91 9.10 12.24
C ALA A 644 -12.26 7.74 12.06
N GLY A 645 -11.50 4.01 11.80
CA GLY A 645 -10.47 3.58 10.88
C GLY A 645 -9.23 3.05 11.57
N GLY A 646 -9.13 3.32 12.87
CA GLY A 646 -8.01 2.87 13.68
C GLY A 646 -8.11 1.40 14.01
N MET A 647 -7.04 0.63 13.73
CA MET A 647 -7.01 -0.80 14.03
C MET A 647 -6.96 -1.06 15.54
N SER A 648 -6.28 -0.20 16.27
CA SER A 648 -6.18 -0.28 17.73
C SER A 648 -5.93 1.15 18.17
N GLY A 649 -5.50 1.34 19.42
CA GLY A 649 -5.23 2.70 19.83
C GLY A 649 -3.82 3.02 19.40
N GLY A 650 -3.69 3.75 18.30
CA GLY A 650 -2.39 4.12 17.79
C GLY A 650 -2.31 3.95 16.29
N THR A 651 -1.06 3.90 15.81
CA THR A 651 -0.60 3.76 14.41
C THR A 651 -1.18 4.83 13.47
N ARG A 652 -1.09 6.08 13.89
CA ARG A 652 -1.58 7.21 13.10
C ARG A 652 -0.79 8.50 13.30
N LEU A 653 -0.70 9.32 12.24
CA LEU A 653 0.02 10.59 12.28
C LEU A 653 -0.93 11.80 12.27
N LEU A 654 -0.56 12.84 13.02
CA LEU A 654 -1.36 14.08 13.08
C LEU A 654 -0.66 15.31 12.48
N VAL A 655 -1.06 15.69 11.26
CA VAL A 655 -0.51 16.86 10.59
C VAL A 655 -1.06 18.17 11.18
N ASP A 656 -0.17 19.09 11.55
CA ASP A 656 -0.57 20.35 12.15
C ASP A 656 -0.24 21.60 11.33
N THR A 657 -1.07 22.63 11.51
CA THR A 657 -0.99 23.96 10.87
C THR A 657 -1.58 25.02 11.78
N ASP A 658 -1.74 26.24 11.26
CA ASP A 658 -2.32 27.35 12.00
C ASP A 658 -3.10 28.29 11.08
N GLY A 659 -4.26 28.75 11.58
CA GLY A 659 -5.09 29.69 10.84
C GLY A 659 -5.79 29.16 9.61
N VAL A 660 -6.18 27.89 9.59
CA VAL A 660 -6.86 27.30 8.45
C VAL A 660 -8.26 26.90 8.92
N GLY A 661 -9.21 26.78 7.98
CA GLY A 661 -10.56 26.40 8.31
C GLY A 661 -10.75 24.90 8.13
N GLY A 662 -10.28 24.39 7.00
CA GLY A 662 -10.38 22.96 6.72
C GLY A 662 -9.67 22.55 5.45
N VAL A 663 -8.85 21.50 5.53
CA VAL A 663 -8.12 20.96 4.39
C VAL A 663 -8.15 19.44 4.43
N PRO A 664 -8.60 18.76 3.37
CA PRO A 664 -8.65 17.30 3.39
C PRO A 664 -7.31 16.67 3.05
N VAL A 665 -7.02 15.56 3.74
CA VAL A 665 -5.79 14.80 3.56
C VAL A 665 -6.18 13.58 2.74
N ASP A 666 -5.36 13.24 1.74
CA ASP A 666 -5.63 12.10 0.86
C ASP A 666 -5.49 10.75 1.56
N GLY A 667 -6.21 9.75 1.06
CA GLY A 667 -6.17 8.43 1.64
C GLY A 667 -6.97 8.35 2.93
N GLY A 668 -8.27 8.57 2.83
CA GLY A 668 -9.17 8.53 3.98
C GLY A 668 -10.07 9.75 4.11
N GLN A 669 -9.81 10.80 3.32
CA GLN A 669 -10.51 12.12 3.23
C GLN A 669 -10.93 12.81 4.54
N VAL A 670 -9.98 12.93 5.46
CA VAL A 670 -10.23 13.60 6.73
C VAL A 670 -9.88 15.08 6.64
N VAL A 671 -10.89 15.94 6.82
CA VAL A 671 -10.72 17.39 6.75
C VAL A 671 -10.39 17.85 8.17
N THR A 672 -9.78 19.02 8.32
CA THR A 672 -9.48 19.50 9.65
C THR A 672 -10.67 20.30 10.15
N ASN A 673 -10.77 20.45 11.47
CA ASN A 673 -11.84 21.20 12.09
C ASN A 673 -11.47 22.68 12.26
N ARG A 674 -12.25 23.42 13.07
CA ARG A 674 -12.05 24.86 13.28
C ARG A 674 -10.73 25.32 13.91
N TRP A 675 -10.02 24.46 14.66
CA TRP A 675 -8.73 24.90 15.17
C TRP A 675 -7.64 24.49 14.18
N GLY A 676 -7.99 23.68 13.19
CA GLY A 676 -7.09 23.25 12.13
C GLY A 676 -6.09 22.12 12.33
N THR A 677 -6.56 20.94 12.76
CA THR A 677 -5.70 19.78 12.93
C THR A 677 -6.43 18.58 12.34
N GLY A 678 -5.72 17.82 11.51
CA GLY A 678 -6.31 16.64 10.90
C GLY A 678 -5.43 15.44 11.13
N VAL A 679 -6.08 14.31 11.37
CA VAL A 679 -5.38 13.05 11.62
C VAL A 679 -6.01 11.87 10.87
N VAL A 680 -5.21 11.21 10.03
CA VAL A 680 -5.61 10.06 9.23
C VAL A 680 -5.23 8.76 9.95
N THR A 681 -6.22 7.87 10.18
CA THR A 681 -6.01 6.63 10.93
C THR A 681 -6.07 5.30 10.18
N ASP A 682 -6.52 5.28 8.93
CA ASP A 682 -6.59 4.00 8.20
C ASP A 682 -5.31 3.66 7.43
N ILE A 683 -4.18 3.58 8.12
CA ILE A 683 -2.89 3.28 7.52
C ILE A 683 -2.25 2.02 8.09
N SER A 684 -1.07 1.67 7.56
CA SER A 684 -0.32 0.48 7.96
C SER A 684 0.82 0.73 8.95
N SER A 685 1.54 -0.34 9.28
CA SER A 685 2.65 -0.33 10.22
C SER A 685 4.01 -0.56 9.57
N TYR A 686 5.02 0.20 10.05
CA TYR A 686 6.43 0.19 9.63
C TYR A 686 6.67 0.37 8.12
N TYR A 687 6.29 1.54 7.61
CA TYR A 687 6.48 1.87 6.22
C TYR A 687 6.60 3.38 6.09
N ARG A 688 7.22 3.82 4.99
CA ARG A 688 7.40 5.25 4.76
C ARG A 688 6.10 5.87 4.27
N ASN A 689 5.32 6.44 5.18
CA ASN A 689 4.04 7.05 4.84
C ASN A 689 4.16 8.51 4.43
N THR A 690 3.58 8.83 3.27
CA THR A 690 3.58 10.18 2.71
C THR A 690 2.15 10.69 2.60
N THR A 691 1.95 11.95 2.97
CA THR A 691 0.65 12.61 2.91
C THR A 691 0.77 13.88 2.08
N SER A 692 -0.10 14.03 1.08
CA SER A 692 -0.08 15.18 0.20
C SER A 692 -1.35 16.03 0.26
N VAL A 693 -1.43 17.05 -0.59
CA VAL A 693 -2.56 17.97 -0.64
C VAL A 693 -3.29 17.79 -1.99
N ASP A 694 -4.63 17.81 -1.93
CA ASP A 694 -5.52 17.66 -3.07
C ASP A 694 -5.72 18.97 -3.85
N LEU A 695 -5.11 19.07 -5.02
CA LEU A 695 -5.19 20.27 -5.83
C LEU A 695 -6.54 20.53 -6.52
N LYS A 696 -7.40 19.52 -6.63
CA LYS A 696 -8.68 19.71 -7.33
C LYS A 696 -9.87 20.04 -6.44
N ARG A 697 -9.70 20.04 -5.12
CA ARG A 697 -10.82 20.36 -4.24
C ARG A 697 -10.46 21.29 -3.08
N LEU A 698 -9.56 22.25 -3.31
CA LEU A 698 -9.20 23.17 -2.23
C LEU A 698 -9.93 24.51 -2.37
N PRO A 699 -10.27 25.18 -1.27
CA PRO A 699 -10.92 26.50 -1.38
C PRO A 699 -9.89 27.55 -1.74
N ASP A 700 -10.38 28.70 -2.22
CA ASP A 700 -9.49 29.77 -2.67
C ASP A 700 -9.08 30.77 -1.59
N ASP A 701 -8.58 30.28 -0.46
CA ASP A 701 -8.12 31.18 0.61
C ASP A 701 -6.76 30.74 1.15
N VAL A 702 -6.38 29.47 0.99
CA VAL A 702 -5.11 28.97 1.52
C VAL A 702 -4.22 28.55 0.34
N GLU A 703 -2.91 28.39 0.62
CA GLU A 703 -1.93 27.96 -0.37
C GLU A 703 -0.93 26.99 0.26
N ALA A 704 -0.73 25.84 -0.40
CA ALA A 704 0.18 24.81 0.09
C ALA A 704 1.46 24.81 -0.73
N THR A 705 2.58 25.10 -0.07
CA THR A 705 3.89 25.12 -0.74
C THR A 705 4.69 23.81 -0.66
N ARG A 706 4.80 23.21 0.54
CA ARG A 706 5.53 21.96 0.74
C ARG A 706 4.59 20.76 0.87
N SER A 707 4.30 20.11 -0.27
CA SER A 707 3.41 18.96 -0.26
C SER A 707 3.96 17.66 0.34
N VAL A 708 5.01 17.11 -0.27
CA VAL A 708 5.63 15.84 0.12
C VAL A 708 6.52 15.91 1.38
N VAL A 709 6.23 15.06 2.37
CA VAL A 709 6.98 14.98 3.63
C VAL A 709 6.94 13.51 4.08
N GLU A 710 7.84 13.14 5.01
CA GLU A 710 7.95 11.77 5.51
C GLU A 710 7.73 11.66 7.02
N SER A 711 7.31 10.47 7.47
CA SER A 711 7.02 10.21 8.88
C SER A 711 7.39 8.79 9.29
N ALA A 712 7.40 8.53 10.61
CA ALA A 712 7.81 7.21 11.10
C ALA A 712 7.08 6.68 12.33
N LEU A 713 6.04 5.89 12.12
CA LEU A 713 5.38 5.24 13.24
C LEU A 713 5.72 3.74 13.26
N THR A 714 6.08 3.19 14.43
CA THR A 714 6.32 1.75 14.44
C THR A 714 4.96 1.06 14.62
N GLU A 715 4.32 1.30 15.76
CA GLU A 715 3.00 0.84 16.19
C GLU A 715 2.68 1.67 17.43
N GLY A 716 1.48 2.25 17.48
CA GLY A 716 1.09 3.08 18.59
C GLY A 716 1.74 4.44 18.74
N ALA A 717 2.54 4.89 17.78
CA ALA A 717 3.20 6.18 17.90
C ALA A 717 2.52 7.25 17.04
N ILE A 718 2.65 8.50 17.47
CA ILE A 718 2.11 9.67 16.78
C ILE A 718 3.23 10.54 16.21
N GLY A 719 3.14 10.84 14.92
CA GLY A 719 4.13 11.66 14.26
C GLY A 719 3.98 13.15 14.54
N TYR A 720 4.81 13.92 13.86
CA TYR A 720 4.79 15.37 13.99
C TYR A 720 5.19 15.98 12.65
N ARG A 721 4.21 16.52 11.92
CA ARG A 721 4.45 17.10 10.60
C ARG A 721 3.80 18.46 10.38
N LYS A 722 4.60 19.52 10.41
CA LYS A 722 4.09 20.85 10.13
C LYS A 722 4.40 21.24 8.69
N PHE A 723 3.42 21.82 8.00
CA PHE A 723 3.62 22.27 6.64
C PHE A 723 3.19 23.73 6.53
N SER A 724 3.90 24.51 5.72
CA SER A 724 3.59 25.93 5.56
C SER A 724 2.75 26.21 4.33
N TRP B 21 -44.95 -67.42 12.79
CA TRP B 21 -45.61 -66.19 12.37
C TRP B 21 -45.58 -65.16 13.51
N ASN B 22 -45.56 -63.89 13.13
CA ASN B 22 -45.55 -62.80 14.11
C ASN B 22 -46.49 -61.64 13.75
N ASN B 23 -47.70 -61.68 14.31
CA ASN B 23 -48.72 -60.68 14.08
C ASN B 23 -48.63 -59.63 15.18
N ILE B 24 -48.80 -58.36 14.80
CA ILE B 24 -48.67 -57.25 15.73
C ILE B 24 -49.99 -56.49 15.89
N VAL B 25 -50.49 -56.39 17.13
CA VAL B 25 -51.70 -55.67 17.46
C VAL B 25 -51.38 -54.55 18.44
N PHE B 26 -51.64 -53.31 18.05
CA PHE B 26 -51.37 -52.13 18.86
C PHE B 26 -52.61 -51.53 19.53
N TYR B 27 -52.47 -51.14 20.80
CA TYR B 27 -53.56 -50.48 21.53
C TYR B 27 -53.02 -49.42 22.49
N SER B 28 -53.29 -48.15 22.17
CA SER B 28 -52.81 -46.99 22.92
C SER B 28 -53.72 -46.42 23.99
N LEU B 29 -53.11 -45.88 25.04
CA LEU B 29 -53.73 -45.29 26.22
C LEU B 29 -54.53 -44.01 25.88
N GLY B 30 -55.47 -43.63 26.77
CA GLY B 30 -56.31 -42.46 26.60
C GLY B 30 -56.46 -41.49 27.76
N ASP B 31 -55.40 -41.23 28.54
CA ASP B 31 -55.51 -40.33 29.69
C ASP B 31 -55.09 -38.87 29.45
N VAL B 32 -55.73 -37.97 30.20
CA VAL B 32 -55.48 -36.52 30.16
C VAL B 32 -55.22 -36.05 31.59
N ASN B 33 -54.04 -35.48 31.83
CA ASN B 33 -53.66 -34.99 33.15
C ASN B 33 -53.20 -33.54 33.14
N SER B 34 -53.41 -32.84 34.27
CA SER B 34 -53.04 -31.44 34.44
C SER B 34 -52.07 -31.23 35.60
N TYR B 35 -51.20 -30.24 35.47
CA TYR B 35 -50.21 -29.89 36.50
C TYR B 35 -49.84 -28.42 36.47
N GLN B 36 -49.57 -27.85 37.64
CA GLN B 36 -49.16 -26.45 37.79
C GLN B 36 -47.66 -26.40 38.02
N GLY B 37 -46.92 -25.82 37.07
CA GLY B 37 -45.47 -25.75 37.18
C GLY B 37 -44.92 -24.67 38.09
N GLY B 38 -45.70 -23.62 38.35
CA GLY B 38 -45.25 -22.55 39.23
C GLY B 38 -44.39 -21.50 38.56
N ASN B 39 -43.69 -20.75 39.42
CA ASN B 39 -42.80 -19.68 38.99
C ASN B 39 -41.38 -20.19 38.74
N VAL B 40 -40.90 -20.01 37.50
CA VAL B 40 -39.57 -20.47 37.11
C VAL B 40 -38.65 -19.41 36.52
N VAL B 41 -37.35 -19.72 36.53
CA VAL B 41 -36.30 -18.89 35.94
C VAL B 41 -35.77 -19.87 34.89
N ILE B 42 -34.99 -19.37 33.92
CA ILE B 42 -34.55 -20.27 32.85
C ILE B 42 -33.41 -21.27 33.13
N THR B 43 -32.54 -21.02 34.13
CA THR B 43 -31.44 -21.97 34.32
C THR B 43 -31.81 -23.04 35.35
N GLN B 44 -32.81 -22.79 36.19
CA GLN B 44 -33.23 -23.77 37.18
C GLN B 44 -34.09 -24.80 36.44
N ARG B 45 -34.17 -26.01 37.00
CA ARG B 45 -34.94 -27.04 36.33
C ARG B 45 -36.16 -27.47 37.14
N PRO B 46 -37.37 -27.20 36.64
CA PRO B 46 -38.57 -27.63 37.37
C PRO B 46 -38.81 -29.12 37.18
N GLN B 47 -38.83 -29.84 38.29
CA GLN B 47 -39.04 -31.28 38.25
C GLN B 47 -40.53 -31.57 38.07
N PHE B 48 -40.81 -32.64 37.35
CA PHE B 48 -42.18 -33.04 37.05
C PHE B 48 -42.25 -34.56 37.12
N ILE B 49 -43.35 -35.06 37.67
CA ILE B 49 -43.57 -36.49 37.80
C ILE B 49 -44.55 -36.97 36.73
N THR B 50 -44.15 -38.01 36.00
CA THR B 50 -44.97 -38.60 34.95
C THR B 50 -45.63 -39.83 35.58
N SER B 51 -46.78 -39.62 36.20
CA SER B 51 -47.47 -40.72 36.85
C SER B 51 -48.25 -41.58 35.86
N TRP B 52 -48.22 -42.89 36.10
CA TRP B 52 -48.92 -43.84 35.25
C TRP B 52 -50.31 -44.12 35.81
N ARG B 53 -51.32 -44.03 34.95
CA ARG B 53 -52.70 -44.29 35.35
C ARG B 53 -53.27 -45.45 34.54
N PRO B 54 -53.66 -46.56 35.17
CA PRO B 54 -54.25 -47.68 34.41
C PRO B 54 -55.69 -47.40 34.06
N GLY B 55 -55.91 -46.64 32.99
CA GLY B 55 -57.25 -46.28 32.57
C GLY B 55 -57.68 -46.91 31.25
N ILE B 56 -58.50 -46.17 30.50
CA ILE B 56 -59.00 -46.66 29.22
C ILE B 56 -57.92 -46.69 28.13
N ALA B 57 -58.15 -47.52 27.11
CA ALA B 57 -57.19 -47.66 26.02
C ALA B 57 -57.93 -47.86 24.71
N THR B 58 -57.28 -47.50 23.61
CA THR B 58 -57.88 -47.61 22.28
C THR B 58 -56.95 -48.29 21.29
N VAL B 59 -57.48 -49.29 20.57
CA VAL B 59 -56.75 -50.03 19.56
C VAL B 59 -56.70 -49.21 18.27
N THR B 60 -55.48 -49.04 17.71
CA THR B 60 -55.28 -48.20 16.52
C THR B 60 -54.64 -48.88 15.31
N TRP B 61 -54.02 -50.04 15.46
CA TRP B 61 -53.37 -50.69 14.31
C TRP B 61 -53.46 -52.21 14.35
N ASN B 62 -54.14 -52.78 13.35
CA ASN B 62 -54.32 -54.22 13.23
C ASN B 62 -53.84 -54.82 11.92
N GLN B 63 -53.35 -56.06 11.98
CA GLN B 63 -52.89 -56.83 10.83
C GLN B 63 -53.29 -58.29 11.05
N CYS B 64 -54.02 -58.87 10.09
CA CYS B 64 -54.49 -60.23 10.20
C CYS B 64 -54.15 -61.09 8.98
N ASN B 65 -53.39 -62.16 9.21
CA ASN B 65 -53.00 -63.08 8.15
C ASN B 65 -53.20 -64.50 8.68
N GLY B 66 -53.43 -64.66 9.97
CA GLY B 66 -53.64 -65.96 10.58
C GLY B 66 -55.09 -66.16 10.99
N PRO B 67 -55.31 -66.84 12.13
CA PRO B 67 -56.70 -67.05 12.58
C PRO B 67 -57.26 -65.82 13.27
N GLY B 68 -58.58 -65.78 13.46
CA GLY B 68 -59.24 -64.66 14.11
C GLY B 68 -59.70 -65.02 15.52
N PHE B 69 -60.37 -66.16 15.68
CA PHE B 69 -60.89 -66.59 16.97
C PHE B 69 -60.19 -67.85 17.48
N ALA B 70 -60.18 -68.01 18.80
CA ALA B 70 -59.58 -69.16 19.47
C ALA B 70 -60.42 -69.49 20.69
N ASP B 71 -60.70 -70.78 20.89
CA ASP B 71 -61.50 -71.20 22.04
C ASP B 71 -60.65 -71.70 23.20
N GLY B 72 -59.33 -71.72 23.05
CA GLY B 72 -58.48 -72.17 24.13
C GLY B 72 -58.33 -73.66 24.28
N PHE B 73 -58.17 -74.40 23.18
CA PHE B 73 -58.01 -75.84 23.24
C PHE B 73 -56.61 -76.20 22.78
N TRP B 74 -55.82 -75.19 22.40
CA TRP B 74 -54.43 -75.36 21.96
C TRP B 74 -53.56 -74.62 22.97
N ALA B 75 -52.31 -75.06 23.09
CA ALA B 75 -51.38 -74.42 24.02
C ALA B 75 -50.85 -73.14 23.38
N TYR B 76 -51.12 -72.00 24.01
CA TYR B 76 -50.68 -70.72 23.46
C TYR B 76 -49.91 -69.90 24.47
N TYR B 77 -48.74 -69.46 24.05
CA TYR B 77 -47.83 -68.63 24.85
C TYR B 77 -47.88 -67.19 24.34
N ARG B 78 -47.70 -66.23 25.26
CA ARG B 78 -47.74 -64.80 24.95
C ARG B 78 -46.52 -64.02 25.43
N GLU B 79 -46.33 -62.82 24.86
CA GLU B 79 -45.23 -61.92 25.22
C GLU B 79 -45.78 -60.50 25.36
N TYR B 80 -45.03 -59.67 26.10
CA TYR B 80 -45.41 -58.29 26.33
C TYR B 80 -44.24 -57.31 26.29
N ILE B 81 -44.37 -56.26 25.48
CA ILE B 81 -43.38 -55.19 25.36
C ILE B 81 -44.17 -53.88 25.33
N ALA B 82 -43.82 -52.94 26.21
CA ALA B 82 -44.49 -51.64 26.31
C ALA B 82 -43.80 -50.62 25.41
N TRP B 83 -44.56 -49.59 25.03
CA TRP B 83 -44.05 -48.50 24.19
C TRP B 83 -44.62 -47.13 24.49
N VAL B 84 -43.80 -46.25 25.07
CA VAL B 84 -44.18 -44.87 25.36
C VAL B 84 -43.16 -44.01 24.61
N VAL B 85 -43.61 -43.34 23.55
CA VAL B 85 -42.72 -42.51 22.74
C VAL B 85 -43.15 -41.05 22.65
N PHE B 86 -42.27 -40.15 23.13
CA PHE B 86 -42.48 -38.71 23.09
C PHE B 86 -41.28 -38.07 22.39
N PRO B 87 -41.50 -37.03 21.57
CA PRO B 87 -40.37 -36.38 20.90
C PRO B 87 -39.65 -35.41 21.83
N LYS B 88 -38.35 -35.26 21.61
CA LYS B 88 -37.58 -34.32 22.41
C LYS B 88 -37.86 -32.90 21.92
N LYS B 89 -37.94 -32.73 20.60
CA LYS B 89 -38.22 -31.43 20.01
C LYS B 89 -39.75 -31.30 19.90
N VAL B 90 -40.25 -30.08 20.11
CA VAL B 90 -41.70 -29.83 20.04
C VAL B 90 -41.98 -28.43 19.49
N MET B 91 -42.86 -28.34 18.49
CA MET B 91 -43.24 -27.06 17.90
C MET B 91 -44.17 -26.27 18.84
N THR B 92 -43.85 -24.99 19.02
CA THR B 92 -44.60 -24.08 19.86
C THR B 92 -45.42 -23.13 19.00
N GLN B 93 -46.07 -22.17 19.64
CA GLN B 93 -46.88 -21.20 18.91
C GLN B 93 -45.99 -20.15 18.27
N ASN B 94 -44.86 -19.84 18.89
CA ASN B 94 -43.90 -18.85 18.38
C ASN B 94 -42.73 -19.40 17.57
N GLY B 95 -42.58 -20.72 17.46
CA GLY B 95 -41.53 -21.29 16.60
C GLY B 95 -40.18 -21.69 17.18
N TYR B 96 -40.00 -21.74 18.51
CA TYR B 96 -38.67 -22.16 18.95
C TYR B 96 -38.65 -23.55 19.58
N PRO B 97 -37.61 -24.36 19.33
CA PRO B 97 -37.58 -25.72 19.90
C PRO B 97 -37.17 -25.77 21.36
N LEU B 98 -37.69 -26.79 22.03
CA LEU B 98 -37.41 -27.06 23.44
C LEU B 98 -36.45 -28.24 23.50
N PHE B 99 -35.17 -27.98 23.77
CA PHE B 99 -34.18 -29.06 23.81
C PHE B 99 -34.20 -29.79 25.15
N ILE B 100 -35.11 -30.75 25.29
CA ILE B 100 -35.27 -31.53 26.51
C ILE B 100 -34.38 -32.79 26.53
N GLU B 101 -33.61 -32.96 27.60
CA GLU B 101 -32.73 -34.12 27.77
C GLU B 101 -33.13 -35.00 28.94
N VAL B 102 -32.77 -36.28 28.87
CA VAL B 102 -33.06 -37.28 29.90
C VAL B 102 -32.13 -37.15 31.11
N HIS B 103 -32.71 -36.91 32.29
CA HIS B 103 -31.93 -36.76 33.52
C HIS B 103 -31.42 -38.04 34.17
N ASN B 104 -32.31 -39.01 34.43
CA ASN B 104 -31.92 -40.25 35.12
C ASN B 104 -32.37 -41.50 34.37
N LYS B 105 -31.62 -42.59 34.55
CA LYS B 105 -31.91 -43.85 33.86
C LYS B 105 -32.72 -44.82 34.72
N GLY B 106 -32.49 -44.87 36.03
CA GLY B 106 -33.24 -45.79 36.87
C GLY B 106 -32.79 -47.24 36.71
N SER B 107 -33.78 -48.14 36.63
CA SER B 107 -33.57 -49.57 36.46
C SER B 107 -33.86 -49.97 35.01
N TRP B 108 -33.58 -49.08 34.07
CA TRP B 108 -33.85 -49.29 32.65
C TRP B 108 -32.72 -50.00 31.87
N SER B 109 -32.96 -50.25 30.59
CA SER B 109 -32.03 -50.86 29.62
C SER B 109 -32.07 -49.97 28.38
N GLU B 110 -31.17 -49.00 28.33
CA GLU B 110 -31.15 -48.02 27.24
C GLU B 110 -30.58 -48.54 25.92
N GLU B 111 -31.32 -48.34 24.83
CA GLU B 111 -30.91 -48.75 23.50
C GLU B 111 -31.32 -47.65 22.51
N ASN B 112 -30.59 -47.59 21.38
CA ASN B 112 -30.79 -46.64 20.26
C ASN B 112 -30.90 -45.15 20.58
N THR B 113 -29.81 -44.57 21.09
CA THR B 113 -29.76 -43.16 21.45
C THR B 113 -29.52 -42.26 20.22
N GLY B 114 -29.22 -42.84 19.07
CA GLY B 114 -28.93 -42.11 17.83
C GLY B 114 -30.10 -41.44 17.12
N ASP B 115 -31.32 -41.50 17.66
CA ASP B 115 -32.45 -40.85 17.00
C ASP B 115 -32.67 -39.47 17.63
N ASN B 116 -33.15 -38.53 16.80
CA ASN B 116 -33.39 -37.17 17.27
C ASN B 116 -34.84 -36.71 17.26
N ASP B 117 -35.76 -37.51 16.73
CA ASP B 117 -37.16 -37.09 16.71
C ASP B 117 -37.96 -37.96 17.67
N SER B 118 -37.34 -39.02 18.21
CA SER B 118 -38.01 -39.91 19.15
C SER B 118 -37.06 -40.65 20.06
N TYR B 119 -37.47 -40.79 21.32
CA TYR B 119 -36.74 -41.57 22.30
C TYR B 119 -37.58 -42.85 22.31
N PHE B 120 -37.06 -43.94 22.88
CA PHE B 120 -37.83 -45.18 22.85
C PHE B 120 -37.80 -46.01 24.14
N PHE B 121 -38.98 -46.21 24.71
CA PHE B 121 -39.19 -46.92 25.96
C PHE B 121 -39.70 -48.34 25.71
N LEU B 122 -39.01 -49.34 26.27
CA LEU B 122 -39.43 -50.73 26.14
C LEU B 122 -39.15 -51.46 27.46
N LYS B 123 -40.08 -52.29 27.89
CA LYS B 123 -39.96 -53.00 29.17
C LYS B 123 -40.49 -54.42 29.18
N GLY B 124 -39.59 -55.38 29.42
CA GLY B 124 -39.92 -56.80 29.53
C GLY B 124 -39.84 -57.32 30.96
N TYR B 125 -40.97 -57.68 31.58
CA TYR B 125 -40.92 -58.17 32.95
C TYR B 125 -41.47 -59.58 33.14
N LYS B 126 -42.33 -60.06 32.25
CA LYS B 126 -42.91 -61.40 32.37
C LYS B 126 -42.71 -62.20 31.08
N TRP B 127 -42.24 -63.43 31.23
CA TRP B 127 -41.96 -64.31 30.11
C TRP B 127 -42.23 -65.77 30.50
N ASP B 128 -42.28 -66.66 29.50
CA ASP B 128 -42.53 -68.10 29.55
C ASP B 128 -43.81 -68.51 30.26
N GLU B 129 -44.96 -68.10 29.72
CA GLU B 129 -46.26 -68.45 30.27
C GLU B 129 -47.20 -68.96 29.19
N ARG B 130 -47.71 -70.18 29.37
CA ARG B 130 -48.64 -70.78 28.42
C ARG B 130 -50.06 -70.62 28.94
N ALA B 131 -50.95 -70.16 28.07
CA ALA B 131 -52.33 -69.89 28.46
C ALA B 131 -53.30 -70.94 27.91
N PHE B 132 -54.47 -70.96 28.54
CA PHE B 132 -55.61 -71.84 28.26
C PHE B 132 -56.81 -70.90 28.23
N ASP B 133 -56.63 -69.71 27.65
CA ASP B 133 -57.67 -68.69 27.60
C ASP B 133 -58.28 -68.48 26.22
N ALA B 134 -59.60 -68.29 26.19
CA ALA B 134 -60.34 -68.03 24.96
C ALA B 134 -60.48 -66.54 24.75
N GLY B 135 -60.11 -66.04 23.58
CA GLY B 135 -60.21 -64.61 23.35
C GLY B 135 -60.23 -64.24 21.89
N ASN B 136 -59.96 -62.97 21.64
CA ASN B 136 -59.93 -62.38 20.30
C ASN B 136 -58.48 -62.06 19.94
N LEU B 137 -57.89 -62.85 19.04
CA LEU B 137 -56.49 -62.64 18.66
C LEU B 137 -56.27 -61.47 17.68
N CYS B 138 -57.18 -61.25 16.74
CA CYS B 138 -57.04 -60.14 15.78
C CYS B 138 -58.24 -59.22 15.97
N GLN B 139 -58.04 -58.15 16.73
CA GLN B 139 -59.07 -57.19 17.13
C GLN B 139 -59.29 -56.01 16.18
N LYS B 140 -60.58 -55.63 16.04
CA LYS B 140 -61.01 -54.50 15.23
C LYS B 140 -60.60 -53.22 15.96
N PRO B 141 -60.40 -52.09 15.25
CA PRO B 141 -59.99 -50.83 15.92
C PRO B 141 -61.03 -50.17 16.83
N GLY B 142 -62.31 -50.52 16.75
CA GLY B 142 -63.29 -49.87 17.60
C GLY B 142 -63.69 -50.45 18.95
N GLU B 143 -62.75 -50.69 19.87
CA GLU B 143 -63.09 -51.23 21.18
C GLU B 143 -62.35 -50.56 22.35
N THR B 144 -62.98 -50.61 23.54
CA THR B 144 -62.49 -50.05 24.80
C THR B 144 -62.53 -51.21 25.79
N THR B 145 -61.54 -51.29 26.69
CA THR B 145 -61.46 -52.36 27.69
C THR B 145 -61.01 -51.86 29.06
N ARG B 146 -60.99 -52.78 30.03
CA ARG B 146 -60.60 -52.52 31.42
C ARG B 146 -59.12 -52.80 31.61
N LEU B 147 -58.45 -51.97 32.42
CA LEU B 147 -57.01 -52.12 32.66
C LEU B 147 -56.55 -51.90 34.10
N THR B 148 -55.89 -52.90 34.68
CA THR B 148 -55.37 -52.86 36.04
C THR B 148 -53.92 -53.37 36.22
N GLU B 149 -52.94 -52.47 36.09
CA GLU B 149 -51.53 -52.84 36.24
C GLU B 149 -50.70 -51.71 36.85
N LYS B 150 -50.07 -52.00 37.99
CA LYS B 150 -49.25 -51.02 38.71
C LYS B 150 -47.74 -51.28 38.66
N PHE B 151 -46.98 -50.30 38.16
CA PHE B 151 -45.52 -50.36 38.11
C PHE B 151 -44.90 -49.01 38.49
N ASP B 152 -43.59 -48.88 38.28
CA ASP B 152 -42.84 -47.68 38.63
C ASP B 152 -43.14 -46.45 37.77
N ASP B 153 -42.88 -45.27 38.35
CA ASP B 153 -43.09 -43.97 37.72
C ASP B 153 -41.88 -43.52 36.90
N ILE B 154 -42.01 -42.34 36.27
CA ILE B 154 -40.98 -41.73 35.43
C ILE B 154 -40.87 -40.32 36.01
N ILE B 155 -39.66 -39.74 35.98
CA ILE B 155 -39.41 -38.40 36.49
C ILE B 155 -38.94 -37.56 35.30
N PHE B 156 -39.49 -36.35 35.18
CA PHE B 156 -39.23 -35.47 34.05
C PHE B 156 -38.72 -34.07 34.38
N LYS B 157 -37.67 -33.64 33.69
CA LYS B 157 -37.08 -32.32 33.84
C LYS B 157 -37.12 -31.61 32.49
N VAL B 158 -37.57 -30.36 32.48
CA VAL B 158 -37.68 -29.57 31.25
C VAL B 158 -36.60 -28.48 31.13
N ALA B 159 -35.74 -28.62 30.12
CA ALA B 159 -34.64 -27.67 29.85
C ALA B 159 -35.12 -26.53 28.95
N LEU B 160 -35.13 -25.32 29.48
CA LEU B 160 -35.57 -24.15 28.74
C LEU B 160 -34.49 -23.72 27.73
N PRO B 161 -34.89 -23.21 26.56
CA PRO B 161 -33.91 -22.78 25.55
C PRO B 161 -33.28 -21.42 25.84
N ALA B 162 -32.53 -20.96 24.85
CA ALA B 162 -31.81 -19.68 24.95
C ALA B 162 -32.76 -18.48 24.85
N ASP B 163 -33.78 -18.56 24.00
CA ASP B 163 -34.70 -17.46 23.81
C ASP B 163 -36.15 -17.82 24.17
N LEU B 164 -36.75 -17.01 25.04
CA LEU B 164 -38.13 -17.16 25.51
C LEU B 164 -38.70 -15.85 26.03
N PRO B 165 -39.87 -15.42 25.52
CA PRO B 165 -40.47 -14.18 26.03
C PRO B 165 -41.22 -14.41 27.34
N LEU B 166 -41.69 -13.35 27.99
CA LEU B 166 -42.41 -13.51 29.24
C LEU B 166 -43.91 -13.76 29.04
N GLY B 167 -44.66 -13.85 30.13
CA GLY B 167 -46.09 -14.08 30.08
C GLY B 167 -46.49 -15.49 30.48
N ASP B 168 -47.72 -15.84 30.12
CA ASP B 168 -48.31 -17.14 30.41
C ASP B 168 -48.20 -17.99 29.16
N TYR B 169 -48.09 -19.30 29.35
CA TYR B 169 -47.96 -20.24 28.24
C TYR B 169 -48.84 -21.47 28.39
N SER B 170 -49.27 -22.01 27.24
CA SER B 170 -50.12 -23.20 27.15
C SER B 170 -49.56 -24.20 26.15
N VAL B 171 -48.26 -24.48 26.25
CA VAL B 171 -47.55 -25.40 25.36
C VAL B 171 -48.02 -26.86 25.41
N LYS B 172 -48.30 -27.42 24.24
CA LYS B 172 -48.77 -28.79 24.12
C LYS B 172 -47.74 -29.72 23.51
N ILE B 173 -47.28 -30.70 24.28
CA ILE B 173 -46.33 -31.69 23.81
C ILE B 173 -47.16 -32.89 23.37
N PRO B 174 -47.04 -33.33 22.11
CA PRO B 174 -47.82 -34.48 21.67
C PRO B 174 -47.10 -35.77 22.02
N TYR B 175 -47.80 -36.68 22.69
CA TYR B 175 -47.18 -37.93 23.08
C TYR B 175 -48.14 -39.10 22.93
N THR B 176 -47.61 -40.19 22.38
CA THR B 176 -48.37 -41.41 22.18
C THR B 176 -47.87 -42.48 23.14
N SER B 177 -48.64 -42.72 24.20
CA SER B 177 -48.31 -43.74 25.20
C SER B 177 -49.20 -44.92 24.89
N GLY B 178 -48.61 -46.11 24.84
CA GLY B 178 -49.42 -47.26 24.50
C GLY B 178 -48.97 -48.54 25.17
N MET B 179 -49.66 -49.62 24.81
CA MET B 179 -49.41 -50.92 25.39
C MET B 179 -49.80 -52.00 24.39
N GLN B 180 -48.85 -52.62 23.69
CA GLN B 180 -49.21 -53.66 22.72
C GLN B 180 -49.01 -55.10 23.21
N ARG B 181 -49.54 -56.05 22.43
CA ARG B 181 -49.46 -57.48 22.70
C ARG B 181 -48.71 -58.23 21.60
N HIS B 182 -47.79 -59.12 22.00
CA HIS B 182 -46.97 -59.92 21.09
C HIS B 182 -47.30 -61.41 21.14
N PHE B 183 -47.96 -61.94 20.11
CA PHE B 183 -48.25 -63.37 20.05
C PHE B 183 -47.58 -64.01 18.84
N ALA B 184 -46.88 -65.12 19.08
CA ALA B 184 -46.14 -65.84 18.03
C ALA B 184 -46.38 -67.34 18.21
N SER B 185 -45.59 -68.17 17.51
CA SER B 185 -45.78 -69.61 17.53
C SER B 185 -44.67 -70.52 18.10
N TYR B 186 -43.46 -70.00 18.35
CA TYR B 186 -42.41 -70.87 18.87
C TYR B 186 -41.61 -70.23 19.99
N LEU B 187 -41.09 -71.07 20.90
CA LEU B 187 -40.35 -70.61 22.06
C LEU B 187 -38.95 -70.10 21.72
N GLY B 188 -38.69 -68.84 22.06
CA GLY B 188 -37.40 -68.21 21.82
C GLY B 188 -37.50 -67.20 20.70
N ALA B 189 -38.69 -66.66 20.49
CA ALA B 189 -38.94 -65.68 19.42
C ALA B 189 -38.81 -64.25 19.98
N ARG B 190 -37.66 -63.63 19.73
CA ARG B 190 -37.39 -62.26 20.16
C ARG B 190 -37.48 -61.37 18.92
N PHE B 191 -38.63 -60.73 18.72
CA PHE B 191 -38.87 -59.88 17.56
C PHE B 191 -39.30 -58.47 17.97
N LYS B 192 -38.80 -57.47 17.25
CA LYS B 192 -39.11 -56.08 17.50
C LYS B 192 -39.78 -55.40 16.32
N ILE B 193 -40.56 -54.37 16.63
CA ILE B 193 -41.31 -53.58 15.63
C ILE B 193 -40.35 -52.63 14.93
N PRO B 194 -40.38 -52.54 13.58
CA PRO B 194 -39.49 -51.63 12.86
C PRO B 194 -39.80 -50.15 13.09
N TYR B 195 -38.74 -49.35 13.09
CA TYR B 195 -38.82 -47.91 13.36
C TYR B 195 -39.58 -47.03 12.37
N ASN B 196 -39.65 -47.42 11.10
CA ASN B 196 -40.34 -46.60 10.11
C ASN B 196 -41.86 -46.65 10.15
N VAL B 197 -42.44 -47.68 10.79
CA VAL B 197 -43.89 -47.80 10.86
C VAL B 197 -44.35 -47.41 12.27
N ALA B 198 -43.43 -47.27 13.23
CA ALA B 198 -43.82 -46.92 14.59
C ALA B 198 -44.14 -45.44 14.76
N LYS B 199 -43.58 -44.57 13.91
CA LYS B 199 -43.83 -43.13 14.03
C LYS B 199 -45.06 -42.64 13.27
N THR B 200 -45.77 -43.52 12.59
CA THR B 200 -46.96 -43.15 11.83
C THR B 200 -48.26 -43.22 12.62
N LEU B 201 -48.19 -43.40 13.94
CA LEU B 201 -49.39 -43.49 14.77
C LEU B 201 -50.08 -42.13 15.00
N PRO B 202 -51.42 -42.13 15.14
CA PRO B 202 -52.14 -40.86 15.36
C PRO B 202 -51.95 -40.26 16.75
N ARG B 203 -52.25 -38.96 16.85
CA ARG B 203 -52.17 -38.13 18.05
C ARG B 203 -53.30 -38.35 19.04
N GLU B 204 -53.15 -39.29 19.98
CA GLU B 204 -54.22 -39.55 20.94
C GLU B 204 -54.17 -38.73 22.24
N ASN B 205 -53.08 -38.84 22.99
CA ASN B 205 -52.95 -38.17 24.28
C ASN B 205 -52.44 -36.73 24.33
N GLU B 206 -53.06 -35.92 25.21
CA GLU B 206 -52.69 -34.53 25.44
C GLU B 206 -52.52 -34.25 26.93
N MET B 207 -51.78 -33.18 27.26
CA MET B 207 -51.54 -32.79 28.65
C MET B 207 -51.67 -31.28 28.86
N LEU B 208 -52.61 -30.85 29.70
CA LEU B 208 -52.87 -29.43 29.96
C LEU B 208 -52.10 -28.87 31.17
N PHE B 209 -50.81 -28.59 30.98
CA PHE B 209 -49.98 -27.99 32.02
C PHE B 209 -49.70 -26.52 31.69
N LEU B 210 -49.60 -25.69 32.73
CA LEU B 210 -49.38 -24.26 32.55
C LEU B 210 -48.07 -23.78 33.21
N PHE B 211 -47.45 -22.76 32.61
CA PHE B 211 -46.18 -22.14 33.01
C PHE B 211 -46.27 -20.62 33.02
N LYS B 212 -45.59 -20.00 33.99
CA LYS B 212 -45.53 -18.55 34.12
C LYS B 212 -44.09 -18.08 34.13
N ASN B 213 -43.78 -17.09 33.29
CA ASN B 213 -42.44 -16.53 33.16
C ASN B 213 -42.33 -15.03 33.37
N ILE B 214 -41.40 -14.59 34.23
CA ILE B 214 -41.19 -13.17 34.46
C ILE B 214 -40.01 -12.75 33.60
N GLY B 215 -39.28 -13.71 33.01
CA GLY B 215 -38.14 -13.37 32.18
C GLY B 215 -36.80 -13.63 32.87
N GLY B 216 -36.00 -14.53 32.30
CA GLY B 216 -34.71 -14.86 32.89
C GLY B 216 -33.51 -14.32 32.15
N CYS B 217 -32.67 -15.21 31.63
CA CYS B 217 -31.47 -14.81 30.91
C CYS B 217 -31.68 -14.77 29.40
N ARG B 218 -31.64 -13.57 28.84
CA ARG B 218 -31.84 -13.40 27.43
C ARG B 218 -30.90 -12.30 26.93
N PRO B 219 -30.28 -12.48 25.75
CA PRO B 219 -29.40 -11.42 25.25
C PRO B 219 -30.21 -10.25 24.70
N SER B 220 -29.70 -9.04 24.96
CA SER B 220 -30.39 -7.83 24.56
C SER B 220 -30.31 -7.48 23.08
N ALA B 221 -29.20 -7.84 22.42
CA ALA B 221 -29.04 -7.47 21.01
C ALA B 221 -29.83 -8.37 20.06
N GLN B 222 -29.53 -9.68 20.03
CA GLN B 222 -30.09 -10.76 19.21
C GLN B 222 -29.97 -10.48 17.69
N SER B 223 -28.99 -9.67 17.26
CA SER B 223 -28.81 -9.37 15.85
C SER B 223 -27.49 -9.87 15.29
N LEU B 224 -26.39 -9.55 15.99
CA LEU B 224 -24.98 -9.88 15.68
C LEU B 224 -24.52 -9.44 14.30
N GLU B 225 -24.58 -8.13 14.07
CA GLU B 225 -24.19 -7.52 12.80
C GLU B 225 -22.76 -6.98 12.82
N ILE B 226 -21.99 -7.32 11.78
CA ILE B 226 -20.61 -6.84 11.69
C ILE B 226 -20.32 -6.06 10.41
N LYS B 227 -20.42 -4.73 10.48
CA LYS B 227 -20.13 -3.87 9.34
C LYS B 227 -19.42 -2.60 9.80
N HIS B 228 -18.74 -1.94 8.86
CA HIS B 228 -17.96 -0.72 9.07
C HIS B 228 -17.76 -0.02 7.74
N GLY B 229 -16.88 0.99 7.72
CA GLY B 229 -16.61 1.72 6.50
C GLY B 229 -15.69 1.04 5.50
N ASP B 230 -14.92 1.82 4.74
CA ASP B 230 -14.04 1.27 3.74
C ASP B 230 -12.64 1.88 3.76
N LEU B 231 -11.65 1.07 3.39
CA LEU B 231 -10.25 1.46 3.31
C LEU B 231 -9.56 0.51 2.35
N SER B 232 -8.31 0.84 2.03
CA SER B 232 -7.51 0.02 1.12
C SER B 232 -7.10 -1.33 1.71
N ILE B 233 -6.72 -2.26 0.83
CA ILE B 233 -6.32 -3.60 1.30
C ILE B 233 -4.91 -3.66 1.85
N ASN B 234 -4.10 -2.60 1.69
CA ASN B 234 -2.75 -2.60 2.24
C ASN B 234 -2.74 -2.43 3.76
N SER B 235 -3.83 -1.91 4.32
CA SER B 235 -4.00 -1.72 5.76
C SER B 235 -5.19 -2.54 6.23
N ALA B 236 -5.55 -3.57 5.47
CA ALA B 236 -6.66 -4.43 5.85
C ALA B 236 -6.24 -5.43 6.92
N ASN B 237 -4.94 -5.74 6.99
CA ASN B 237 -4.40 -6.68 7.97
C ASN B 237 -4.45 -6.06 9.36
N ASN B 238 -4.44 -6.94 10.39
CA ASN B 238 -4.55 -6.69 11.85
C ASN B 238 -5.71 -5.75 12.22
N HIS B 239 -6.86 -6.01 11.59
CA HIS B 239 -8.10 -5.26 11.71
C HIS B 239 -8.84 -5.62 13.01
N TYR B 240 -9.85 -4.83 13.36
CA TYR B 240 -10.64 -5.01 14.57
C TYR B 240 -12.11 -4.75 14.28
N ALA B 241 -12.97 -5.65 14.72
CA ALA B 241 -14.41 -5.51 14.54
C ALA B 241 -15.08 -6.19 15.72
N ALA B 242 -15.53 -5.40 16.68
CA ALA B 242 -16.17 -5.93 17.87
C ALA B 242 -17.57 -5.38 18.06
N GLN B 243 -18.39 -6.18 18.73
CA GLN B 243 -19.76 -5.89 19.10
C GLN B 243 -20.00 -6.67 20.39
N THR B 244 -20.43 -5.96 21.43
CA THR B 244 -20.64 -6.62 22.71
C THR B 244 -22.12 -6.96 22.93
N LEU B 245 -22.37 -7.83 23.90
CA LEU B 245 -23.72 -8.27 24.25
C LEU B 245 -23.82 -8.47 25.76
N SER B 246 -24.92 -8.02 26.36
CA SER B 246 -25.14 -8.15 27.79
C SER B 246 -26.12 -9.24 28.15
N VAL B 247 -25.76 -10.06 29.14
CA VAL B 247 -26.61 -11.15 29.64
C VAL B 247 -26.93 -10.91 31.12
N SER B 248 -28.22 -10.90 31.45
CA SER B 248 -28.66 -10.64 32.81
C SER B 248 -29.66 -11.66 33.36
N CYS B 249 -29.47 -12.02 34.63
CA CYS B 249 -30.35 -12.97 35.33
C CYS B 249 -30.24 -12.70 36.83
N ASP B 250 -31.02 -13.43 37.63
CA ASP B 250 -31.05 -13.27 39.08
C ASP B 250 -30.89 -14.57 39.86
N VAL B 251 -30.30 -15.59 39.26
CA VAL B 251 -30.11 -16.89 39.93
C VAL B 251 -28.66 -17.33 39.68
N PRO B 252 -27.88 -17.70 40.76
CA PRO B 252 -26.48 -18.13 40.59
C PRO B 252 -26.33 -19.47 39.88
N ALA B 253 -25.77 -19.45 38.68
CA ALA B 253 -25.57 -20.63 37.86
C ALA B 253 -24.17 -20.66 37.25
N ASN B 254 -23.94 -21.70 36.44
CA ASN B 254 -22.71 -21.97 35.71
C ASN B 254 -23.04 -21.95 34.21
N ILE B 255 -22.89 -20.78 33.59
CA ILE B 255 -23.25 -20.62 32.18
C ILE B 255 -22.11 -21.08 31.25
N ARG B 256 -22.50 -21.66 30.10
CA ARG B 256 -21.59 -22.16 29.08
C ARG B 256 -21.90 -21.51 27.73
N PHE B 257 -20.87 -21.01 27.06
CA PHE B 257 -21.04 -20.34 25.77
C PHE B 257 -20.52 -21.19 24.62
N MET B 258 -21.36 -21.42 23.61
CA MET B 258 -20.97 -22.17 22.43
C MET B 258 -21.46 -21.50 21.14
N LEU B 259 -20.53 -21.25 20.22
CA LEU B 259 -20.84 -20.65 18.92
C LEU B 259 -21.06 -21.73 17.88
N LEU B 260 -22.31 -21.85 17.39
CA LEU B 260 -22.65 -22.87 16.40
C LEU B 260 -22.04 -22.62 15.02
N ARG B 261 -21.52 -23.67 14.40
CA ARG B 261 -20.90 -23.57 13.09
C ARG B 261 -21.89 -23.61 11.94
N ASN B 262 -21.81 -22.61 11.05
CA ASN B 262 -22.69 -22.54 9.89
C ASN B 262 -21.94 -22.68 8.55
N THR B 263 -20.83 -21.96 8.37
CA THR B 263 -20.07 -22.04 7.13
C THR B 263 -18.90 -23.04 7.16
N THR B 264 -18.06 -23.01 6.12
CA THR B 264 -16.92 -23.90 5.99
C THR B 264 -15.60 -23.14 6.10
N PRO B 265 -14.62 -23.63 6.86
CA PRO B 265 -13.32 -22.95 6.93
C PRO B 265 -12.48 -23.28 5.71
N THR B 266 -11.87 -22.24 5.12
CA THR B 266 -11.07 -22.41 3.91
C THR B 266 -9.73 -23.11 4.14
N TYR B 267 -8.84 -22.52 4.93
CA TYR B 267 -7.55 -23.12 5.20
C TYR B 267 -7.40 -23.49 6.68
N SER B 268 -6.59 -24.50 6.95
CA SER B 268 -6.39 -24.98 8.31
C SER B 268 -5.49 -24.08 9.14
N HIS B 269 -6.01 -23.65 10.30
CA HIS B 269 -5.28 -22.81 11.24
C HIS B 269 -5.18 -23.55 12.58
N GLY B 270 -5.36 -24.86 12.55
CA GLY B 270 -5.29 -25.70 13.74
C GLY B 270 -6.54 -25.85 14.59
N LYS B 271 -6.41 -25.57 15.88
CA LYS B 271 -7.49 -25.72 16.85
C LYS B 271 -8.43 -24.52 16.94
N LYS B 272 -8.13 -23.44 16.23
CA LYS B 272 -8.96 -22.23 16.29
C LYS B 272 -10.29 -22.34 15.55
N PHE B 273 -11.40 -22.07 16.27
CA PHE B 273 -12.73 -22.08 15.70
C PHE B 273 -12.91 -20.80 14.90
N SER B 274 -12.73 -20.86 13.59
CA SER B 274 -12.85 -19.69 12.73
C SER B 274 -14.19 -19.66 12.01
N VAL B 275 -14.71 -18.46 11.80
CA VAL B 275 -15.99 -18.26 11.12
C VAL B 275 -15.71 -17.77 9.70
N GLY B 276 -16.11 -18.56 8.72
CA GLY B 276 -15.89 -18.20 7.33
C GLY B 276 -16.87 -17.13 6.87
N LEU B 277 -16.38 -16.25 5.98
CA LEU B 277 -17.19 -15.17 5.46
C LEU B 277 -17.45 -15.37 3.98
N GLY B 278 -16.86 -16.41 3.37
CA GLY B 278 -17.09 -16.69 1.98
C GLY B 278 -15.87 -16.38 1.14
N HIS B 279 -15.84 -16.89 -0.11
CA HIS B 279 -14.81 -16.67 -1.17
C HIS B 279 -13.34 -16.93 -0.81
N GLY B 280 -13.09 -17.74 0.21
CA GLY B 280 -11.73 -18.01 0.64
C GLY B 280 -11.19 -16.94 1.57
N TRP B 281 -12.06 -16.32 2.36
CA TRP B 281 -11.68 -15.27 3.30
C TRP B 281 -12.39 -15.50 4.63
N ASP B 282 -11.70 -16.17 5.56
CA ASP B 282 -12.29 -16.44 6.86
C ASP B 282 -11.93 -15.35 7.86
N SER B 283 -12.34 -15.55 9.12
CA SER B 283 -12.05 -14.56 10.15
C SER B 283 -11.89 -15.19 11.53
N ILE B 284 -10.82 -14.81 12.21
CA ILE B 284 -10.54 -15.31 13.56
C ILE B 284 -11.45 -14.57 14.52
N VAL B 285 -12.21 -15.30 15.32
CA VAL B 285 -13.15 -14.72 16.27
C VAL B 285 -12.63 -14.87 17.70
N SER B 286 -12.29 -13.75 18.34
CA SER B 286 -11.75 -13.75 19.70
C SER B 286 -12.76 -13.30 20.76
N VAL B 287 -13.25 -14.27 21.54
CA VAL B 287 -14.20 -13.99 22.62
C VAL B 287 -13.43 -13.50 23.85
N ASN B 288 -13.52 -12.18 24.09
CA ASN B 288 -12.88 -11.44 25.21
C ASN B 288 -11.36 -11.61 25.35
N GLY B 289 -10.64 -11.41 24.25
CA GLY B 289 -9.19 -11.51 24.23
C GLY B 289 -8.61 -12.89 24.00
N VAL B 290 -9.22 -13.92 24.55
CA VAL B 290 -8.72 -15.29 24.40
C VAL B 290 -9.34 -15.88 23.14
N ASP B 291 -8.48 -16.36 22.23
CA ASP B 291 -8.91 -16.97 20.98
C ASP B 291 -9.21 -18.46 21.16
N THR B 292 -10.39 -18.76 21.71
CA THR B 292 -10.78 -20.13 21.99
C THR B 292 -12.15 -20.54 21.49
N GLY B 293 -13.07 -19.59 21.29
CA GLY B 293 -14.41 -19.95 20.82
C GLY B 293 -15.40 -20.29 21.92
N GLU B 294 -15.04 -21.24 22.79
CA GLU B 294 -15.87 -21.69 23.89
C GLU B 294 -15.19 -21.31 25.20
N THR B 295 -15.98 -20.79 26.14
CA THR B 295 -15.50 -20.35 27.45
C THR B 295 -16.36 -20.89 28.59
N THR B 296 -15.96 -20.57 29.83
CA THR B 296 -16.68 -21.00 31.02
C THR B 296 -16.71 -19.89 32.07
N MET B 297 -17.91 -19.45 32.43
CA MET B 297 -18.11 -18.39 33.41
C MET B 297 -19.23 -18.79 34.38
N ARG B 298 -19.04 -18.51 35.66
CA ARG B 298 -20.06 -18.83 36.65
C ARG B 298 -20.63 -17.53 37.20
N TRP B 299 -21.73 -17.61 37.96
CA TRP B 299 -22.40 -16.44 38.50
C TRP B 299 -22.07 -16.29 39.98
N TYR B 300 -22.01 -15.03 40.44
CA TYR B 300 -21.67 -14.73 41.82
C TYR B 300 -22.75 -14.03 42.63
N LYS B 301 -23.33 -12.97 42.07
CA LYS B 301 -24.35 -12.17 42.75
C LYS B 301 -25.23 -11.49 41.70
N ALA B 302 -26.04 -10.53 42.15
CA ALA B 302 -26.90 -9.79 41.24
C ALA B 302 -26.07 -8.82 40.40
N GLY B 303 -26.47 -8.69 39.15
CA GLY B 303 -25.77 -7.84 38.21
C GLY B 303 -25.79 -8.50 36.83
N THR B 304 -24.71 -8.27 36.08
CA THR B 304 -24.61 -8.81 34.72
C THR B 304 -23.17 -9.02 34.27
N GLN B 305 -23.02 -9.82 33.21
CA GLN B 305 -21.74 -10.14 32.61
C GLN B 305 -21.81 -9.69 31.15
N ASN B 306 -20.69 -9.69 30.43
CA ASN B 306 -20.66 -9.25 29.05
C ASN B 306 -19.81 -10.17 28.19
N LEU B 307 -20.13 -10.22 26.90
CA LEU B 307 -19.40 -11.03 25.93
C LEU B 307 -19.01 -10.16 24.74
N THR B 308 -17.77 -9.67 24.76
CA THR B 308 -17.28 -8.83 23.68
C THR B 308 -16.80 -9.77 22.57
N ILE B 309 -17.47 -9.71 21.42
CA ILE B 309 -17.10 -10.58 20.32
C ILE B 309 -16.23 -9.82 19.33
N GLY B 310 -14.91 -9.86 19.55
CA GLY B 310 -14.01 -9.19 18.63
C GLY B 310 -13.64 -10.11 17.49
N SER B 311 -13.25 -9.53 16.36
CA SER B 311 -12.88 -10.37 15.23
C SER B 311 -11.79 -9.85 14.31
N ARG B 312 -10.80 -10.70 14.08
CA ARG B 312 -9.66 -10.43 13.20
C ARG B 312 -9.88 -11.16 11.88
N LEU B 313 -9.86 -10.41 10.78
CA LEU B 313 -10.08 -10.96 9.45
C LEU B 313 -8.80 -11.40 8.73
N TYR B 314 -7.77 -11.81 9.48
CA TYR B 314 -6.50 -12.25 8.92
C TYR B 314 -6.64 -13.68 8.35
N GLY B 315 -6.96 -13.74 7.06
CA GLY B 315 -7.11 -15.01 6.36
C GLY B 315 -6.47 -15.04 4.99
N GLU B 316 -5.51 -14.15 4.74
CA GLU B 316 -4.86 -14.07 3.44
C GLU B 316 -3.59 -14.90 3.25
N SER B 317 -3.67 -15.90 2.38
CA SER B 317 -2.50 -16.71 2.05
C SER B 317 -1.93 -16.17 0.74
N SER B 318 -1.44 -14.92 0.79
CA SER B 318 -0.88 -14.09 -0.29
C SER B 318 -1.68 -14.06 -1.60
N LYS B 319 -3.02 -14.11 -1.53
CA LYS B 319 -3.91 -14.06 -2.69
C LYS B 319 -5.20 -13.28 -2.40
N ILE B 320 -5.33 -12.09 -2.97
CA ILE B 320 -6.53 -11.27 -2.73
C ILE B 320 -7.71 -11.73 -3.58
N GLN B 321 -8.91 -11.77 -2.97
CA GLN B 321 -10.16 -12.18 -3.60
C GLN B 321 -11.26 -11.16 -3.34
N PRO B 322 -11.63 -10.33 -4.32
CA PRO B 322 -12.70 -9.33 -4.09
C PRO B 322 -14.09 -9.97 -4.11
N GLY B 323 -14.73 -10.00 -2.93
CA GLY B 323 -16.06 -10.56 -2.81
C GLY B 323 -16.77 -9.91 -1.63
N VAL B 324 -18.08 -9.68 -1.81
CA VAL B 324 -18.89 -9.01 -0.80
C VAL B 324 -19.15 -9.88 0.43
N LEU B 325 -18.82 -9.36 1.62
CA LEU B 325 -18.95 -10.08 2.87
C LEU B 325 -20.39 -10.13 3.37
N SER B 326 -21.01 -11.32 3.31
CA SER B 326 -22.39 -11.50 3.75
C SER B 326 -22.56 -12.75 4.62
N GLY B 327 -21.65 -12.97 5.57
CA GLY B 327 -21.70 -14.12 6.44
C GLY B 327 -22.68 -13.94 7.59
N SER B 328 -22.66 -14.93 8.48
CA SER B 328 -23.53 -14.95 9.65
C SER B 328 -22.90 -15.71 10.81
N ALA B 329 -23.47 -15.56 11.99
CA ALA B 329 -22.96 -16.22 13.19
C ALA B 329 -24.16 -16.55 14.09
N THR B 330 -24.55 -17.82 14.11
CA THR B 330 -25.69 -18.26 14.90
C THR B 330 -25.21 -18.59 16.32
N LEU B 331 -25.91 -18.06 17.31
CA LEU B 331 -25.58 -18.27 18.71
C LEU B 331 -26.63 -19.15 19.38
N LEU B 332 -26.20 -19.94 20.37
CA LEU B 332 -27.08 -20.83 21.12
C LEU B 332 -26.46 -20.99 22.50
N MET B 333 -27.31 -21.15 23.51
CA MET B 333 -26.87 -21.26 24.89
C MET B 333 -27.17 -22.63 25.52
N ILE B 334 -26.19 -23.53 25.51
CA ILE B 334 -26.35 -24.85 26.08
C ILE B 334 -26.16 -24.75 27.60
N LEU B 335 -27.15 -25.27 28.38
CA LEU B 335 -27.06 -25.22 29.83
C LEU B 335 -26.67 -26.57 30.43
N PRO B 336 -25.72 -26.63 31.38
CA PRO B 336 -25.33 -27.90 31.97
C PRO B 336 -26.18 -28.26 33.19
N HIS C 28 -15.53 -5.81 -3.06
CA HIS C 28 -16.06 -6.13 -1.73
C HIS C 28 -16.80 -4.92 -1.16
N VAL C 29 -16.44 -4.54 0.06
CA VAL C 29 -16.98 -3.37 0.75
C VAL C 29 -15.80 -2.39 0.61
N TYR C 30 -14.60 -2.94 0.50
CA TYR C 30 -13.36 -2.20 0.32
C TYR C 30 -13.05 -2.03 -1.15
N ILE C 31 -12.98 -0.79 -1.62
CA ILE C 31 -12.58 -0.50 -2.99
C ILE C 31 -11.17 0.02 -2.73
N PRO C 32 -10.14 -0.77 -3.04
CA PRO C 32 -8.78 -0.39 -2.64
C PRO C 32 -7.97 0.37 -3.68
N PRO C 33 -7.28 1.43 -3.27
CA PRO C 33 -6.32 2.06 -4.17
C PRO C 33 -5.03 1.30 -3.94
N CYS C 34 -4.37 0.80 -4.99
CA CYS C 34 -3.15 0.00 -4.80
C CYS C 34 -1.95 0.80 -4.33
N THR C 35 -1.46 1.69 -5.21
CA THR C 35 -0.35 2.64 -5.08
C THR C 35 -0.19 3.49 -6.33
N ILE C 36 0.50 4.61 -6.17
CA ILE C 36 0.87 5.52 -7.25
C ILE C 36 2.26 6.04 -6.91
N ASN C 37 3.27 5.52 -7.66
CA ASN C 37 4.74 5.75 -7.61
C ASN C 37 5.32 5.92 -6.19
N ASN C 38 4.95 4.95 -5.32
CA ASN C 38 5.25 4.84 -3.87
C ASN C 38 5.07 6.11 -3.03
N GLY C 39 4.01 6.87 -3.33
CA GLY C 39 3.68 8.09 -2.62
C GLY C 39 4.50 9.33 -2.92
N GLN C 40 5.09 9.39 -4.11
CA GLN C 40 5.89 10.52 -4.53
C GLN C 40 5.06 11.47 -5.41
N ASN C 41 5.62 12.63 -5.68
CA ASN C 41 4.95 13.60 -6.55
C ASN C 41 5.38 13.27 -7.98
N ILE C 42 4.45 13.39 -8.92
CA ILE C 42 4.74 13.12 -10.33
C ILE C 42 4.98 14.40 -11.10
N VAL C 43 6.20 14.55 -11.61
CA VAL C 43 6.63 15.72 -12.37
C VAL C 43 7.53 15.33 -13.55
N VAL C 44 7.14 15.74 -14.75
CA VAL C 44 7.90 15.44 -15.96
C VAL C 44 8.98 16.51 -16.08
N ASP C 45 10.21 16.17 -15.74
CA ASP C 45 11.32 17.11 -15.83
C ASP C 45 11.80 17.17 -17.27
N PHE C 46 11.52 18.29 -17.92
CA PHE C 46 11.88 18.51 -19.31
C PHE C 46 13.03 19.48 -19.47
N GLY C 47 13.52 20.05 -18.37
CA GLY C 47 14.55 21.06 -18.40
C GLY C 47 13.80 22.30 -18.85
N ASN C 48 14.46 23.13 -19.65
CA ASN C 48 13.83 24.31 -20.24
C ASN C 48 14.06 24.38 -21.75
N ILE C 49 13.08 23.91 -22.54
CA ILE C 49 13.17 23.93 -24.00
C ILE C 49 12.03 24.76 -24.57
N ASN C 50 12.23 25.27 -25.79
CA ASN C 50 11.23 26.13 -26.44
C ASN C 50 10.06 25.37 -27.07
N PRO C 51 8.84 25.93 -27.05
CA PRO C 51 7.69 25.24 -27.67
C PRO C 51 7.64 25.19 -29.20
N GLU C 52 8.58 25.82 -29.91
CA GLU C 52 8.59 25.81 -31.37
C GLU C 52 9.55 24.73 -31.86
N HIS C 53 9.01 23.63 -32.38
CA HIS C 53 9.86 22.55 -32.84
C HIS C 53 9.28 21.90 -34.10
N VAL C 54 9.99 20.91 -34.64
CA VAL C 54 9.59 20.16 -35.84
C VAL C 54 8.78 18.94 -35.38
N ASP C 55 7.58 18.73 -35.93
CA ASP C 55 6.74 17.63 -35.45
C ASP C 55 7.02 16.25 -36.04
N ASN C 56 8.29 15.80 -36.00
CA ASN C 56 8.60 14.44 -36.42
C ASN C 56 9.60 13.74 -35.52
N SER C 57 10.30 14.47 -34.64
CA SER C 57 11.31 13.97 -33.71
C SER C 57 11.59 15.01 -32.62
N ARG C 58 11.33 14.72 -31.35
CA ARG C 58 11.61 15.72 -30.32
C ARG C 58 12.20 15.15 -29.05
N GLY C 59 12.33 16.00 -28.02
CA GLY C 59 12.89 15.64 -26.75
C GLY C 59 11.97 14.91 -25.78
N GLU C 60 11.60 13.69 -26.15
CA GLU C 60 10.73 12.86 -25.32
C GLU C 60 11.47 12.24 -24.16
N VAL C 61 11.43 12.90 -23.00
CA VAL C 61 12.08 12.40 -21.79
C VAL C 61 11.30 11.19 -21.26
N THR C 62 11.96 10.04 -21.22
CA THR C 62 11.31 8.81 -20.79
C THR C 62 11.17 8.72 -19.29
N LYS C 63 9.95 8.44 -18.84
CA LYS C 63 9.63 8.30 -17.43
C LYS C 63 9.11 6.89 -17.22
N THR C 64 9.67 6.20 -16.22
CA THR C 64 9.29 4.85 -15.89
C THR C 64 8.70 4.84 -14.48
N ILE C 65 7.39 4.65 -14.40
CA ILE C 65 6.67 4.62 -13.14
C ILE C 65 6.20 3.22 -12.78
N SER C 66 6.62 2.75 -11.60
CA SER C 66 6.24 1.44 -11.12
C SER C 66 5.05 1.52 -10.18
N ILE C 67 4.25 0.46 -10.16
CA ILE C 67 3.09 0.37 -9.29
C ILE C 67 3.19 -0.91 -8.48
N SER C 68 3.20 -0.77 -7.15
CA SER C 68 3.33 -1.90 -6.24
C SER C 68 1.98 -2.57 -5.98
N CYS C 69 1.84 -3.80 -6.46
CA CYS C 69 0.64 -4.59 -6.29
C CYS C 69 0.77 -5.43 -5.03
N PRO C 70 -0.34 -5.69 -4.30
CA PRO C 70 -0.25 -6.51 -3.09
C PRO C 70 -0.07 -7.99 -3.39
N TYR C 71 -0.69 -8.46 -4.48
CA TYR C 71 -0.56 -9.85 -4.88
C TYR C 71 0.04 -9.94 -6.28
N GLY C 74 -3.72 -8.91 -12.43
CA GLY C 74 -3.50 -7.53 -12.05
C GLY C 74 -4.79 -6.76 -11.85
N SER C 75 -5.67 -6.88 -12.85
CA SER C 75 -7.00 -6.26 -12.94
C SER C 75 -7.00 -4.73 -12.77
N LEU C 76 -6.27 -4.06 -13.65
CA LEU C 76 -6.16 -2.61 -13.57
C LEU C 76 -6.00 -1.95 -14.93
N TRP C 77 -6.67 -0.81 -15.10
CA TRP C 77 -6.59 0.00 -16.30
C TRP C 77 -6.35 1.45 -15.91
N ILE C 78 -5.61 2.16 -16.74
CA ILE C 78 -5.26 3.56 -16.50
C ILE C 78 -5.99 4.51 -17.44
N LYS C 79 -6.66 5.50 -16.87
CA LYS C 79 -7.40 6.50 -17.63
C LYS C 79 -6.88 7.89 -17.26
N VAL C 80 -6.46 8.64 -18.28
CA VAL C 80 -5.92 9.99 -18.10
C VAL C 80 -6.93 10.98 -18.66
N THR C 81 -7.31 11.97 -17.85
CA THR C 81 -8.27 13.00 -18.26
C THR C 81 -7.72 14.41 -18.13
N GLY C 82 -8.44 15.36 -18.70
CA GLY C 82 -8.04 16.75 -18.65
C GLY C 82 -8.70 17.55 -19.75
N ASN C 83 -8.41 18.84 -19.74
CA ASN C 83 -8.94 19.76 -20.73
C ASN C 83 -8.23 19.67 -22.08
N THR C 84 -9.00 19.77 -23.17
CA THR C 84 -8.44 19.71 -24.52
C THR C 84 -8.77 20.93 -25.38
N MET C 85 -8.01 21.07 -26.46
CA MET C 85 -8.15 22.17 -27.41
C MET C 85 -9.04 21.75 -28.59
N GLY C 86 -9.23 22.67 -29.52
CA GLY C 86 -10.06 22.41 -30.68
C GLY C 86 -9.41 21.48 -31.70
N GLY C 87 -10.23 21.04 -32.66
CA GLY C 87 -9.80 20.15 -33.71
C GLY C 87 -10.24 18.72 -33.46
N GLY C 88 -9.74 17.83 -34.31
CA GLY C 88 -10.06 16.41 -34.21
C GLY C 88 -9.03 15.57 -33.50
N GLN C 89 -7.92 16.15 -33.07
CA GLN C 89 -6.88 15.43 -32.34
C GLN C 89 -7.36 15.15 -30.92
N ASN C 90 -7.03 13.96 -30.40
CA ASN C 90 -7.44 13.57 -29.06
C ASN C 90 -6.28 13.09 -28.18
N ASN C 91 -5.11 13.76 -28.23
CA ASN C 91 -4.01 13.34 -27.37
C ASN C 91 -3.18 14.46 -26.73
N VAL C 92 -3.80 15.58 -26.37
CA VAL C 92 -3.08 16.68 -25.73
C VAL C 92 -3.88 17.31 -24.59
N LEU C 93 -3.22 17.61 -23.47
CA LEU C 93 -3.85 18.28 -22.35
C LEU C 93 -3.49 19.77 -22.47
N ALA C 94 -4.44 20.63 -22.11
CA ALA C 94 -4.23 22.06 -22.24
C ALA C 94 -3.35 22.64 -21.12
N THR C 95 -2.86 23.85 -21.38
CA THR C 95 -2.00 24.64 -20.50
C THR C 95 -2.78 25.90 -20.12
N ASN C 96 -2.12 26.83 -19.40
CA ASN C 96 -2.77 28.06 -18.97
C ASN C 96 -2.64 29.21 -19.96
N ILE C 97 -1.83 29.03 -21.00
CA ILE C 97 -1.60 30.01 -22.06
C ILE C 97 -1.56 29.32 -23.42
N THR C 98 -2.06 30.01 -24.44
CA THR C 98 -2.19 29.48 -25.79
C THR C 98 -0.92 29.15 -26.58
N HIS C 99 -1.14 28.50 -27.72
CA HIS C 99 -0.26 27.97 -28.76
C HIS C 99 0.81 26.93 -28.33
N PHE C 100 0.65 26.27 -27.17
CA PHE C 100 1.55 25.19 -26.77
C PHE C 100 0.84 24.17 -25.87
N GLY C 101 1.06 22.89 -26.14
CA GLY C 101 0.49 21.81 -25.35
C GLY C 101 1.52 20.71 -25.16
N ILE C 102 1.17 19.73 -24.32
CA ILE C 102 2.04 18.61 -24.01
C ILE C 102 1.35 17.28 -24.38
N ALA C 103 1.95 16.53 -25.31
CA ALA C 103 1.36 15.28 -25.77
C ALA C 103 1.98 14.04 -25.11
N LEU C 104 1.14 13.02 -24.93
CA LEU C 104 1.52 11.76 -24.32
C LEU C 104 1.38 10.50 -25.17
N TYR C 105 2.37 9.61 -25.09
CA TYR C 105 2.36 8.33 -25.78
C TYR C 105 2.91 7.21 -24.90
N GLN C 106 2.37 6.01 -25.05
CA GLN C 106 2.84 4.87 -24.26
C GLN C 106 4.05 4.15 -24.84
N GLY C 107 4.94 3.70 -23.95
CA GLY C 107 6.12 2.94 -24.31
C GLY C 107 7.21 3.72 -25.05
N LYS C 108 8.25 2.96 -25.41
CA LYS C 108 9.39 3.53 -26.14
C LYS C 108 9.11 3.42 -27.64
N GLY C 109 8.93 4.57 -28.29
CA GLY C 109 8.66 4.65 -29.72
C GLY C 109 7.36 5.39 -29.93
N MET C 110 7.31 6.27 -30.92
CA MET C 110 6.14 7.10 -31.21
C MET C 110 5.07 6.47 -32.10
N SER C 111 5.08 5.14 -32.24
CA SER C 111 4.09 4.42 -33.03
C SER C 111 2.69 4.43 -32.44
N THR C 112 2.51 3.81 -31.28
CA THR C 112 1.20 3.73 -30.64
C THR C 112 0.95 4.76 -29.54
N PRO C 113 -0.01 5.68 -29.72
CA PRO C 113 -0.32 6.64 -28.65
C PRO C 113 -1.40 6.08 -27.73
N LEU C 114 -1.63 6.77 -26.62
CA LEU C 114 -2.66 6.34 -25.68
C LEU C 114 -3.82 7.35 -25.66
N THR C 115 -5.02 6.85 -26.01
CA THR C 115 -6.26 7.63 -26.06
C THR C 115 -6.65 8.32 -24.75
N LEU C 116 -6.73 9.63 -24.79
CA LEU C 116 -7.11 10.43 -23.63
C LEU C 116 -8.61 10.31 -23.35
N ARG C 134 6.32 -5.31 -8.85
CA ARG C 134 5.46 -6.31 -9.47
C ARG C 134 5.39 -6.09 -10.98
N SER C 135 4.91 -4.91 -11.37
CA SER C 135 4.80 -4.55 -12.77
C SER C 135 4.96 -3.05 -12.96
N THR C 136 5.04 -2.61 -14.21
CA THR C 136 5.19 -1.20 -14.52
C THR C 136 4.44 -0.81 -15.79
N PHE C 137 4.24 0.49 -15.96
CA PHE C 137 3.59 1.07 -17.12
C PHE C 137 4.39 2.30 -17.52
N THR C 138 4.67 2.45 -18.81
CA THR C 138 5.47 3.56 -19.30
C THR C 138 4.72 4.53 -20.21
N PHE C 139 4.81 5.81 -19.90
CA PHE C 139 4.20 6.87 -20.69
C PHE C 139 5.19 8.04 -20.69
N THR C 140 5.37 8.64 -21.86
CA THR C 140 6.29 9.75 -22.06
C THR C 140 5.55 11.02 -22.47
N SER C 141 5.96 12.16 -21.89
CA SER C 141 5.37 13.45 -22.19
C SER C 141 6.31 14.27 -23.07
N VAL C 142 5.84 14.64 -24.26
CA VAL C 142 6.65 15.39 -25.21
C VAL C 142 5.78 16.46 -25.90
N PRO C 143 6.28 17.69 -26.09
CA PRO C 143 5.47 18.71 -26.76
C PRO C 143 5.42 18.47 -28.27
N PHE C 144 4.22 18.64 -28.83
CA PHE C 144 3.94 18.42 -30.24
C PHE C 144 3.24 19.66 -30.79
N ARG C 145 3.72 20.21 -31.91
CA ARG C 145 3.11 21.39 -32.50
C ARG C 145 2.81 21.30 -34.00
N ASN C 146 1.57 21.66 -34.37
CA ASN C 146 1.10 21.62 -35.74
C ASN C 146 0.92 22.99 -36.41
N GLY C 147 1.40 24.08 -35.81
CA GLY C 147 1.20 25.37 -36.43
C GLY C 147 2.11 26.46 -35.90
N SER C 148 2.41 27.42 -36.78
CA SER C 148 3.24 28.58 -36.50
C SER C 148 2.39 29.76 -36.02
N GLY C 149 3.02 30.91 -35.82
CA GLY C 149 2.34 32.09 -35.34
C GLY C 149 2.88 32.61 -34.01
N ILE C 150 2.11 33.54 -33.44
CA ILE C 150 2.51 34.23 -32.21
C ILE C 150 2.37 33.34 -30.97
N LEU C 151 3.42 33.36 -30.14
CA LEU C 151 3.51 32.59 -28.90
C LEU C 151 3.79 33.50 -27.71
N ASN C 152 2.83 33.66 -26.81
CA ASN C 152 3.01 34.51 -25.62
C ASN C 152 3.20 33.75 -24.31
N GLY C 153 4.44 33.43 -23.97
CA GLY C 153 4.72 32.74 -22.71
C GLY C 153 5.63 31.54 -22.88
N GLY C 154 6.63 31.37 -22.02
CA GLY C 154 7.52 30.25 -22.18
C GLY C 154 7.70 29.21 -21.08
N ASP C 155 7.48 29.58 -19.83
CA ASP C 155 7.62 28.62 -18.73
C ASP C 155 6.25 28.02 -18.42
N PHE C 156 6.23 26.73 -18.08
CA PHE C 156 4.96 26.09 -17.81
C PHE C 156 4.97 25.02 -16.72
N ARG C 157 3.78 24.74 -16.23
CA ARG C 157 3.48 23.75 -15.22
C ARG C 157 2.15 23.16 -15.68
N THR C 158 1.99 21.86 -15.50
CA THR C 158 0.76 21.21 -15.95
C THR C 158 0.23 20.26 -14.87
N THR C 159 -1.07 20.00 -14.93
CA THR C 159 -1.73 19.11 -14.00
C THR C 159 -2.41 18.02 -14.82
N ALA C 160 -2.06 16.78 -14.53
CA ALA C 160 -2.63 15.64 -15.24
C ALA C 160 -3.36 14.77 -14.23
N SER C 161 -4.62 14.50 -14.54
CA SER C 161 -5.45 13.67 -13.68
C SER C 161 -5.51 12.24 -14.18
N MET C 162 -5.06 11.31 -13.36
CA MET C 162 -5.07 9.89 -13.69
C MET C 162 -6.18 9.20 -12.89
N SER C 163 -7.23 8.76 -13.58
CA SER C 163 -8.35 8.10 -12.91
C SER C 163 -8.10 6.60 -12.88
N MET C 164 -8.01 6.07 -11.67
CA MET C 164 -7.77 4.65 -11.44
C MET C 164 -9.07 4.01 -11.00
N ILE C 165 -9.73 3.29 -11.92
CA ILE C 165 -10.98 2.59 -11.64
C ILE C 165 -10.64 1.12 -11.43
N TYR C 166 -11.05 0.57 -10.30
CA TYR C 166 -10.78 -0.82 -9.95
C TYR C 166 -11.94 -1.72 -10.35
N ASN C 167 -11.70 -3.03 -10.41
CA ASN C 167 -12.71 -4.00 -10.78
C ASN C 167 -13.58 -4.38 -9.60
N ALA D 1 28.95 21.59 -30.70
CA ALA D 1 28.48 22.97 -30.48
C ALA D 1 27.87 23.12 -29.10
N VAL D 2 27.99 24.31 -28.53
CA VAL D 2 27.46 24.58 -27.20
C VAL D 2 25.99 24.94 -27.30
N SER D 3 25.12 23.94 -27.17
CA SER D 3 23.69 24.18 -27.26
C SER D 3 23.12 24.81 -26.01
N LEU D 4 22.57 26.01 -26.16
CA LEU D 4 21.93 26.73 -25.06
C LEU D 4 20.42 26.50 -25.14
N ASP D 5 19.91 25.86 -24.09
CA ASP D 5 18.53 25.43 -23.82
C ASP D 5 17.41 26.41 -24.18
N ARG D 6 17.48 27.66 -23.73
CA ARG D 6 16.49 28.67 -24.11
C ARG D 6 17.28 29.90 -24.54
N THR D 7 16.60 30.91 -25.07
CA THR D 7 17.27 32.09 -25.60
C THR D 7 17.65 33.22 -24.65
N ARG D 8 17.29 33.15 -23.38
CA ARG D 8 17.64 34.19 -22.41
C ARG D 8 17.97 33.59 -21.06
N ALA D 9 18.50 34.40 -20.16
CA ALA D 9 18.82 33.93 -18.82
C ALA D 9 18.10 34.84 -17.83
N VAL D 10 17.29 34.23 -16.96
CA VAL D 10 16.53 34.97 -15.96
C VAL D 10 16.79 34.38 -14.58
N PHE D 11 17.12 35.24 -13.62
CA PHE D 11 17.36 34.80 -12.24
C PHE D 11 16.71 35.74 -11.23
N ASP D 12 16.11 35.15 -10.19
CA ASP D 12 15.36 35.85 -9.14
C ASP D 12 16.20 36.36 -7.98
N GLY D 13 15.89 37.57 -7.51
CA GLY D 13 16.60 38.18 -6.39
C GLY D 13 16.30 37.56 -5.04
N SER D 14 15.17 36.88 -4.89
CA SER D 14 14.85 36.26 -3.61
C SER D 14 15.34 34.83 -3.55
N GLU D 15 15.72 34.26 -4.70
CA GLU D 15 16.28 32.92 -4.78
C GLU D 15 17.79 33.05 -4.64
N LYS D 16 18.44 31.98 -4.18
CA LYS D 16 19.88 32.03 -4.02
C LYS D 16 20.63 31.48 -5.24
N SER D 17 20.03 30.54 -5.98
CA SER D 17 20.62 29.92 -7.16
C SER D 17 19.58 29.25 -8.04
N MET D 18 19.94 29.09 -9.32
CA MET D 18 19.08 28.43 -10.30
C MET D 18 20.00 27.65 -11.22
N THR D 19 19.44 26.65 -11.89
CA THR D 19 20.20 25.79 -12.80
C THR D 19 19.82 25.93 -14.26
N LEU D 20 20.81 25.87 -15.14
CA LEU D 20 20.60 25.93 -16.58
C LEU D 20 21.43 24.82 -17.24
N ASP D 21 20.75 23.87 -17.86
CA ASP D 21 21.41 22.75 -18.52
C ASP D 21 22.00 23.04 -19.89
N ILE D 22 23.20 22.52 -20.14
CA ILE D 22 23.90 22.68 -21.41
C ILE D 22 24.05 21.25 -21.92
N SER D 23 24.23 21.08 -23.23
CA SER D 23 24.38 19.76 -23.83
C SER D 23 25.12 19.82 -25.16
N ASN D 24 26.22 19.08 -25.27
CA ASN D 24 26.97 19.09 -26.52
C ASN D 24 26.44 18.07 -27.52
N ASP D 25 26.41 18.46 -28.79
CA ASP D 25 25.91 17.61 -29.87
C ASP D 25 27.01 16.94 -30.69
N ASN D 26 28.26 17.02 -30.25
CA ASN D 26 29.38 16.40 -30.97
C ASN D 26 29.35 14.89 -30.75
N LYS D 27 29.99 14.14 -31.64
CA LYS D 27 29.96 12.68 -31.53
C LYS D 27 31.33 12.04 -31.29
N GLN D 28 32.43 12.67 -31.69
CA GLN D 28 33.75 12.06 -31.50
C GLN D 28 34.76 12.75 -30.58
N LEU D 29 34.94 14.07 -30.69
CA LEU D 29 35.96 14.76 -29.88
C LEU D 29 35.34 15.56 -28.72
N PRO D 30 35.92 15.48 -27.51
CA PRO D 30 35.35 16.20 -26.37
C PRO D 30 35.70 17.69 -26.32
N TYR D 31 34.75 18.45 -25.78
CA TYR D 31 34.84 19.90 -25.60
C TYR D 31 34.62 20.31 -24.15
N LEU D 32 35.14 21.47 -23.76
CA LEU D 32 34.98 21.99 -22.41
C LEU D 32 34.30 23.37 -22.34
N ALA D 33 33.22 23.47 -21.57
CA ALA D 33 32.46 24.70 -21.41
C ALA D 33 33.03 25.50 -20.24
N GLN D 34 33.79 26.55 -20.55
CA GLN D 34 34.40 27.41 -19.54
C GLN D 34 33.51 28.63 -19.32
N ALA D 35 33.29 29.05 -18.06
CA ALA D 35 32.38 30.19 -17.85
C ALA D 35 33.01 31.34 -17.08
N TRP D 36 32.88 32.56 -17.60
CA TRP D 36 33.41 33.71 -16.88
C TRP D 36 32.43 34.87 -17.04
N ILE D 37 32.65 35.96 -16.30
CA ILE D 37 31.74 37.11 -16.26
C ILE D 37 32.31 38.50 -16.56
N GLU D 38 31.62 39.24 -17.42
CA GLU D 38 31.97 40.61 -17.76
C GLU D 38 30.78 41.53 -17.47
N ASN D 39 31.06 42.81 -17.20
CA ASN D 39 30.02 43.79 -16.91
C ASN D 39 29.53 44.54 -18.16
N GLU D 40 28.77 45.62 -17.92
CA GLU D 40 28.25 46.47 -18.99
C GLU D 40 29.27 47.22 -19.85
N ASN D 41 30.37 47.69 -19.25
CA ASN D 41 31.39 48.47 -19.96
C ASN D 41 32.54 47.62 -20.50
N GLN D 42 32.27 46.35 -20.80
CA GLN D 42 33.15 45.29 -21.35
C GLN D 42 34.51 45.06 -20.67
N GLU D 43 34.60 45.32 -19.36
CA GLU D 43 35.82 45.05 -18.62
C GLU D 43 35.66 43.72 -17.91
N LYS D 44 36.76 42.98 -17.81
CA LYS D 44 36.75 41.68 -17.15
C LYS D 44 36.60 41.86 -15.64
N ILE D 45 35.73 41.07 -15.03
CA ILE D 45 35.50 41.19 -13.60
C ILE D 45 35.34 39.82 -12.94
N ILE D 46 36.27 39.46 -12.06
CA ILE D 46 36.22 38.17 -11.37
C ILE D 46 35.55 38.36 -10.02
N THR D 47 35.65 39.56 -9.43
CA THR D 47 34.98 39.87 -8.16
C THR D 47 33.60 40.44 -8.48
N GLY D 48 33.04 41.25 -7.58
CA GLY D 48 31.75 41.86 -7.86
C GLY D 48 30.51 41.26 -7.20
N PRO D 49 29.34 41.41 -7.85
CA PRO D 49 28.09 40.88 -7.30
C PRO D 49 27.66 39.47 -7.68
N VAL D 50 28.13 38.95 -8.79
CA VAL D 50 27.78 37.61 -9.23
C VAL D 50 29.01 36.71 -9.04
N ILE D 51 28.83 35.58 -8.39
CA ILE D 51 29.93 34.64 -8.19
C ILE D 51 29.61 33.43 -9.07
N ALA D 52 30.59 33.05 -9.86
CA ALA D 52 30.45 31.95 -10.81
C ALA D 52 31.03 30.67 -10.24
N THR D 53 30.21 29.62 -10.26
CA THR D 53 30.49 28.26 -9.87
C THR D 53 31.54 27.64 -10.80
N PRO D 54 31.23 27.34 -12.13
CA PRO D 54 32.14 26.53 -12.97
C PRO D 54 33.26 27.24 -13.95
N PRO D 55 34.29 28.06 -13.56
CA PRO D 55 35.20 28.68 -14.57
C PRO D 55 35.84 27.80 -15.62
N VAL D 56 36.09 26.52 -15.35
CA VAL D 56 36.53 25.59 -16.37
C VAL D 56 36.00 24.19 -16.03
N GLN D 57 35.21 23.63 -16.96
CA GLN D 57 34.65 22.29 -16.78
C GLN D 57 34.45 21.62 -18.13
N ARG D 58 34.70 20.31 -18.16
CA ARG D 58 34.59 19.50 -19.37
C ARG D 58 33.45 18.49 -19.36
N LEU D 59 32.85 18.28 -20.54
CA LEU D 59 31.76 17.33 -20.73
C LEU D 59 32.06 16.39 -21.89
N GLU D 60 31.80 15.10 -21.71
CA GLU D 60 32.05 14.09 -22.73
C GLU D 60 31.00 14.18 -23.85
N PRO D 61 31.30 13.70 -25.08
CA PRO D 61 30.33 13.78 -26.18
C PRO D 61 29.09 12.91 -26.00
N GLY D 62 27.93 13.52 -26.28
CA GLY D 62 26.62 12.90 -26.16
C GLY D 62 26.03 13.01 -24.76
N ALA D 63 26.66 13.81 -23.92
CA ALA D 63 26.21 14.05 -22.56
C ALA D 63 25.63 15.45 -22.39
N LYS D 64 25.29 15.77 -21.15
CA LYS D 64 24.75 17.08 -20.80
C LYS D 64 25.28 17.51 -19.44
N SER D 65 25.38 18.81 -19.22
CA SER D 65 25.85 19.33 -17.94
C SER D 65 25.20 20.67 -17.61
N MET D 66 25.58 21.28 -16.48
CA MET D 66 24.94 22.53 -16.08
C MET D 66 25.83 23.64 -15.51
N VAL D 67 25.30 24.87 -15.51
CA VAL D 67 25.94 26.09 -15.01
C VAL D 67 25.00 26.78 -14.02
N ARG D 68 25.38 26.84 -12.75
CA ARG D 68 24.56 27.51 -11.73
C ARG D 68 25.21 28.82 -11.29
N LEU D 69 24.40 29.85 -11.10
CA LEU D 69 24.89 31.16 -10.68
C LEU D 69 24.31 31.56 -9.32
N SER D 70 25.15 32.13 -8.45
CA SER D 70 24.73 32.54 -7.11
C SER D 70 25.12 33.97 -6.72
N THR D 71 24.77 34.38 -5.49
CA THR D 71 24.93 35.76 -5.01
C THR D 71 26.01 36.12 -3.99
N THR D 72 26.45 37.38 -4.07
CA THR D 72 27.44 38.03 -3.21
C THR D 72 26.65 39.21 -2.62
N PRO D 73 27.08 39.81 -1.48
CA PRO D 73 26.40 41.00 -0.93
C PRO D 73 26.40 42.30 -1.77
N ASP D 74 27.18 42.36 -2.86
CA ASP D 74 27.23 43.53 -3.74
C ASP D 74 25.95 43.60 -4.59
N ILE D 75 25.26 42.46 -4.76
CA ILE D 75 23.97 42.45 -5.45
C ILE D 75 22.91 43.03 -4.51
N SER D 76 23.12 42.90 -3.18
CA SER D 76 22.23 43.50 -2.19
C SER D 76 22.42 45.00 -2.14
N LYS D 77 23.69 45.47 -2.14
CA LYS D 77 23.93 46.91 -2.03
C LYS D 77 23.64 47.77 -3.28
N LEU D 78 23.27 47.18 -4.42
CA LEU D 78 22.92 47.97 -5.60
C LEU D 78 21.42 48.26 -5.49
N PRO D 79 20.87 49.25 -6.25
CA PRO D 79 19.43 49.54 -6.15
C PRO D 79 18.51 48.45 -6.69
N GLN D 80 17.51 48.11 -5.87
CA GLN D 80 16.52 47.06 -6.13
C GLN D 80 15.24 47.51 -6.82
N ASP D 81 15.18 48.75 -7.31
CA ASP D 81 13.97 49.23 -7.96
C ASP D 81 14.09 49.15 -9.47
N ARG D 82 15.27 48.78 -9.98
CA ARG D 82 15.47 48.67 -11.42
C ARG D 82 16.53 47.62 -11.72
N GLU D 83 16.47 47.07 -12.93
CA GLU D 83 17.41 46.06 -13.37
C GLU D 83 18.79 46.61 -13.72
N SER D 84 19.78 45.72 -13.71
CA SER D 84 21.17 46.01 -14.08
C SER D 84 21.66 44.99 -15.10
N LEU D 85 22.58 45.41 -15.97
CA LEU D 85 23.07 44.52 -17.03
C LEU D 85 24.54 44.14 -16.90
N PHE D 86 24.80 42.83 -16.99
CA PHE D 86 26.14 42.23 -17.00
C PHE D 86 25.93 40.93 -17.77
N TYR D 87 27.01 40.19 -18.06
CA TYR D 87 26.90 38.99 -18.88
C TYR D 87 27.88 37.84 -18.64
N PHE D 88 27.39 36.58 -18.70
CA PHE D 88 28.22 35.39 -18.53
C PHE D 88 28.44 34.65 -19.87
N ASN D 89 29.70 34.35 -20.21
CA ASN D 89 30.01 33.69 -21.48
C ASN D 89 30.61 32.29 -21.47
N LEU D 90 30.28 31.51 -22.49
CA LEU D 90 30.82 30.15 -22.59
C LEU D 90 31.25 29.71 -23.98
N ARG D 91 32.53 29.36 -24.10
CA ARG D 91 33.17 28.93 -25.33
C ARG D 91 33.74 27.52 -25.26
N GLU D 92 33.70 26.80 -26.38
CA GLU D 92 34.29 25.47 -26.48
C GLU D 92 35.64 25.52 -27.20
N ILE D 93 36.64 24.82 -26.67
CA ILE D 93 37.93 24.80 -27.36
C ILE D 93 38.23 23.40 -27.89
N PRO D 94 38.55 23.27 -29.18
CA PRO D 94 38.85 21.95 -29.72
C PRO D 94 40.27 21.54 -29.40
N PRO D 95 40.64 20.25 -29.56
CA PRO D 95 42.03 19.83 -29.30
C PRO D 95 43.00 20.36 -30.34
N ARG D 96 44.23 20.64 -29.89
CA ARG D 96 45.26 21.18 -30.74
C ARG D 96 45.83 20.12 -31.69
N SER D 97 46.26 20.58 -32.86
CA SER D 97 46.84 19.72 -33.88
C SER D 97 48.36 19.79 -33.77
N GLU D 98 49.03 18.70 -34.13
CA GLU D 98 50.49 18.66 -34.03
C GLU D 98 51.19 19.43 -35.14
N LYS D 99 50.58 19.50 -36.32
CA LYS D 99 51.08 20.21 -37.50
C LYS D 99 51.27 21.72 -37.31
N ALA D 100 52.06 22.34 -38.17
CA ALA D 100 52.33 23.77 -38.15
C ALA D 100 51.24 24.51 -38.91
N ASN D 101 51.15 25.82 -38.62
CA ASN D 101 50.20 26.80 -39.18
C ASN D 101 48.74 26.40 -39.01
N VAL D 102 48.38 26.06 -37.77
CA VAL D 102 47.04 25.61 -37.45
C VAL D 102 46.16 26.71 -36.83
N LEU D 103 45.06 27.02 -37.51
CA LEU D 103 44.08 28.00 -37.07
C LEU D 103 42.99 27.26 -36.29
N GLN D 104 42.92 27.47 -34.98
CA GLN D 104 41.92 26.79 -34.16
C GLN D 104 40.61 27.59 -34.21
N ILE D 105 39.51 26.86 -34.38
CA ILE D 105 38.18 27.47 -34.46
C ILE D 105 37.40 27.24 -33.16
N ALA D 106 37.12 28.33 -32.45
CA ALA D 106 36.35 28.28 -31.21
C ALA D 106 35.07 29.09 -31.37
N LEU D 107 33.95 28.52 -30.93
CA LEU D 107 32.67 29.21 -31.02
C LEU D 107 32.01 29.43 -29.67
N GLN D 108 31.19 30.48 -29.59
CA GLN D 108 30.46 30.84 -28.39
C GLN D 108 29.15 31.51 -28.80
N THR D 109 28.12 31.32 -27.99
CA THR D 109 26.81 31.90 -28.22
C THR D 109 26.53 32.87 -27.08
N LYS D 110 26.18 34.10 -27.42
CA LYS D 110 26.01 35.20 -26.47
C LYS D 110 24.54 35.45 -26.15
N ILE D 111 24.13 35.22 -24.90
CA ILE D 111 22.76 35.51 -24.50
C ILE D 111 22.82 36.38 -23.24
N LYS D 112 21.98 37.41 -23.20
CA LYS D 112 21.98 38.33 -22.06
C LYS D 112 21.18 37.88 -20.85
N LEU D 113 21.58 38.39 -19.68
CA LEU D 113 20.91 38.09 -18.42
C LEU D 113 20.32 39.37 -17.82
N PHE D 114 19.10 39.29 -17.32
CA PHE D 114 18.44 40.43 -16.68
C PHE D 114 18.09 40.04 -15.24
N TYR D 115 18.49 40.89 -14.29
CA TYR D 115 18.23 40.67 -12.86
C TYR D 115 16.87 41.22 -12.48
N ARG D 116 15.97 40.35 -12.04
CA ARG D 116 14.67 40.85 -11.60
C ARG D 116 14.65 40.83 -10.07
N PRO D 117 14.44 41.97 -9.43
CA PRO D 117 14.40 41.99 -7.96
C PRO D 117 13.08 41.42 -7.46
N ALA D 118 13.07 41.05 -6.18
CA ALA D 118 11.88 40.49 -5.55
C ALA D 118 10.76 41.52 -5.37
N ALA D 119 11.10 42.80 -5.30
CA ALA D 119 10.08 43.83 -5.12
C ALA D 119 9.33 44.14 -6.40
N ILE D 120 9.99 44.08 -7.56
CA ILE D 120 9.38 44.42 -8.84
C ILE D 120 9.29 43.14 -9.71
N LYS D 121 9.15 41.98 -9.06
CA LYS D 121 9.01 40.71 -9.77
C LYS D 121 7.68 40.59 -10.51
N THR D 122 7.72 40.01 -11.69
CA THR D 122 6.55 39.86 -12.54
C THR D 122 6.02 38.43 -12.51
N ARG D 123 4.72 38.30 -12.73
CA ARG D 123 4.12 36.97 -12.79
C ARG D 123 4.33 36.51 -14.25
N PRO D 124 4.35 35.15 -14.54
CA PRO D 124 4.58 34.68 -15.92
C PRO D 124 3.60 35.06 -17.03
N ASN D 125 2.36 35.41 -16.72
CA ASN D 125 1.39 35.77 -17.75
C ASN D 125 1.35 37.27 -18.01
N GLU D 126 2.08 38.06 -17.22
CA GLU D 126 2.08 39.51 -17.33
C GLU D 126 2.62 40.14 -18.61
N VAL D 127 1.78 40.95 -19.25
CA VAL D 127 2.15 41.69 -20.45
C VAL D 127 2.46 43.09 -19.89
N TRP D 128 3.72 43.30 -19.51
CA TRP D 128 4.17 44.56 -18.91
C TRP D 128 4.38 45.69 -19.92
N GLN D 129 4.34 45.40 -21.22
CA GLN D 129 4.50 46.41 -22.26
C GLN D 129 3.18 47.00 -22.73
N ASP D 130 2.16 46.99 -21.88
CA ASP D 130 0.83 47.51 -22.19
C ASP D 130 0.69 48.97 -21.73
N GLN D 131 1.80 49.64 -21.38
CA GLN D 131 1.72 51.04 -20.95
C GLN D 131 2.57 52.05 -21.70
N LEU D 132 3.37 51.62 -22.69
CA LEU D 132 4.25 52.52 -23.44
C LEU D 132 3.58 53.59 -24.30
N ILE D 133 4.14 54.80 -24.25
CA ILE D 133 3.64 55.96 -25.00
C ILE D 133 4.52 56.24 -26.22
N LEU D 134 3.87 56.61 -27.32
CA LEU D 134 4.54 56.89 -28.59
C LEU D 134 4.46 58.36 -28.97
N ASN D 135 5.62 58.97 -29.25
CA ASN D 135 5.69 60.39 -29.60
C ASN D 135 6.28 60.70 -30.98
N LYS D 136 5.46 61.33 -31.83
CA LYS D 136 5.88 61.74 -33.17
C LYS D 136 6.93 62.85 -33.14
N VAL D 137 8.14 62.55 -33.64
CA VAL D 137 9.23 63.52 -33.72
C VAL D 137 9.49 63.52 -35.23
N SER D 138 10.01 64.65 -35.74
CA SER D 138 10.29 64.74 -37.17
C SER D 138 11.70 64.21 -37.49
N GLY D 139 11.77 63.28 -38.43
CA GLY D 139 13.02 62.67 -38.83
C GLY D 139 13.26 61.29 -38.27
N GLY D 140 12.53 60.91 -37.22
CA GLY D 140 12.69 59.60 -36.62
C GLY D 140 11.74 59.35 -35.46
N TYR D 141 12.20 58.61 -34.44
CA TYR D 141 11.38 58.32 -33.28
C TYR D 141 12.21 58.19 -32.01
N ARG D 142 11.70 58.72 -30.90
CA ARG D 142 12.35 58.72 -29.59
C ARG D 142 11.74 57.66 -28.66
N ILE D 143 12.55 56.71 -28.23
CA ILE D 143 12.13 55.64 -27.33
C ILE D 143 12.08 56.13 -25.89
N GLU D 144 10.89 56.29 -25.32
CA GLU D 144 10.73 56.72 -23.93
C GLU D 144 10.12 55.62 -23.07
N ASN D 145 10.74 55.37 -21.91
CA ASN D 145 10.32 54.33 -20.96
C ASN D 145 9.94 54.75 -19.54
N PRO D 146 8.65 54.80 -19.20
CA PRO D 146 8.28 55.16 -17.82
C PRO D 146 8.43 54.01 -16.82
N THR D 147 8.74 52.79 -17.30
CA THR D 147 8.95 51.61 -16.49
C THR D 147 10.44 51.40 -16.22
N PRO D 148 10.82 50.72 -15.13
CA PRO D 148 12.26 50.49 -14.86
C PRO D 148 12.85 49.27 -15.57
N TYR D 149 12.20 48.71 -16.60
CA TYR D 149 12.63 47.53 -17.32
C TYR D 149 13.30 47.93 -18.64
N TYR D 150 14.15 47.05 -19.17
CA TYR D 150 14.87 47.32 -20.42
C TYR D 150 14.02 47.26 -21.68
N VAL D 151 14.25 48.18 -22.62
CA VAL D 151 13.52 48.19 -23.88
C VAL D 151 14.40 48.26 -25.14
N THR D 152 14.37 47.19 -25.94
CA THR D 152 15.10 47.10 -27.21
C THR D 152 14.17 46.97 -28.42
N VAL D 153 14.04 48.05 -29.19
CA VAL D 153 13.19 48.06 -30.38
C VAL D 153 13.99 47.88 -31.67
N ILE D 154 13.69 46.80 -32.40
CA ILE D 154 14.35 46.46 -33.66
C ILE D 154 13.25 46.48 -34.72
N GLY D 155 12.06 46.99 -34.40
CA GLY D 155 11.04 46.99 -35.41
C GLY D 155 9.86 47.92 -35.25
N LEU D 156 9.50 48.55 -36.37
CA LEU D 156 8.38 49.48 -36.45
C LEU D 156 7.88 49.49 -37.89
N GLY D 157 6.62 49.12 -38.07
CA GLY D 157 6.10 49.10 -39.43
C GLY D 157 4.62 49.41 -39.51
N GLY D 158 4.10 49.34 -40.73
CA GLY D 158 2.70 49.60 -40.97
C GLY D 158 1.87 48.33 -40.98
N SER D 159 2.57 47.18 -40.95
CA SER D 159 1.94 45.87 -40.93
C SER D 159 2.84 44.88 -40.19
N GLU D 160 2.48 43.59 -40.24
CA GLU D 160 3.30 42.59 -39.56
C GLU D 160 4.49 42.24 -40.45
N LYS D 161 4.23 42.09 -41.76
CA LYS D 161 5.24 41.71 -42.74
C LYS D 161 6.35 42.73 -42.93
N GLN D 162 6.02 44.02 -42.89
CA GLN D 162 7.06 45.04 -43.03
C GLN D 162 7.81 45.22 -41.70
N ALA D 163 7.17 44.86 -40.58
CA ALA D 163 7.85 44.96 -39.29
C ALA D 163 8.85 43.81 -39.08
N GLU D 164 8.53 42.61 -39.58
CA GLU D 164 9.47 41.51 -39.43
C GLU D 164 10.45 41.39 -40.60
N GLU D 165 10.10 41.92 -41.77
CA GLU D 165 10.97 41.81 -42.94
C GLU D 165 11.90 43.01 -43.12
N GLY D 166 11.44 44.22 -42.77
CA GLY D 166 12.19 45.45 -42.92
C GLY D 166 13.49 45.61 -42.16
N GLU D 167 14.49 46.18 -42.83
CA GLU D 167 15.81 46.42 -42.24
C GLU D 167 15.81 47.51 -41.16
N PHE D 168 16.23 47.14 -39.95
CA PHE D 168 16.28 48.04 -38.81
C PHE D 168 17.44 47.68 -37.90
N GLU D 169 18.23 48.68 -37.52
CA GLU D 169 19.41 48.51 -36.67
C GLU D 169 19.09 48.26 -35.20
N THR D 170 19.69 47.22 -34.63
CA THR D 170 19.48 46.86 -33.23
C THR D 170 20.13 47.86 -32.28
N VAL D 171 19.37 48.29 -31.27
CA VAL D 171 19.86 49.23 -30.27
C VAL D 171 19.33 48.83 -28.89
N MET D 172 20.13 49.10 -27.86
CA MET D 172 19.79 48.81 -26.47
C MET D 172 19.61 50.11 -25.69
N LEU D 173 18.56 50.16 -24.85
CA LEU D 173 18.31 51.35 -24.05
C LEU D 173 18.16 51.12 -22.56
N SER D 174 18.88 51.92 -21.77
CA SER D 174 18.85 51.93 -20.31
C SER D 174 17.48 52.39 -19.79
N PRO D 175 17.10 51.99 -18.54
CA PRO D 175 15.84 52.48 -17.96
C PRO D 175 15.88 53.97 -17.64
N ARG D 176 14.67 54.58 -17.66
CA ARG D 176 14.34 56.02 -17.44
C ARG D 176 15.21 57.03 -18.21
N SER D 177 15.48 56.70 -19.48
CA SER D 177 16.27 57.52 -20.39
C SER D 177 15.61 57.59 -21.76
N GLU D 178 16.31 58.13 -22.75
CA GLU D 178 15.75 58.29 -24.09
C GLU D 178 16.86 58.35 -25.12
N GLN D 179 16.52 57.97 -26.35
CA GLN D 179 17.41 57.99 -27.51
C GLN D 179 16.55 57.98 -28.78
N THR D 180 17.08 58.57 -29.85
CA THR D 180 16.39 58.70 -31.12
C THR D 180 16.84 57.71 -32.19
N VAL D 181 15.88 57.03 -32.81
CA VAL D 181 16.13 56.08 -33.91
C VAL D 181 15.36 56.60 -35.12
N LYS D 182 16.01 56.58 -36.30
CA LYS D 182 15.40 57.10 -37.52
C LYS D 182 14.39 56.14 -38.14
N SER D 183 13.21 56.66 -38.49
CA SER D 183 12.13 55.89 -39.12
C SER D 183 11.17 56.79 -39.89
N ALA D 184 10.33 56.16 -40.71
CA ALA D 184 9.35 56.87 -41.52
C ALA D 184 8.05 57.09 -40.73
N ASN D 185 7.17 57.91 -41.30
CA ASN D 185 5.89 58.21 -40.68
C ASN D 185 4.80 57.20 -41.04
N TYR D 186 4.12 56.68 -40.03
CA TYR D 186 3.03 55.72 -40.18
C TYR D 186 1.85 56.09 -39.29
N ASN D 187 0.63 55.88 -39.80
CA ASN D 187 -0.57 56.21 -39.05
C ASN D 187 -0.86 55.28 -37.88
N THR D 188 -0.91 53.96 -38.13
CA THR D 188 -1.16 52.95 -37.10
C THR D 188 0.06 52.08 -36.91
N PRO D 189 0.93 52.39 -35.95
CA PRO D 189 2.15 51.61 -35.76
C PRO D 189 1.90 50.26 -35.09
N TYR D 190 2.68 49.27 -35.52
CA TYR D 190 2.68 47.92 -34.97
C TYR D 190 4.13 47.73 -34.56
N LEU D 191 4.38 47.49 -33.28
CA LEU D 191 5.73 47.38 -32.76
C LEU D 191 6.18 45.96 -32.43
N SER D 192 7.44 45.68 -32.74
CA SER D 192 8.07 44.40 -32.47
C SER D 192 8.93 44.55 -31.23
N TYR D 193 8.98 43.52 -30.40
CA TYR D 193 9.75 43.53 -29.16
C TYR D 193 10.13 42.07 -28.83
N ILE D 194 10.94 41.86 -27.79
CA ILE D 194 11.36 40.52 -27.40
C ILE D 194 10.95 40.22 -25.96
N ASN D 195 10.38 39.04 -25.75
CA ASN D 195 9.93 38.60 -24.44
C ASN D 195 11.04 37.84 -23.72
N ASP D 196 10.70 37.28 -22.55
CA ASP D 196 11.63 36.50 -21.74
C ASP D 196 12.07 35.16 -22.32
N TYR D 197 11.25 34.54 -23.16
CA TYR D 197 11.59 33.21 -23.67
C TYR D 197 11.83 33.02 -25.18
N GLY D 198 11.52 34.02 -26.00
CA GLY D 198 11.75 33.89 -27.44
C GLY D 198 10.53 33.82 -28.33
N GLY D 199 9.31 33.92 -27.80
CA GLY D 199 8.13 33.90 -28.64
C GLY D 199 7.97 35.20 -29.42
N ARG D 200 7.17 35.16 -30.49
CA ARG D 200 6.96 36.33 -31.35
C ARG D 200 5.55 36.94 -31.44
N PRO D 201 5.14 37.75 -30.47
CA PRO D 201 3.84 38.41 -30.57
C PRO D 201 3.99 39.79 -31.17
N VAL D 202 2.85 40.39 -31.53
CA VAL D 202 2.81 41.72 -32.11
C VAL D 202 1.79 42.55 -31.33
N LEU D 203 2.05 43.85 -31.20
CA LEU D 203 1.18 44.76 -30.46
C LEU D 203 0.48 45.72 -31.43
N SER D 204 -0.78 46.05 -31.13
CA SER D 204 -1.56 46.97 -31.95
C SER D 204 -1.77 48.30 -31.24
N PHE D 205 -1.45 49.39 -31.92
CA PHE D 205 -1.56 50.73 -31.37
C PHE D 205 -2.53 51.64 -32.11
N ILE D 206 -3.05 52.65 -31.40
CA ILE D 206 -3.97 53.63 -31.94
C ILE D 206 -3.36 55.01 -31.64
N CYS D 207 -3.37 55.90 -32.62
CA CYS D 207 -2.78 57.23 -32.45
C CYS D 207 -3.77 58.39 -32.38
N ASN D 208 -3.66 59.17 -31.30
CA ASN D 208 -4.50 60.34 -31.07
C ASN D 208 -3.66 61.61 -31.28
N GLY D 209 -3.55 62.06 -32.53
CA GLY D 209 -2.78 63.25 -32.82
C GLY D 209 -1.29 62.98 -32.94
N SER D 210 -0.50 63.52 -32.01
CA SER D 210 0.95 63.33 -32.01
C SER D 210 1.41 62.43 -30.88
N ARG D 211 0.53 62.12 -29.93
CA ARG D 211 0.83 61.24 -28.80
C ARG D 211 -0.08 60.03 -28.94
N CYS D 212 0.50 58.84 -28.91
CA CYS D 212 -0.27 57.62 -29.08
C CYS D 212 -0.28 56.74 -27.83
N SER D 213 -1.33 55.92 -27.73
CA SER D 213 -1.53 55.04 -26.59
C SER D 213 -1.83 53.63 -27.07
N VAL D 214 -1.55 52.67 -26.18
CA VAL D 214 -1.79 51.25 -26.48
C VAL D 214 -3.28 50.94 -26.56
N LYS D 215 -3.70 50.30 -27.65
CA LYS D 215 -5.10 49.91 -27.83
C LYS D 215 -5.45 48.71 -26.96
N LEU E 30 16.78 21.49 -36.87
CA LEU E 30 16.06 21.55 -35.60
C LEU E 30 15.68 23.00 -35.32
N LEU E 31 14.41 23.24 -35.00
CA LEU E 31 13.88 24.59 -34.77
C LEU E 31 14.29 25.31 -33.49
N ASP E 32 14.84 24.57 -32.52
CA ASP E 32 15.34 25.19 -31.28
C ASP E 32 16.65 25.93 -31.59
N ARG E 33 17.01 26.98 -30.78
CA ARG E 33 18.22 27.85 -30.79
C ARG E 33 18.54 28.39 -32.20
N PRO E 34 17.80 29.40 -32.71
CA PRO E 34 18.01 29.91 -34.08
C PRO E 34 19.38 30.50 -34.39
N CYS E 35 19.80 30.29 -35.66
CA CYS E 35 21.08 30.70 -36.30
C CYS E 35 22.29 29.95 -35.69
N HIS E 36 22.09 28.69 -35.31
CA HIS E 36 23.13 27.87 -34.69
C HIS E 36 24.00 26.97 -35.59
N VAL E 37 25.20 26.70 -35.10
CA VAL E 37 26.13 25.77 -35.74
C VAL E 37 25.69 24.34 -35.46
N SER E 38 25.50 23.54 -36.52
CA SER E 38 25.07 22.16 -36.31
C SER E 38 26.21 21.16 -36.15
N GLY E 39 25.83 19.88 -35.96
CA GLY E 39 26.78 18.81 -35.70
C GLY E 39 27.63 18.33 -36.87
N ASP E 40 27.25 18.62 -38.11
CA ASP E 40 28.05 18.12 -39.23
C ASP E 40 29.28 18.97 -39.51
N SER E 41 29.13 20.29 -39.55
CA SER E 41 30.19 21.25 -39.83
C SER E 41 30.99 21.76 -38.61
N LEU E 42 31.07 20.98 -37.51
CA LEU E 42 31.74 21.40 -36.27
C LEU E 42 33.25 21.67 -36.38
N ASN E 43 34.07 20.75 -36.90
CA ASN E 43 35.52 21.00 -36.93
C ASN E 43 36.20 21.26 -38.29
N LYS E 44 36.32 22.53 -38.64
CA LYS E 44 36.98 22.93 -39.87
C LYS E 44 38.50 23.06 -39.64
N HIS E 45 39.28 22.37 -40.47
CA HIS E 45 40.73 22.41 -40.37
C HIS E 45 41.37 22.27 -41.74
N VAL E 46 42.07 23.31 -42.18
CA VAL E 46 42.79 23.34 -43.44
C VAL E 46 44.20 23.75 -43.04
N VAL E 47 45.21 23.12 -43.66
CA VAL E 47 46.62 23.38 -43.36
C VAL E 47 47.26 24.28 -44.42
N PHE E 48 47.86 25.38 -43.97
CA PHE E 48 48.49 26.33 -44.87
C PHE E 48 49.81 25.81 -45.42
N LYS E 49 49.96 25.87 -46.74
CA LYS E 49 51.17 25.43 -47.42
C LYS E 49 51.98 26.69 -47.68
N THR E 50 52.83 27.05 -46.72
CA THR E 50 53.64 28.26 -46.82
C THR E 50 55.14 28.04 -46.63
N ARG E 51 55.91 28.81 -47.39
CA ARG E 51 57.36 28.82 -47.33
C ARG E 51 57.76 30.28 -47.38
N ALA E 52 58.56 30.70 -46.38
CA ALA E 52 59.07 32.06 -46.16
C ALA E 52 59.76 32.75 -47.33
N SER E 53 60.77 32.09 -47.91
CA SER E 53 61.53 32.66 -49.02
C SER E 53 60.77 32.88 -50.32
N ARG E 54 59.69 32.14 -50.55
CA ARG E 54 58.92 32.30 -51.78
C ARG E 54 57.76 33.27 -51.64
N ASP E 55 57.24 33.51 -50.44
CA ASP E 55 56.10 34.40 -50.28
C ASP E 55 56.32 35.67 -49.46
N PHE E 56 57.19 35.65 -48.46
CA PHE E 56 57.41 36.83 -47.62
C PHE E 56 58.78 37.44 -47.88
N TRP E 57 59.28 37.35 -49.11
CA TRP E 57 60.59 37.89 -49.44
C TRP E 57 60.55 38.94 -50.55
N TYR E 58 59.50 38.94 -51.37
CA TYR E 58 59.43 39.93 -52.43
C TYR E 58 58.36 40.97 -52.11
N PRO E 59 58.65 42.25 -52.33
CA PRO E 59 57.64 43.30 -52.09
C PRO E 59 56.75 43.53 -53.29
N PRO E 60 55.63 42.76 -53.46
CA PRO E 60 54.32 42.19 -53.11
C PRO E 60 54.19 40.89 -52.27
N GLY E 61 53.93 41.11 -50.97
CA GLY E 61 53.70 40.08 -49.96
C GLY E 61 52.50 39.15 -50.14
N ARG E 62 52.40 38.44 -51.27
CA ARG E 62 51.21 37.64 -51.53
C ARG E 62 51.43 36.15 -51.79
N SER E 63 50.55 35.36 -51.19
CA SER E 63 50.45 33.91 -51.29
C SER E 63 49.03 33.65 -51.78
N PRO E 64 48.66 32.42 -52.20
CA PRO E 64 47.26 32.19 -52.62
C PRO E 64 46.29 32.12 -51.45
N THR E 65 45.11 32.74 -51.66
CA THR E 65 44.04 32.80 -50.66
C THR E 65 43.03 31.65 -50.71
N GLU E 66 42.72 31.08 -49.55
CA GLU E 66 41.77 29.97 -49.40
C GLU E 66 40.39 30.42 -48.90
N SER E 67 39.36 29.64 -49.25
CA SER E 67 37.97 29.90 -48.88
C SER E 67 37.52 29.10 -47.66
N PHE E 68 36.61 29.67 -46.87
CA PHE E 68 36.07 29.07 -45.64
C PHE E 68 34.56 29.02 -45.72
N VAL E 69 33.99 27.87 -45.35
CA VAL E 69 32.54 27.61 -45.41
C VAL E 69 31.92 27.38 -44.03
N ILE E 70 31.00 28.28 -43.63
CA ILE E 70 30.25 28.17 -42.38
C ILE E 70 28.75 28.40 -42.61
N ARG E 71 27.93 27.36 -42.35
CA ARG E 71 26.49 27.43 -42.54
C ARG E 71 25.67 27.58 -41.25
N LEU E 72 24.77 28.56 -41.23
CA LEU E 72 23.89 28.80 -40.09
C LEU E 72 22.43 28.38 -40.34
N GLU E 73 22.03 27.26 -39.71
CA GLU E 73 20.71 26.65 -39.77
C GLU E 73 19.65 27.48 -39.02
N ASN E 74 18.44 27.56 -39.60
CA ASN E 74 17.25 28.30 -39.13
C ASN E 74 17.51 29.78 -38.85
N CYS E 75 17.85 30.51 -39.91
CA CYS E 75 18.13 31.94 -39.86
C CYS E 75 17.63 32.44 -41.20
N HIS E 76 17.05 33.64 -41.25
CA HIS E 76 16.51 34.15 -42.50
C HIS E 76 17.32 35.28 -43.14
N ALA E 77 17.29 35.31 -44.47
CA ALA E 77 17.99 36.23 -45.38
C ALA E 77 17.79 37.71 -45.11
N THR E 78 16.54 38.18 -45.06
CA THR E 78 16.32 39.60 -44.80
C THR E 78 16.25 39.87 -43.29
N ALA E 79 16.12 38.81 -42.49
CA ALA E 79 16.01 38.94 -41.04
C ALA E 79 17.32 38.69 -40.30
N VAL E 80 18.47 38.71 -40.99
CA VAL E 80 19.79 38.47 -40.40
C VAL E 80 20.21 39.50 -39.34
N GLY E 81 20.08 40.80 -39.60
CA GLY E 81 20.44 41.86 -38.67
C GLY E 81 19.53 41.99 -37.46
N LYS E 82 18.33 41.43 -37.53
CA LYS E 82 17.36 41.44 -36.44
C LYS E 82 17.80 40.46 -35.37
N ILE E 83 18.32 39.29 -35.76
CA ILE E 83 18.69 38.26 -34.81
C ILE E 83 20.17 38.26 -34.42
N VAL E 84 21.09 38.03 -35.36
CA VAL E 84 22.51 37.93 -35.05
C VAL E 84 23.47 38.79 -35.87
N THR E 85 24.49 39.31 -35.21
CA THR E 85 25.56 40.06 -35.83
C THR E 85 26.88 39.46 -35.35
N LEU E 86 27.79 39.19 -36.27
CA LEU E 86 29.06 38.55 -35.94
C LEU E 86 30.27 39.48 -35.97
N THR E 87 30.99 39.54 -34.84
CA THR E 87 32.17 40.36 -34.70
C THR E 87 33.37 39.51 -34.30
N PHE E 88 34.56 39.90 -34.74
CA PHE E 88 35.78 39.18 -34.42
C PHE E 88 36.45 39.66 -33.15
N LYS E 89 36.87 38.73 -32.31
CA LYS E 89 37.54 39.05 -31.05
C LYS E 89 39.01 38.69 -31.16
N GLY E 90 39.86 39.50 -30.54
CA GLY E 90 41.30 39.29 -30.59
C GLY E 90 42.03 40.50 -30.09
N THR E 91 43.33 40.32 -29.88
CA THR E 91 44.19 41.40 -29.39
C THR E 91 44.78 42.23 -30.54
N GLU E 92 44.65 43.55 -30.43
CA GLU E 92 45.15 44.48 -31.44
C GLU E 92 46.67 44.61 -31.46
N GLU E 93 47.23 44.75 -32.66
CA GLU E 93 48.67 44.94 -32.87
C GLU E 93 49.02 46.41 -33.03
N ALA E 94 49.99 46.89 -32.25
CA ALA E 94 50.46 48.27 -32.26
C ALA E 94 51.10 48.73 -33.57
N ALA E 95 51.86 47.85 -34.23
CA ALA E 95 52.52 48.24 -35.48
C ALA E 95 51.66 48.02 -36.71
N LEU E 96 50.69 47.10 -36.66
CA LEU E 96 49.80 46.80 -37.79
C LEU E 96 48.35 46.73 -37.32
N PRO E 97 47.56 47.79 -37.54
CA PRO E 97 46.16 47.77 -37.08
C PRO E 97 45.24 46.92 -37.96
N GLY E 98 44.34 46.19 -37.31
CA GLY E 98 43.34 45.39 -37.99
C GLY E 98 43.54 43.89 -38.13
N HIS E 99 44.51 43.28 -37.45
CA HIS E 99 44.67 41.83 -37.59
C HIS E 99 44.81 41.05 -36.29
N LEU E 100 44.91 39.73 -36.45
CA LEU E 100 44.99 38.76 -35.37
C LEU E 100 46.43 38.49 -34.91
N LYS E 101 46.60 38.27 -33.60
CA LYS E 101 47.88 37.98 -32.98
C LYS E 101 48.44 36.59 -33.28
N VAL E 102 49.73 36.56 -33.65
CA VAL E 102 50.48 35.34 -33.90
C VAL E 102 51.57 35.31 -32.83
N THR E 103 51.85 34.14 -32.27
CA THR E 103 52.90 34.00 -31.26
C THR E 103 53.96 33.04 -31.76
N GLY E 104 54.96 32.78 -30.91
CA GLY E 104 56.05 31.93 -31.31
C GLY E 104 57.31 32.75 -31.58
N VAL E 105 58.06 32.29 -32.59
CA VAL E 105 59.31 32.97 -32.94
C VAL E 105 59.08 34.21 -33.82
N ASN E 106 57.86 34.40 -34.32
CA ASN E 106 57.52 35.58 -35.12
C ASN E 106 56.39 36.41 -34.50
N ALA E 107 56.44 36.65 -33.18
CA ALA E 107 55.43 37.47 -32.52
C ALA E 107 55.60 38.93 -32.88
N GLY E 108 54.61 39.47 -33.58
CA GLY E 108 54.65 40.84 -34.04
C GLY E 108 55.21 41.00 -35.44
N ARG E 109 55.57 39.89 -36.09
CA ARG E 109 56.14 39.90 -37.43
C ARG E 109 55.20 39.38 -38.50
N LEU E 110 54.28 38.48 -38.15
CA LEU E 110 53.34 37.92 -39.11
C LEU E 110 51.91 38.31 -38.73
N GLY E 111 51.09 38.56 -39.74
CA GLY E 111 49.71 38.94 -39.52
C GLY E 111 48.72 38.09 -40.29
N ILE E 112 47.55 37.90 -39.68
CA ILE E 112 46.47 37.14 -40.28
C ILE E 112 45.29 38.06 -40.60
N ALA E 113 45.03 38.26 -41.89
CA ALA E 113 43.94 39.10 -42.37
C ALA E 113 42.76 38.21 -42.77
N LEU E 114 41.60 38.45 -42.17
CA LEU E 114 40.42 37.67 -42.47
C LEU E 114 39.54 38.37 -43.50
N LEU E 115 39.19 37.63 -44.56
CA LEU E 115 38.41 38.15 -45.67
C LEU E 115 36.90 38.11 -45.44
N ASP E 116 36.20 39.06 -46.06
CA ASP E 116 34.75 39.20 -45.99
C ASP E 116 34.13 38.31 -47.07
N THR E 117 32.79 38.37 -47.19
CA THR E 117 32.09 37.58 -48.20
C THR E 117 32.32 38.09 -49.62
N ASP E 118 32.67 39.37 -49.78
CA ASP E 118 32.95 39.95 -51.08
C ASP E 118 34.42 39.70 -51.44
N GLY E 119 35.22 39.26 -50.48
CA GLY E 119 36.62 38.97 -50.72
C GLY E 119 37.57 40.15 -50.80
N SER E 120 37.12 41.38 -50.52
CA SER E 120 38.04 42.51 -50.63
C SER E 120 38.18 43.36 -49.37
N SER E 121 37.08 43.57 -48.63
CA SER E 121 37.15 44.38 -47.43
C SER E 121 37.69 43.64 -46.22
N LEU E 122 38.64 44.26 -45.52
CA LEU E 122 39.22 43.65 -44.32
C LEU E 122 38.41 44.01 -43.08
N LEU E 123 38.00 42.98 -42.33
CA LEU E 123 37.21 43.17 -41.12
C LEU E 123 38.10 43.17 -39.88
N LYS E 124 38.26 44.36 -39.29
CA LYS E 124 39.03 44.67 -38.08
C LYS E 124 38.41 43.94 -36.89
N PRO E 125 39.22 43.47 -35.92
CA PRO E 125 38.64 42.78 -34.76
C PRO E 125 37.94 43.75 -33.82
N GLY E 126 36.65 43.49 -33.60
CA GLY E 126 35.78 44.32 -32.81
C GLY E 126 34.75 45.07 -33.63
N THR E 127 34.91 45.09 -34.95
CA THR E 127 33.98 45.76 -35.86
C THR E 127 32.99 44.69 -36.33
N SER E 128 31.73 45.09 -36.51
CA SER E 128 30.70 44.15 -36.93
C SER E 128 30.65 43.85 -38.43
N HIS E 129 30.03 42.72 -38.76
CA HIS E 129 29.88 42.26 -40.13
C HIS E 129 28.76 43.01 -40.86
N ASN E 130 29.01 43.34 -42.13
CA ASN E 130 28.04 44.01 -42.97
C ASN E 130 26.94 43.09 -43.46
N LYS E 131 25.70 43.38 -43.06
CA LYS E 131 24.56 42.55 -43.45
C LYS E 131 24.17 42.81 -44.90
N GLY E 132 23.88 41.73 -45.63
CA GLY E 132 23.50 41.85 -47.03
C GLY E 132 24.20 40.94 -48.01
N GLN E 133 24.92 41.56 -48.94
CA GLN E 133 25.70 40.98 -50.04
C GLN E 133 26.66 39.86 -49.67
N GLY E 134 26.65 38.77 -50.45
CA GLY E 134 27.53 37.63 -50.22
C GLY E 134 26.86 36.41 -49.64
N GLU E 135 25.74 36.59 -48.94
CA GLU E 135 25.02 35.47 -48.34
C GLU E 135 24.28 34.64 -49.37
N LYS E 136 24.23 33.32 -49.15
CA LYS E 136 23.56 32.38 -50.03
C LYS E 136 22.46 31.65 -49.26
N VAL E 137 21.22 31.81 -49.70
CA VAL E 137 20.07 31.19 -49.03
C VAL E 137 19.87 29.82 -49.68
N THR E 138 20.50 28.81 -49.07
CA THR E 138 20.41 27.43 -49.54
C THR E 138 19.46 26.67 -48.62
N GLY E 139 18.20 26.58 -49.02
CA GLY E 139 17.19 25.88 -48.25
C GLY E 139 16.76 26.64 -47.00
N ASN E 140 16.68 25.93 -45.87
CA ASN E 140 16.30 26.53 -44.61
C ASN E 140 17.48 27.15 -43.87
N SER E 141 18.70 26.95 -44.36
CA SER E 141 19.92 27.48 -43.78
C SER E 141 20.41 28.71 -44.54
N LEU E 142 21.59 29.20 -44.17
CA LEU E 142 22.19 30.35 -44.82
C LEU E 142 23.69 30.11 -44.93
N GLU E 143 24.23 30.25 -46.13
CA GLU E 143 25.64 30.03 -46.36
C GLU E 143 26.40 31.36 -46.27
N LEU E 144 27.51 31.35 -45.53
CA LEU E 144 28.36 32.52 -45.34
C LEU E 144 29.78 32.21 -45.77
N PRO E 145 30.20 32.59 -47.00
CA PRO E 145 31.58 32.30 -47.42
C PRO E 145 32.59 33.22 -46.75
N PHE E 146 33.36 32.65 -45.83
CA PHE E 146 34.38 33.35 -45.06
C PHE E 146 35.75 33.16 -45.70
N GLY E 147 36.72 33.94 -45.24
CA GLY E 147 38.07 33.87 -45.75
C GLY E 147 39.09 33.92 -44.63
N ALA E 148 40.27 33.39 -44.93
CA ALA E 148 41.39 33.37 -44.00
C ALA E 148 42.65 33.56 -44.83
N TYR E 149 43.49 34.52 -44.40
CA TYR E 149 44.68 34.85 -45.15
C TYR E 149 45.84 35.43 -44.32
N VAL E 150 47.08 35.09 -44.69
CA VAL E 150 48.26 35.61 -44.02
C VAL E 150 48.89 36.78 -44.80
N VAL E 151 49.26 37.84 -44.07
CA VAL E 151 49.86 39.05 -44.64
C VAL E 151 51.11 39.34 -43.82
N ALA E 152 52.23 39.65 -44.49
CA ALA E 152 53.48 39.94 -43.81
C ALA E 152 53.61 41.42 -43.47
N THR E 153 54.42 41.70 -42.46
CA THR E 153 54.67 43.06 -42.00
C THR E 153 55.63 43.73 -43.00
N PRO E 154 55.35 44.99 -43.41
CA PRO E 154 56.24 45.69 -44.36
C PRO E 154 57.63 46.04 -43.82
N GLU E 155 57.75 46.23 -42.50
CA GLU E 155 59.04 46.51 -41.88
C GLU E 155 59.84 45.21 -41.84
N ALA E 156 59.14 44.09 -41.67
CA ALA E 156 59.77 42.78 -41.71
C ALA E 156 60.06 42.34 -43.13
N LEU E 157 59.34 42.91 -44.11
CA LEU E 157 59.52 42.59 -45.52
C LEU E 157 60.74 43.33 -46.08
N ARG E 158 60.94 44.58 -45.64
CA ARG E 158 62.09 45.35 -46.11
C ARG E 158 63.38 44.89 -45.44
N THR E 159 63.27 44.31 -44.24
CA THR E 159 64.45 43.86 -43.51
C THR E 159 64.72 42.35 -43.56
N LYS E 160 63.80 41.58 -44.16
CA LYS E 160 63.84 40.10 -44.33
C LYS E 160 64.04 39.30 -43.03
N SER E 161 63.32 39.68 -41.98
CA SER E 161 63.43 39.04 -40.68
C SER E 161 62.55 37.80 -40.47
N VAL E 162 61.86 37.33 -41.52
CA VAL E 162 61.00 36.16 -41.37
C VAL E 162 61.79 34.85 -41.33
N VAL E 163 61.66 34.13 -40.22
CA VAL E 163 62.36 32.86 -40.00
C VAL E 163 61.41 31.69 -40.21
N PRO E 164 61.80 30.65 -40.98
CA PRO E 164 60.92 29.50 -41.17
C PRO E 164 60.86 28.60 -39.94
N GLY E 165 59.67 28.12 -39.65
CA GLY E 165 59.42 27.27 -38.50
C GLY E 165 57.93 27.23 -38.21
N ASP E 166 57.56 26.42 -37.21
CA ASP E 166 56.18 26.27 -36.75
C ASP E 166 55.58 27.56 -36.19
N TYR E 167 54.36 27.87 -36.59
CA TYR E 167 53.68 29.08 -36.15
C TYR E 167 52.32 28.69 -35.59
N GLU E 168 51.98 29.25 -34.43
CA GLU E 168 50.71 28.98 -33.77
C GLU E 168 49.90 30.24 -33.52
N ALA E 169 48.61 30.17 -33.79
CA ALA E 169 47.70 31.28 -33.58
C ALA E 169 46.34 30.76 -33.18
N THR E 170 45.57 31.60 -32.49
CA THR E 170 44.24 31.25 -32.03
C THR E 170 43.22 32.24 -32.59
N ALA E 171 42.02 31.74 -32.88
CA ALA E 171 40.95 32.57 -33.43
C ALA E 171 39.63 32.24 -32.75
N THR E 172 38.88 33.28 -32.43
CA THR E 172 37.57 33.13 -31.78
C THR E 172 36.55 34.09 -32.37
N PHE E 173 35.60 33.54 -33.14
CA PHE E 173 34.52 34.33 -33.75
C PHE E 173 33.33 34.48 -32.80
N GLU E 174 32.97 35.73 -32.49
CA GLU E 174 31.87 36.01 -31.58
C GLU E 174 30.59 36.40 -32.30
N LEU E 175 29.49 35.72 -31.97
CA LEU E 175 28.19 36.01 -32.56
C LEU E 175 27.38 36.77 -31.51
N THR E 176 27.01 38.01 -31.81
CA THR E 176 26.27 38.83 -30.86
C THR E 176 24.78 38.73 -31.16
N TYR E 177 24.09 37.96 -30.34
CA TYR E 177 22.65 37.75 -30.48
C TYR E 177 21.98 38.90 -29.74
N ARG E 178 20.96 39.48 -30.36
CA ARG E 178 20.17 40.61 -29.85
C ARG E 178 19.46 40.39 -28.50
#